data_1HYF
# 
_entry.id   1HYF 
# 
_audit_conform.dict_name       mmcif_pdbx.dic 
_audit_conform.dict_version    5.397 
_audit_conform.dict_location   http://mmcif.pdb.org/dictionaries/ascii/mmcif_pdbx.dic 
# 
loop_
_database_2.database_id 
_database_2.database_code 
_database_2.pdbx_database_accession 
_database_2.pdbx_DOI 
PDB   1HYF         pdb_00001hyf 10.2210/pdb1hyf/pdb 
RCSB  RCSB012685   ?            ?                   
WWPDB D_1000012685 ?            ?                   
# 
loop_
_pdbx_audit_revision_history.ordinal 
_pdbx_audit_revision_history.data_content_type 
_pdbx_audit_revision_history.major_revision 
_pdbx_audit_revision_history.minor_revision 
_pdbx_audit_revision_history.revision_date 
1 'Structure model' 1 0 2001-02-14 
2 'Structure model' 1 1 2008-04-27 
3 'Structure model' 1 2 2011-07-13 
4 'Structure model' 1 3 2018-03-21 
5 'Structure model' 1 4 2021-11-10 
6 'Structure model' 1 5 2024-10-09 
# 
_pdbx_audit_revision_details.ordinal             1 
_pdbx_audit_revision_details.revision_ordinal    1 
_pdbx_audit_revision_details.data_content_type   'Structure model' 
_pdbx_audit_revision_details.provider            repository 
_pdbx_audit_revision_details.type                'Initial release' 
_pdbx_audit_revision_details.description         ? 
_pdbx_audit_revision_details.details             ? 
# 
loop_
_pdbx_audit_revision_group.ordinal 
_pdbx_audit_revision_group.revision_ordinal 
_pdbx_audit_revision_group.data_content_type 
_pdbx_audit_revision_group.group 
1 2 'Structure model' 'Version format compliance' 
2 3 'Structure model' 'Version format compliance' 
3 4 'Structure model' 'Data collection'           
4 5 'Structure model' 'Database references'       
5 5 'Structure model' 'Derived calculations'      
6 6 'Structure model' 'Data collection'           
7 6 'Structure model' 'Structure summary'         
# 
loop_
_pdbx_audit_revision_category.ordinal 
_pdbx_audit_revision_category.revision_ordinal 
_pdbx_audit_revision_category.data_content_type 
_pdbx_audit_revision_category.category 
1  4 'Structure model' diffrn_detector           
2  5 'Structure model' database_2                
3  5 'Structure model' pdbx_struct_conn_angle    
4  5 'Structure model' struct_conn               
5  5 'Structure model' struct_ref_seq_dif        
6  5 'Structure model' struct_site               
7  6 'Structure model' chem_comp_atom            
8  6 'Structure model' chem_comp_bond            
9  6 'Structure model' pdbx_entry_details        
10 6 'Structure model' pdbx_modification_feature 
# 
loop_
_pdbx_audit_revision_item.ordinal 
_pdbx_audit_revision_item.revision_ordinal 
_pdbx_audit_revision_item.data_content_type 
_pdbx_audit_revision_item.item 
1  4 'Structure model' '_diffrn_detector.pdbx_collection_date'       
2  5 'Structure model' '_database_2.pdbx_DOI'                        
3  5 'Structure model' '_database_2.pdbx_database_accession'         
4  5 'Structure model' '_pdbx_struct_conn_angle.ptnr1_auth_comp_id'  
5  5 'Structure model' '_pdbx_struct_conn_angle.ptnr1_auth_seq_id'   
6  5 'Structure model' '_pdbx_struct_conn_angle.ptnr1_label_asym_id' 
7  5 'Structure model' '_pdbx_struct_conn_angle.ptnr1_label_atom_id' 
8  5 'Structure model' '_pdbx_struct_conn_angle.ptnr1_label_comp_id' 
9  5 'Structure model' '_pdbx_struct_conn_angle.ptnr1_label_seq_id'  
10 5 'Structure model' '_pdbx_struct_conn_angle.ptnr3_auth_comp_id'  
11 5 'Structure model' '_pdbx_struct_conn_angle.ptnr3_auth_seq_id'   
12 5 'Structure model' '_pdbx_struct_conn_angle.ptnr3_label_asym_id' 
13 5 'Structure model' '_pdbx_struct_conn_angle.ptnr3_label_atom_id' 
14 5 'Structure model' '_pdbx_struct_conn_angle.ptnr3_label_comp_id' 
15 5 'Structure model' '_pdbx_struct_conn_angle.ptnr3_label_seq_id'  
16 5 'Structure model' '_pdbx_struct_conn_angle.value'               
17 5 'Structure model' '_struct_conn.pdbx_dist_value'                
18 5 'Structure model' '_struct_conn.ptnr1_auth_comp_id'             
19 5 'Structure model' '_struct_conn.ptnr1_auth_seq_id'              
20 5 'Structure model' '_struct_conn.ptnr1_label_asym_id'            
21 5 'Structure model' '_struct_conn.ptnr1_label_atom_id'            
22 5 'Structure model' '_struct_conn.ptnr1_label_comp_id'            
23 5 'Structure model' '_struct_conn.ptnr1_label_seq_id'             
24 5 'Structure model' '_struct_conn.ptnr2_auth_comp_id'             
25 5 'Structure model' '_struct_conn.ptnr2_auth_seq_id'              
26 5 'Structure model' '_struct_conn.ptnr2_label_asym_id'            
27 5 'Structure model' '_struct_conn.ptnr2_label_atom_id'            
28 5 'Structure model' '_struct_conn.ptnr2_label_comp_id'            
29 5 'Structure model' '_struct_conn.ptnr2_label_seq_id'             
30 5 'Structure model' '_struct_ref_seq_dif.details'                 
31 5 'Structure model' '_struct_site.pdbx_auth_asym_id'              
32 5 'Structure model' '_struct_site.pdbx_auth_comp_id'              
33 5 'Structure model' '_struct_site.pdbx_auth_seq_id'               
# 
_pdbx_database_status.status_code                     REL 
_pdbx_database_status.entry_id                        1HYF 
_pdbx_database_status.recvd_initial_deposition_date   2001-01-19 
_pdbx_database_status.deposit_site                    RCSB 
_pdbx_database_status.process_site                    PDBJ 
_pdbx_database_status.status_code_sf                  REL 
_pdbx_database_status.SG_entry                        . 
_pdbx_database_status.pdb_format_compatible           Y 
_pdbx_database_status.status_code_mr                  ? 
_pdbx_database_status.status_code_cs                  ? 
_pdbx_database_status.methods_development_category    ? 
_pdbx_database_status.status_code_nmr_data            ? 
# 
loop_
_audit_author.name 
_audit_author.pdbx_ordinal 
'De Swarte, J.' 1 
'De Vos, S.'    2 
'Langhorst, U.' 3 
'Steyaert, J.'  4 
'Loris, R.'     5 
# 
_citation.id                        primary 
_citation.title                     
'The contribution of metal ions to the conformational stability of ribonuclease T1: crystal versus solution.' 
_citation.journal_abbrev            Eur.J.Biochem. 
_citation.journal_volume            268 
_citation.page_first                3993 
_citation.page_last                 4000 
_citation.year                      2001 
_citation.journal_id_ASTM           EJBCAI 
_citation.country                   IX 
_citation.journal_id_ISSN           0014-2956 
_citation.journal_id_CSD            0262 
_citation.book_publisher            ? 
_citation.pdbx_database_id_PubMed   11453993 
_citation.pdbx_database_id_DOI      10.1046/j.1432-1327.2001.02310.x 
# 
loop_
_citation_author.citation_id 
_citation_author.name 
_citation_author.ordinal 
_citation_author.identifier_ORCID 
primary 'Deswarte, J.'  1 ? 
primary 'De Vos, S.'    2 ? 
primary 'Langhorst, U.' 3 ? 
primary 'Steyaert, J.'  4 ? 
primary 'Loris, R.'     5 ? 
# 
loop_
_entity.id 
_entity.type 
_entity.src_method 
_entity.pdbx_description 
_entity.formula_weight 
_entity.pdbx_number_of_molecules 
_entity.pdbx_ec 
_entity.pdbx_mutation 
_entity.pdbx_fragment 
_entity.details 
1 polymer     man 'GUANYL-SPECIFIC RIBONUCLEASE T1' 11066.642 1  3.1.27.3 V16A ? ? 
2 non-polymer syn 'STRONTIUM ION'                   87.620    1  ?        ?    ? ? 
3 non-polymer syn "GUANOSINE-2'-MONOPHOSPHATE"      363.221   1  ?        ?    ? ? 
4 water       nat water                             18.015    95 ?        ?    ? ? 
# 
_entity_poly.entity_id                      1 
_entity_poly.type                           'polypeptide(L)' 
_entity_poly.nstd_linkage                   no 
_entity_poly.nstd_monomer                   no 
_entity_poly.pdbx_seq_one_letter_code       
;ACDYTCGSNCYSSSDASTAQAAGYKLHEDGETVGSNSYPHKYNNYEGFDFSVSSPYYEWPILSSGDVYSGGSPGADRVVF
NENNQLAGVITHTGASGNNFVECT
;
_entity_poly.pdbx_seq_one_letter_code_can   
;ACDYTCGSNCYSSSDASTAQAAGYKLHEDGETVGSNSYPHKYNNYEGFDFSVSSPYYEWPILSSGDVYSGGSPGADRVVF
NENNQLAGVITHTGASGNNFVECT
;
_entity_poly.pdbx_strand_id                 A 
_entity_poly.pdbx_target_identifier         ? 
# 
loop_
_pdbx_entity_nonpoly.entity_id 
_pdbx_entity_nonpoly.name 
_pdbx_entity_nonpoly.comp_id 
2 'STRONTIUM ION'              SR  
3 "GUANOSINE-2'-MONOPHOSPHATE" 2GP 
4 water                        HOH 
# 
loop_
_entity_poly_seq.entity_id 
_entity_poly_seq.num 
_entity_poly_seq.mon_id 
_entity_poly_seq.hetero 
1 1   ALA n 
1 2   CYS n 
1 3   ASP n 
1 4   TYR n 
1 5   THR n 
1 6   CYS n 
1 7   GLY n 
1 8   SER n 
1 9   ASN n 
1 10  CYS n 
1 11  TYR n 
1 12  SER n 
1 13  SER n 
1 14  SER n 
1 15  ASP n 
1 16  ALA n 
1 17  SER n 
1 18  THR n 
1 19  ALA n 
1 20  GLN n 
1 21  ALA n 
1 22  ALA n 
1 23  GLY n 
1 24  TYR n 
1 25  LYS n 
1 26  LEU n 
1 27  HIS n 
1 28  GLU n 
1 29  ASP n 
1 30  GLY n 
1 31  GLU n 
1 32  THR n 
1 33  VAL n 
1 34  GLY n 
1 35  SER n 
1 36  ASN n 
1 37  SER n 
1 38  TYR n 
1 39  PRO n 
1 40  HIS n 
1 41  LYS n 
1 42  TYR n 
1 43  ASN n 
1 44  ASN n 
1 45  TYR n 
1 46  GLU n 
1 47  GLY n 
1 48  PHE n 
1 49  ASP n 
1 50  PHE n 
1 51  SER n 
1 52  VAL n 
1 53  SER n 
1 54  SER n 
1 55  PRO n 
1 56  TYR n 
1 57  TYR n 
1 58  GLU n 
1 59  TRP n 
1 60  PRO n 
1 61  ILE n 
1 62  LEU n 
1 63  SER n 
1 64  SER n 
1 65  GLY n 
1 66  ASP n 
1 67  VAL n 
1 68  TYR n 
1 69  SER n 
1 70  GLY n 
1 71  GLY n 
1 72  SER n 
1 73  PRO n 
1 74  GLY n 
1 75  ALA n 
1 76  ASP n 
1 77  ARG n 
1 78  VAL n 
1 79  VAL n 
1 80  PHE n 
1 81  ASN n 
1 82  GLU n 
1 83  ASN n 
1 84  ASN n 
1 85  GLN n 
1 86  LEU n 
1 87  ALA n 
1 88  GLY n 
1 89  VAL n 
1 90  ILE n 
1 91  THR n 
1 92  HIS n 
1 93  THR n 
1 94  GLY n 
1 95  ALA n 
1 96  SER n 
1 97  GLY n 
1 98  ASN n 
1 99  ASN n 
1 100 PHE n 
1 101 VAL n 
1 102 GLU n 
1 103 CYS n 
1 104 THR n 
# 
_entity_src_gen.entity_id                          1 
_entity_src_gen.pdbx_src_id                        1 
_entity_src_gen.pdbx_alt_source_flag               sample 
_entity_src_gen.pdbx_seq_type                      ? 
_entity_src_gen.pdbx_beg_seq_num                   ? 
_entity_src_gen.pdbx_end_seq_num                   ? 
_entity_src_gen.gene_src_common_name               ? 
_entity_src_gen.gene_src_genus                     Aspergillus 
_entity_src_gen.pdbx_gene_src_gene                 ? 
_entity_src_gen.gene_src_species                   ? 
_entity_src_gen.gene_src_strain                    ? 
_entity_src_gen.gene_src_tissue                    ? 
_entity_src_gen.gene_src_tissue_fraction           ? 
_entity_src_gen.gene_src_details                   ? 
_entity_src_gen.pdbx_gene_src_fragment             ? 
_entity_src_gen.pdbx_gene_src_scientific_name      'Aspergillus oryzae' 
_entity_src_gen.pdbx_gene_src_ncbi_taxonomy_id     5062 
_entity_src_gen.pdbx_gene_src_variant              ? 
_entity_src_gen.pdbx_gene_src_cell_line            ? 
_entity_src_gen.pdbx_gene_src_atcc                 ? 
_entity_src_gen.pdbx_gene_src_organ                ? 
_entity_src_gen.pdbx_gene_src_organelle            ? 
_entity_src_gen.pdbx_gene_src_cell                 ? 
_entity_src_gen.pdbx_gene_src_cellular_location    ? 
_entity_src_gen.host_org_common_name               ? 
_entity_src_gen.pdbx_host_org_scientific_name      'Escherichia coli' 
_entity_src_gen.pdbx_host_org_ncbi_taxonomy_id     562 
_entity_src_gen.host_org_genus                     Escherichia 
_entity_src_gen.pdbx_host_org_gene                 ? 
_entity_src_gen.pdbx_host_org_organ                ? 
_entity_src_gen.host_org_species                   ? 
_entity_src_gen.pdbx_host_org_tissue               ? 
_entity_src_gen.pdbx_host_org_tissue_fraction      ? 
_entity_src_gen.pdbx_host_org_strain               ? 
_entity_src_gen.pdbx_host_org_variant              ? 
_entity_src_gen.pdbx_host_org_cell_line            ? 
_entity_src_gen.pdbx_host_org_atcc                 ? 
_entity_src_gen.pdbx_host_org_culture_collection   ? 
_entity_src_gen.pdbx_host_org_cell                 ? 
_entity_src_gen.pdbx_host_org_organelle            ? 
_entity_src_gen.pdbx_host_org_cellular_location    ? 
_entity_src_gen.pdbx_host_org_vector_type          ? 
_entity_src_gen.pdbx_host_org_vector               ? 
_entity_src_gen.host_org_details                   ? 
_entity_src_gen.expression_system_id               ? 
_entity_src_gen.plasmid_name                       ? 
_entity_src_gen.plasmid_details                    ? 
_entity_src_gen.pdbx_description                   ? 
# 
loop_
_chem_comp.id 
_chem_comp.type 
_chem_comp.mon_nstd_flag 
_chem_comp.name 
_chem_comp.pdbx_synonyms 
_chem_comp.formula 
_chem_comp.formula_weight 
2GP non-polymer         . "GUANOSINE-2'-MONOPHOSPHATE" ? 'C10 H14 N5 O8 P' 363.221 
ALA 'L-peptide linking' y ALANINE                      ? 'C3 H7 N O2'      89.093  
ARG 'L-peptide linking' y ARGININE                     ? 'C6 H15 N4 O2 1'  175.209 
ASN 'L-peptide linking' y ASPARAGINE                   ? 'C4 H8 N2 O3'     132.118 
ASP 'L-peptide linking' y 'ASPARTIC ACID'              ? 'C4 H7 N O4'      133.103 
CYS 'L-peptide linking' y CYSTEINE                     ? 'C3 H7 N O2 S'    121.158 
GLN 'L-peptide linking' y GLUTAMINE                    ? 'C5 H10 N2 O3'    146.144 
GLU 'L-peptide linking' y 'GLUTAMIC ACID'              ? 'C5 H9 N O4'      147.129 
GLY 'peptide linking'   y GLYCINE                      ? 'C2 H5 N O2'      75.067  
HIS 'L-peptide linking' y HISTIDINE                    ? 'C6 H10 N3 O2 1'  156.162 
HOH non-polymer         . WATER                        ? 'H2 O'            18.015  
ILE 'L-peptide linking' y ISOLEUCINE                   ? 'C6 H13 N O2'     131.173 
LEU 'L-peptide linking' y LEUCINE                      ? 'C6 H13 N O2'     131.173 
LYS 'L-peptide linking' y LYSINE                       ? 'C6 H15 N2 O2 1'  147.195 
PHE 'L-peptide linking' y PHENYLALANINE                ? 'C9 H11 N O2'     165.189 
PRO 'L-peptide linking' y PROLINE                      ? 'C5 H9 N O2'      115.130 
SER 'L-peptide linking' y SERINE                       ? 'C3 H7 N O3'      105.093 
SR  non-polymer         . 'STRONTIUM ION'              ? 'Sr 2'            87.620  
THR 'L-peptide linking' y THREONINE                    ? 'C4 H9 N O3'      119.119 
TRP 'L-peptide linking' y TRYPTOPHAN                   ? 'C11 H12 N2 O2'   204.225 
TYR 'L-peptide linking' y TYROSINE                     ? 'C9 H11 N O3'     181.189 
VAL 'L-peptide linking' y VALINE                       ? 'C5 H11 N O2'     117.146 
# 
loop_
_pdbx_poly_seq_scheme.asym_id 
_pdbx_poly_seq_scheme.entity_id 
_pdbx_poly_seq_scheme.seq_id 
_pdbx_poly_seq_scheme.mon_id 
_pdbx_poly_seq_scheme.ndb_seq_num 
_pdbx_poly_seq_scheme.pdb_seq_num 
_pdbx_poly_seq_scheme.auth_seq_num 
_pdbx_poly_seq_scheme.pdb_mon_id 
_pdbx_poly_seq_scheme.auth_mon_id 
_pdbx_poly_seq_scheme.pdb_strand_id 
_pdbx_poly_seq_scheme.pdb_ins_code 
_pdbx_poly_seq_scheme.hetero 
A 1 1   ALA 1   1   1   ALA ALA A . n 
A 1 2   CYS 2   2   2   CYS CYS A . n 
A 1 3   ASP 3   3   3   ASP ASP A . n 
A 1 4   TYR 4   4   4   TYR TYR A . n 
A 1 5   THR 5   5   5   THR THR A . n 
A 1 6   CYS 6   6   6   CYS CYS A . n 
A 1 7   GLY 7   7   7   GLY GLY A . n 
A 1 8   SER 8   8   8   SER SER A . n 
A 1 9   ASN 9   9   9   ASN ASN A . n 
A 1 10  CYS 10  10  10  CYS CYS A . n 
A 1 11  TYR 11  11  11  TYR TYR A . n 
A 1 12  SER 12  12  12  SER SER A . n 
A 1 13  SER 13  13  13  SER SER A . n 
A 1 14  SER 14  14  14  SER SER A . n 
A 1 15  ASP 15  15  15  ASP ASP A . n 
A 1 16  ALA 16  16  16  ALA ALA A . n 
A 1 17  SER 17  17  17  SER SER A . n 
A 1 18  THR 18  18  18  THR THR A . n 
A 1 19  ALA 19  19  19  ALA ALA A . n 
A 1 20  GLN 20  20  20  GLN GLN A . n 
A 1 21  ALA 21  21  21  ALA ALA A . n 
A 1 22  ALA 22  22  22  ALA ALA A . n 
A 1 23  GLY 23  23  23  GLY GLY A . n 
A 1 24  TYR 24  24  24  TYR TYR A . n 
A 1 25  LYS 25  25  25  LYS LYS A . n 
A 1 26  LEU 26  26  26  LEU LEU A . n 
A 1 27  HIS 27  27  27  HIS HIS A . n 
A 1 28  GLU 28  28  28  GLU GLU A . n 
A 1 29  ASP 29  29  29  ASP ASP A . n 
A 1 30  GLY 30  30  30  GLY GLY A . n 
A 1 31  GLU 31  31  31  GLU GLU A . n 
A 1 32  THR 32  32  32  THR THR A . n 
A 1 33  VAL 33  33  33  VAL VAL A . n 
A 1 34  GLY 34  34  34  GLY GLY A . n 
A 1 35  SER 35  35  35  SER SER A . n 
A 1 36  ASN 36  36  36  ASN ASN A . n 
A 1 37  SER 37  37  37  SER SER A . n 
A 1 38  TYR 38  38  38  TYR TYR A . n 
A 1 39  PRO 39  39  39  PRO PRO A . n 
A 1 40  HIS 40  40  40  HIS HIS A . n 
A 1 41  LYS 41  41  41  LYS LYS A . n 
A 1 42  TYR 42  42  42  TYR TYR A . n 
A 1 43  ASN 43  43  43  ASN ASN A . n 
A 1 44  ASN 44  44  44  ASN ASN A . n 
A 1 45  TYR 45  45  45  TYR TYR A . n 
A 1 46  GLU 46  46  46  GLU GLU A . n 
A 1 47  GLY 47  47  47  GLY GLY A . n 
A 1 48  PHE 48  48  48  PHE PHE A . n 
A 1 49  ASP 49  49  49  ASP ASP A . n 
A 1 50  PHE 50  50  50  PHE PHE A . n 
A 1 51  SER 51  51  51  SER SER A . n 
A 1 52  VAL 52  52  52  VAL VAL A . n 
A 1 53  SER 53  53  53  SER SER A . n 
A 1 54  SER 54  54  54  SER SER A . n 
A 1 55  PRO 55  55  55  PRO PRO A . n 
A 1 56  TYR 56  56  56  TYR TYR A . n 
A 1 57  TYR 57  57  57  TYR TYR A . n 
A 1 58  GLU 58  58  58  GLU GLU A . n 
A 1 59  TRP 59  59  59  TRP TRP A . n 
A 1 60  PRO 60  60  60  PRO PRO A . n 
A 1 61  ILE 61  61  61  ILE ILE A . n 
A 1 62  LEU 62  62  62  LEU LEU A . n 
A 1 63  SER 63  63  63  SER SER A . n 
A 1 64  SER 64  64  64  SER SER A . n 
A 1 65  GLY 65  65  65  GLY GLY A . n 
A 1 66  ASP 66  66  66  ASP ASP A . n 
A 1 67  VAL 67  67  67  VAL VAL A . n 
A 1 68  TYR 68  68  68  TYR TYR A . n 
A 1 69  SER 69  69  69  SER SER A . n 
A 1 70  GLY 70  70  70  GLY GLY A . n 
A 1 71  GLY 71  71  71  GLY GLY A . n 
A 1 72  SER 72  72  72  SER SER A . n 
A 1 73  PRO 73  73  73  PRO PRO A . n 
A 1 74  GLY 74  74  74  GLY GLY A . n 
A 1 75  ALA 75  75  75  ALA ALA A . n 
A 1 76  ASP 76  76  76  ASP ASP A . n 
A 1 77  ARG 77  77  77  ARG ARG A . n 
A 1 78  VAL 78  78  78  VAL VAL A . n 
A 1 79  VAL 79  79  79  VAL VAL A . n 
A 1 80  PHE 80  80  80  PHE PHE A . n 
A 1 81  ASN 81  81  81  ASN ASN A . n 
A 1 82  GLU 82  82  82  GLU GLU A . n 
A 1 83  ASN 83  83  83  ASN ASN A . n 
A 1 84  ASN 84  84  84  ASN ASN A . n 
A 1 85  GLN 85  85  85  GLN GLN A . n 
A 1 86  LEU 86  86  86  LEU LEU A . n 
A 1 87  ALA 87  87  87  ALA ALA A . n 
A 1 88  GLY 88  88  88  GLY GLY A . n 
A 1 89  VAL 89  89  89  VAL VAL A . n 
A 1 90  ILE 90  90  90  ILE ILE A . n 
A 1 91  THR 91  91  91  THR THR A . n 
A 1 92  HIS 92  92  92  HIS HIS A . n 
A 1 93  THR 93  93  93  THR THR A . n 
A 1 94  GLY 94  94  94  GLY GLY A . n 
A 1 95  ALA 95  95  95  ALA ALA A . n 
A 1 96  SER 96  96  96  SER SER A . n 
A 1 97  GLY 97  97  97  GLY GLY A . n 
A 1 98  ASN 98  98  98  ASN ASN A . n 
A 1 99  ASN 99  99  99  ASN ASN A . n 
A 1 100 PHE 100 100 100 PHE PHE A . n 
A 1 101 VAL 101 101 101 VAL VAL A . n 
A 1 102 GLU 102 102 102 GLU GLU A . n 
A 1 103 CYS 103 103 103 CYS CYS A . n 
A 1 104 THR 104 104 104 THR THR A . n 
# 
loop_
_pdbx_nonpoly_scheme.asym_id 
_pdbx_nonpoly_scheme.entity_id 
_pdbx_nonpoly_scheme.mon_id 
_pdbx_nonpoly_scheme.ndb_seq_num 
_pdbx_nonpoly_scheme.pdb_seq_num 
_pdbx_nonpoly_scheme.auth_seq_num 
_pdbx_nonpoly_scheme.pdb_mon_id 
_pdbx_nonpoly_scheme.auth_mon_id 
_pdbx_nonpoly_scheme.pdb_strand_id 
_pdbx_nonpoly_scheme.pdb_ins_code 
B 2 SR  1  105 105 SR  SR  A . 
C 3 2GP 1  106 106 2GP 2GP A . 
D 4 HOH 1  201 201 HOH HOH A . 
D 4 HOH 2  202 202 HOH HOH A . 
D 4 HOH 3  203 203 HOH HOH A . 
D 4 HOH 4  204 204 HOH HOH A . 
D 4 HOH 5  205 205 HOH HOH A . 
D 4 HOH 6  206 206 HOH HOH A . 
D 4 HOH 7  207 207 HOH HOH A . 
D 4 HOH 8  208 208 HOH HOH A . 
D 4 HOH 9  209 209 HOH HOH A . 
D 4 HOH 10 210 210 HOH HOH A . 
D 4 HOH 11 211 211 HOH HOH A . 
D 4 HOH 12 212 212 HOH HOH A . 
D 4 HOH 13 213 213 HOH HOH A . 
D 4 HOH 14 214 214 HOH HOH A . 
D 4 HOH 15 215 215 HOH HOH A . 
D 4 HOH 16 216 216 HOH HOH A . 
D 4 HOH 17 217 217 HOH HOH A . 
D 4 HOH 18 218 218 HOH HOH A . 
D 4 HOH 19 219 219 HOH HOH A . 
D 4 HOH 20 220 220 HOH HOH A . 
D 4 HOH 21 221 221 HOH HOH A . 
D 4 HOH 22 222 222 HOH HOH A . 
D 4 HOH 23 223 223 HOH HOH A . 
D 4 HOH 24 224 224 HOH HOH A . 
D 4 HOH 25 225 225 HOH HOH A . 
D 4 HOH 26 226 226 HOH HOH A . 
D 4 HOH 27 227 227 HOH HOH A . 
D 4 HOH 28 228 228 HOH HOH A . 
D 4 HOH 29 229 229 HOH HOH A . 
D 4 HOH 30 230 230 HOH HOH A . 
D 4 HOH 31 231 231 HOH HOH A . 
D 4 HOH 32 232 232 HOH HOH A . 
D 4 HOH 33 233 233 HOH HOH A . 
D 4 HOH 34 234 234 HOH HOH A . 
D 4 HOH 35 235 235 HOH HOH A . 
D 4 HOH 36 236 236 HOH HOH A . 
D 4 HOH 37 237 237 HOH HOH A . 
D 4 HOH 38 238 238 HOH HOH A . 
D 4 HOH 39 239 239 HOH HOH A . 
D 4 HOH 40 240 240 HOH HOH A . 
D 4 HOH 41 241 241 HOH HOH A . 
D 4 HOH 42 242 242 HOH HOH A . 
D 4 HOH 43 243 243 HOH HOH A . 
D 4 HOH 44 244 244 HOH HOH A . 
D 4 HOH 45 245 245 HOH HOH A . 
D 4 HOH 46 246 246 HOH HOH A . 
D 4 HOH 47 247 247 HOH HOH A . 
D 4 HOH 48 248 248 HOH HOH A . 
D 4 HOH 49 249 249 HOH HOH A . 
D 4 HOH 50 250 250 HOH HOH A . 
D 4 HOH 51 251 251 HOH HOH A . 
D 4 HOH 52 252 252 HOH HOH A . 
D 4 HOH 53 253 253 HOH HOH A . 
D 4 HOH 54 254 254 HOH HOH A . 
D 4 HOH 55 255 255 HOH HOH A . 
D 4 HOH 56 256 256 HOH HOH A . 
D 4 HOH 57 257 257 HOH HOH A . 
D 4 HOH 58 258 258 HOH HOH A . 
D 4 HOH 59 259 259 HOH HOH A . 
D 4 HOH 60 260 260 HOH HOH A . 
D 4 HOH 61 261 261 HOH HOH A . 
D 4 HOH 62 262 262 HOH HOH A . 
D 4 HOH 63 263 263 HOH HOH A . 
D 4 HOH 64 264 264 HOH HOH A . 
D 4 HOH 65 265 265 HOH HOH A . 
D 4 HOH 66 266 266 HOH HOH A . 
D 4 HOH 67 267 267 HOH HOH A . 
D 4 HOH 68 268 268 HOH HOH A . 
D 4 HOH 69 269 269 HOH HOH A . 
D 4 HOH 70 270 270 HOH HOH A . 
D 4 HOH 71 271 271 HOH HOH A . 
D 4 HOH 72 272 272 HOH HOH A . 
D 4 HOH 73 273 273 HOH HOH A . 
D 4 HOH 74 274 274 HOH HOH A . 
D 4 HOH 75 275 275 HOH HOH A . 
D 4 HOH 76 276 276 HOH HOH A . 
D 4 HOH 77 277 277 HOH HOH A . 
D 4 HOH 78 278 278 HOH HOH A . 
D 4 HOH 79 279 279 HOH HOH A . 
D 4 HOH 80 280 280 HOH HOH A . 
D 4 HOH 81 281 281 HOH HOH A . 
D 4 HOH 82 282 282 HOH HOH A . 
D 4 HOH 83 283 283 HOH HOH A . 
D 4 HOH 84 284 284 HOH HOH A . 
D 4 HOH 85 285 285 HOH HOH A . 
D 4 HOH 86 286 286 HOH HOH A . 
D 4 HOH 87 287 287 HOH HOH A . 
D 4 HOH 88 288 288 HOH HOH A . 
D 4 HOH 89 289 289 HOH HOH A . 
D 4 HOH 90 290 290 HOH HOH A . 
D 4 HOH 91 291 291 HOH HOH A . 
D 4 HOH 92 292 292 HOH HOH A . 
D 4 HOH 93 293 293 HOH HOH A . 
D 4 HOH 94 294 294 HOH HOH A . 
D 4 HOH 95 295 295 HOH HOH A . 
# 
loop_
_software.name 
_software.classification 
_software.version 
_software.citation_id 
_software.pdbx_ordinal 
DENZO     'data reduction' . ? 1 
SCALEPACK 'data scaling'   . ? 2 
CNS       refinement       . ? 3 
CNS       phasing          . ? 4 
# 
_cell.entry_id           1HYF 
_cell.length_a           40.445 
_cell.length_b           47.166 
_cell.length_c           50.093 
_cell.angle_alpha        90.0 
_cell.angle_beta         90.0 
_cell.angle_gamma        90.0 
_cell.Z_PDB              4 
_cell.pdbx_unique_axis   ? 
# 
_symmetry.entry_id                         1HYF 
_symmetry.space_group_name_H-M             'P 21 21 21' 
_symmetry.pdbx_full_space_group_name_H-M   ? 
_symmetry.cell_setting                     ? 
_symmetry.Int_Tables_number                19 
# 
_exptl.entry_id          1HYF 
_exptl.method            'X-RAY DIFFRACTION' 
_exptl.crystals_number   1 
# 
_exptl_crystal.id                    1 
_exptl_crystal.density_meas          ? 
_exptl_crystal.density_Matthews      2.16 
_exptl_crystal.density_percent_sol   43.00 
_exptl_crystal.description           ? 
# 
_exptl_crystal_grow.crystal_id      1 
_exptl_crystal_grow.method          'VAPOR DIFFUSION, HANGING DROP' 
_exptl_crystal_grow.temp            293 
_exptl_crystal_grow.temp_details    ? 
_exptl_crystal_grow.pH              4.2 
_exptl_crystal_grow.pdbx_details    'MPD, calcium chloride, acetate, pH 4.2, VAPOR DIFFUSION, HANGING DROP, temperature 293K' 
_exptl_crystal_grow.pdbx_pH_range   ? 
# 
_diffrn.id                     1 
_diffrn.ambient_temp           293 
_diffrn.ambient_temp_details   ? 
_diffrn.crystal_id             1 
# 
_diffrn_detector.diffrn_id              1 
_diffrn_detector.detector               'IMAGE PLATE' 
_diffrn_detector.type                   MARRESEARCH 
_diffrn_detector.pdbx_collection_date   ? 
_diffrn_detector.details                'graphite monochromator' 
# 
_diffrn_radiation.diffrn_id                        1 
_diffrn_radiation.wavelength_id                    1 
_diffrn_radiation.pdbx_monochromatic_or_laue_m_l   M 
_diffrn_radiation.monochromator                    graphite 
_diffrn_radiation.pdbx_diffrn_protocol             'SINGLE WAVELENGTH' 
_diffrn_radiation.pdbx_scattering_type             x-ray 
# 
_diffrn_radiation_wavelength.id           1 
_diffrn_radiation_wavelength.wavelength   1.5418 
_diffrn_radiation_wavelength.wt           1.0 
# 
_diffrn_source.diffrn_id                   1 
_diffrn_source.source                      'ROTATING ANODE' 
_diffrn_source.type                        RIGAKU 
_diffrn_source.pdbx_synchrotron_site       ? 
_diffrn_source.pdbx_synchrotron_beamline   ? 
_diffrn_source.pdbx_wavelength             ? 
_diffrn_source.pdbx_wavelength_list        1.5418 
# 
_reflns.entry_id                     1HYF 
_reflns.observed_criterion_sigma_I   -3 
_reflns.observed_criterion_sigma_F   0 
_reflns.d_resolution_low             25.0 
_reflns.d_resolution_high            1.70 
_reflns.number_obs                   10427 
_reflns.number_all                   10427 
_reflns.percent_possible_obs         93.6 
_reflns.pdbx_Rmerge_I_obs            0.078 
_reflns.pdbx_Rsym_value              ? 
_reflns.pdbx_netI_over_sigmaI        16.07 
_reflns.B_iso_Wilson_estimate        20.56 
_reflns.pdbx_redundancy              7.77 
_reflns.R_free_details               ? 
_reflns.limit_h_max                  ? 
_reflns.limit_h_min                  ? 
_reflns.limit_k_max                  ? 
_reflns.limit_k_min                  ? 
_reflns.limit_l_max                  ? 
_reflns.limit_l_min                  ? 
_reflns.observed_criterion_F_max     ? 
_reflns.observed_criterion_F_min     ? 
_reflns.pdbx_diffrn_id               1 
_reflns.pdbx_ordinal                 1 
# 
_reflns_shell.d_res_high             1.70 
_reflns_shell.d_res_low              1.75 
_reflns_shell.percent_possible_all   85.0 
_reflns_shell.Rmerge_I_obs           0.486 
_reflns_shell.pdbx_Rsym_value        ? 
_reflns_shell.meanI_over_sigI_obs    3.18 
_reflns_shell.pdbx_redundancy        5.00 
_reflns_shell.percent_possible_obs   ? 
_reflns_shell.number_unique_all      921 
_reflns_shell.pdbx_diffrn_id         ? 
_reflns_shell.pdbx_ordinal           1 
# 
_refine.entry_id                                 1HYF 
_refine.ls_number_reflns_obs                     10427 
_refine.ls_number_reflns_all                     10427 
_refine.pdbx_ls_sigma_I                          -3 
_refine.pdbx_ls_sigma_F                          0 
_refine.pdbx_data_cutoff_high_absF               ? 
_refine.pdbx_data_cutoff_low_absF                ? 
_refine.ls_d_res_low                             25.0 
_refine.ls_d_res_high                            1.70 
_refine.ls_percent_reflns_obs                    ? 
_refine.ls_R_factor_obs                          0.1893 
_refine.ls_R_factor_all                          0.1893 
_refine.ls_R_factor_R_work                       0.1881 
_refine.ls_R_factor_R_free                       0.2034 
_refine.ls_R_factor_R_free_error                 ? 
_refine.ls_R_factor_R_free_error_details         ? 
_refine.ls_percent_reflns_R_free                 ? 
_refine.ls_number_reflns_R_free                  833 
_refine.ls_number_parameters                     ? 
_refine.ls_number_restraints                     ? 
_refine.occupancy_min                            ? 
_refine.occupancy_max                            ? 
_refine.B_iso_mean                               ? 
_refine.aniso_B[1][1]                            ? 
_refine.aniso_B[2][2]                            ? 
_refine.aniso_B[3][3]                            ? 
_refine.aniso_B[1][2]                            ? 
_refine.aniso_B[1][3]                            ? 
_refine.aniso_B[2][3]                            ? 
_refine.solvent_model_details                    ? 
_refine.solvent_model_param_ksol                 ? 
_refine.solvent_model_param_bsol                 ? 
_refine.pdbx_ls_cross_valid_method               ? 
_refine.details                                  ? 
_refine.pdbx_starting_model                      ? 
_refine.pdbx_method_to_determine_struct          'MOLECULAR REPLACEMENT' 
_refine.pdbx_isotropic_thermal_model             ? 
_refine.pdbx_stereochemistry_target_values       'Engh & Huber' 
_refine.pdbx_stereochem_target_val_spec_case     ? 
_refine.pdbx_R_Free_selection_details            RANDOM 
_refine.pdbx_overall_ESU_R_Free                  ? 
_refine.overall_SU_B                             ? 
_refine.ls_redundancy_reflns_obs                 ? 
_refine.B_iso_min                                ? 
_refine.B_iso_max                                ? 
_refine.correlation_coeff_Fo_to_Fc               ? 
_refine.correlation_coeff_Fo_to_Fc_free          ? 
_refine.overall_SU_R_Cruickshank_DPI             ? 
_refine.overall_SU_R_free                        ? 
_refine.overall_SU_ML                            ? 
_refine.pdbx_overall_ESU_R                       ? 
_refine.pdbx_data_cutoff_high_rms_absF           ? 
_refine.pdbx_refine_id                           'X-RAY DIFFRACTION' 
_refine.pdbx_diffrn_id                           1 
_refine.pdbx_TLS_residual_ADP_flag               ? 
_refine.pdbx_solvent_vdw_probe_radii             ? 
_refine.pdbx_solvent_ion_probe_radii             ? 
_refine.pdbx_solvent_shrinkage_radii             ? 
_refine.pdbx_overall_phase_error                 ? 
_refine.pdbx_overall_SU_R_free_Cruickshank_DPI   ? 
_refine.pdbx_overall_SU_R_Blow_DPI               ? 
_refine.pdbx_overall_SU_R_free_Blow_DPI          ? 
# 
_refine_hist.pdbx_refine_id                   'X-RAY DIFFRACTION' 
_refine_hist.cycle_id                         LAST 
_refine_hist.pdbx_number_atoms_protein        779 
_refine_hist.pdbx_number_atoms_nucleic_acid   0 
_refine_hist.pdbx_number_atoms_ligand         25 
_refine_hist.number_atoms_solvent             95 
_refine_hist.number_atoms_total               899 
_refine_hist.d_res_high                       1.70 
_refine_hist.d_res_low                        25.0 
# 
loop_
_refine_ls_restr.type 
_refine_ls_restr.dev_ideal 
_refine_ls_restr.dev_ideal_target 
_refine_ls_restr.weight 
_refine_ls_restr.number 
_refine_ls_restr.pdbx_refine_id 
_refine_ls_restr.pdbx_restraint_function 
c_angle_deg 1.478 ? ? ? 'X-RAY DIFFRACTION' ? 
c_bond_d    0.006 ? ? ? 'X-RAY DIFFRACTION' ? 
# 
_struct.entry_id                  1HYF 
_struct.title                     'RIBONUCLEASE T1 V16A MUTANT IN COMPLEX WITH SR2+' 
_struct.pdbx_model_details        ? 
_struct.pdbx_CASP_flag            ? 
_struct.pdbx_model_type_details   ? 
# 
_struct_keywords.entry_id        1HYF 
_struct_keywords.pdbx_keywords   HYDROLASE 
_struct_keywords.text            'Ribonuclease, stability, metal binding, HYDROLASE' 
# 
loop_
_struct_asym.id 
_struct_asym.pdbx_blank_PDB_chainid_flag 
_struct_asym.pdbx_modified 
_struct_asym.entity_id 
_struct_asym.details 
A N N 1 ? 
B N N 2 ? 
C N N 3 ? 
D N N 4 ? 
# 
_struct_ref.id                         1 
_struct_ref.db_name                    UNP 
_struct_ref.db_code                    RNT1_ASPOR 
_struct_ref.entity_id                  1 
_struct_ref.pdbx_seq_one_letter_code   ? 
_struct_ref.pdbx_align_begin           ? 
_struct_ref.pdbx_db_accession          P00651 
_struct_ref.pdbx_db_isoform            ? 
# 
_struct_ref_seq.align_id                      1 
_struct_ref_seq.ref_id                        1 
_struct_ref_seq.pdbx_PDB_id_code              1HYF 
_struct_ref_seq.pdbx_strand_id                A 
_struct_ref_seq.seq_align_beg                 1 
_struct_ref_seq.pdbx_seq_align_beg_ins_code   ? 
_struct_ref_seq.seq_align_end                 104 
_struct_ref_seq.pdbx_seq_align_end_ins_code   ? 
_struct_ref_seq.pdbx_db_accession             P00651 
_struct_ref_seq.db_align_beg                  27 
_struct_ref_seq.pdbx_db_align_beg_ins_code    ? 
_struct_ref_seq.db_align_end                  130 
_struct_ref_seq.pdbx_db_align_end_ins_code    ? 
_struct_ref_seq.pdbx_auth_seq_align_beg       1 
_struct_ref_seq.pdbx_auth_seq_align_end       104 
# 
loop_
_struct_ref_seq_dif.align_id 
_struct_ref_seq_dif.pdbx_pdb_id_code 
_struct_ref_seq_dif.mon_id 
_struct_ref_seq_dif.pdbx_pdb_strand_id 
_struct_ref_seq_dif.seq_num 
_struct_ref_seq_dif.pdbx_pdb_ins_code 
_struct_ref_seq_dif.pdbx_seq_db_name 
_struct_ref_seq_dif.pdbx_seq_db_accession_code 
_struct_ref_seq_dif.db_mon_id 
_struct_ref_seq_dif.pdbx_seq_db_seq_num 
_struct_ref_seq_dif.details 
_struct_ref_seq_dif.pdbx_auth_seq_num 
_struct_ref_seq_dif.pdbx_ordinal 
1 1HYF ALA A 16 ? UNP P00651 VAL 42 'engineered mutation' 16 1 
1 1HYF LYS A 25 ? UNP P00651 GLN 51 'SEE REMARK 999'      25 2 
# 
_pdbx_struct_assembly.id                   1 
_pdbx_struct_assembly.details              author_defined_assembly 
_pdbx_struct_assembly.method_details       ? 
_pdbx_struct_assembly.oligomeric_details   monomeric 
_pdbx_struct_assembly.oligomeric_count     1 
# 
_pdbx_struct_assembly_gen.assembly_id       1 
_pdbx_struct_assembly_gen.oper_expression   1 
_pdbx_struct_assembly_gen.asym_id_list      A,B,C,D 
# 
_pdbx_struct_oper_list.id                   1 
_pdbx_struct_oper_list.type                 'identity operation' 
_pdbx_struct_oper_list.name                 1_555 
_pdbx_struct_oper_list.symmetry_operation   x,y,z 
_pdbx_struct_oper_list.matrix[1][1]         1.0000000000 
_pdbx_struct_oper_list.matrix[1][2]         0.0000000000 
_pdbx_struct_oper_list.matrix[1][3]         0.0000000000 
_pdbx_struct_oper_list.vector[1]            0.0000000000 
_pdbx_struct_oper_list.matrix[2][1]         0.0000000000 
_pdbx_struct_oper_list.matrix[2][2]         1.0000000000 
_pdbx_struct_oper_list.matrix[2][3]         0.0000000000 
_pdbx_struct_oper_list.vector[2]            0.0000000000 
_pdbx_struct_oper_list.matrix[3][1]         0.0000000000 
_pdbx_struct_oper_list.matrix[3][2]         0.0000000000 
_pdbx_struct_oper_list.matrix[3][3]         1.0000000000 
_pdbx_struct_oper_list.vector[3]            0.0000000000 
# 
_struct_biol.id                    1 
_struct_biol.pdbx_parent_biol_id   ? 
_struct_biol.details               ? 
# 
_struct_conf.conf_type_id            HELX_P 
_struct_conf.id                      HELX_P1 
_struct_conf.pdbx_PDB_helix_id       1 
_struct_conf.beg_label_comp_id       SER 
_struct_conf.beg_label_asym_id       A 
_struct_conf.beg_label_seq_id        12 
_struct_conf.pdbx_beg_PDB_ins_code   ? 
_struct_conf.end_label_comp_id       GLY 
_struct_conf.end_label_asym_id       A 
_struct_conf.end_label_seq_id        30 
_struct_conf.pdbx_end_PDB_ins_code   ? 
_struct_conf.beg_auth_comp_id        SER 
_struct_conf.beg_auth_asym_id        A 
_struct_conf.beg_auth_seq_id         12 
_struct_conf.end_auth_comp_id        GLY 
_struct_conf.end_auth_asym_id        A 
_struct_conf.end_auth_seq_id         30 
_struct_conf.pdbx_PDB_helix_class    1 
_struct_conf.details                 ? 
_struct_conf.pdbx_PDB_helix_length   19 
# 
_struct_conf_type.id          HELX_P 
_struct_conf_type.criteria    ? 
_struct_conf_type.reference   ? 
# 
loop_
_struct_conn.id 
_struct_conn.conn_type_id 
_struct_conn.pdbx_leaving_atom_flag 
_struct_conn.pdbx_PDB_id 
_struct_conn.ptnr1_label_asym_id 
_struct_conn.ptnr1_label_comp_id 
_struct_conn.ptnr1_label_seq_id 
_struct_conn.ptnr1_label_atom_id 
_struct_conn.pdbx_ptnr1_label_alt_id 
_struct_conn.pdbx_ptnr1_PDB_ins_code 
_struct_conn.pdbx_ptnr1_standard_comp_id 
_struct_conn.ptnr1_symmetry 
_struct_conn.ptnr2_label_asym_id 
_struct_conn.ptnr2_label_comp_id 
_struct_conn.ptnr2_label_seq_id 
_struct_conn.ptnr2_label_atom_id 
_struct_conn.pdbx_ptnr2_label_alt_id 
_struct_conn.pdbx_ptnr2_PDB_ins_code 
_struct_conn.ptnr1_auth_asym_id 
_struct_conn.ptnr1_auth_comp_id 
_struct_conn.ptnr1_auth_seq_id 
_struct_conn.ptnr2_auth_asym_id 
_struct_conn.ptnr2_auth_comp_id 
_struct_conn.ptnr2_auth_seq_id 
_struct_conn.ptnr2_symmetry 
_struct_conn.pdbx_ptnr3_label_atom_id 
_struct_conn.pdbx_ptnr3_label_seq_id 
_struct_conn.pdbx_ptnr3_label_comp_id 
_struct_conn.pdbx_ptnr3_label_asym_id 
_struct_conn.pdbx_ptnr3_label_alt_id 
_struct_conn.pdbx_ptnr3_PDB_ins_code 
_struct_conn.details 
_struct_conn.pdbx_dist_value 
_struct_conn.pdbx_value_order 
_struct_conn.pdbx_role 
disulf1 disulf ? ? A CYS 2  SG  ? ? ? 1_555 A CYS 10  SG ? ? A CYS 2   A CYS 10  1_555 ? ? ? ? ? ? ? 2.024 ? ? 
disulf2 disulf ? ? A CYS 6  SG  ? ? ? 1_555 A CYS 103 SG ? ? A CYS 6   A CYS 103 1_555 ? ? ? ? ? ? ? 2.032 ? ? 
metalc1 metalc ? ? A ASP 15 OD2 ? ? ? 1_555 B SR  .   SR ? ? A ASP 15  A SR  105 1_555 ? ? ? ? ? ? ? 2.661 ? ? 
metalc2 metalc ? ? A ASP 15 OD1 ? ? ? 1_555 B SR  .   SR ? ? A ASP 15  A SR  105 1_555 ? ? ? ? ? ? ? 2.661 ? ? 
metalc3 metalc ? ? B SR  .  SR  ? ? ? 1_555 D HOH .   O  ? ? A SR  105 A HOH 201 1_555 ? ? ? ? ? ? ? 2.534 ? ? 
metalc4 metalc ? ? B SR  .  SR  ? ? ? 1_555 D HOH .   O  ? ? A SR  105 A HOH 202 1_555 ? ? ? ? ? ? ? 2.601 ? ? 
metalc5 metalc ? ? B SR  .  SR  ? ? ? 1_555 D HOH .   O  ? ? A SR  105 A HOH 203 1_555 ? ? ? ? ? ? ? 2.640 ? ? 
metalc6 metalc ? ? B SR  .  SR  ? ? ? 1_555 D HOH .   O  ? ? A SR  105 A HOH 204 1_555 ? ? ? ? ? ? ? 2.511 ? ? 
metalc7 metalc ? ? B SR  .  SR  ? ? ? 1_555 D HOH .   O  ? ? A SR  105 A HOH 205 1_555 ? ? ? ? ? ? ? 2.619 ? ? 
metalc8 metalc ? ? B SR  .  SR  ? ? ? 1_555 D HOH .   O  ? ? A SR  105 A HOH 207 1_555 ? ? ? ? ? ? ? 2.635 ? ? 
# 
loop_
_struct_conn_type.id 
_struct_conn_type.criteria 
_struct_conn_type.reference 
disulf ? ? 
metalc ? ? 
# 
loop_
_pdbx_struct_conn_angle.id 
_pdbx_struct_conn_angle.ptnr1_label_atom_id 
_pdbx_struct_conn_angle.ptnr1_label_alt_id 
_pdbx_struct_conn_angle.ptnr1_label_asym_id 
_pdbx_struct_conn_angle.ptnr1_label_comp_id 
_pdbx_struct_conn_angle.ptnr1_label_seq_id 
_pdbx_struct_conn_angle.ptnr1_auth_atom_id 
_pdbx_struct_conn_angle.ptnr1_auth_asym_id 
_pdbx_struct_conn_angle.ptnr1_auth_comp_id 
_pdbx_struct_conn_angle.ptnr1_auth_seq_id 
_pdbx_struct_conn_angle.ptnr1_PDB_ins_code 
_pdbx_struct_conn_angle.ptnr1_symmetry 
_pdbx_struct_conn_angle.ptnr2_label_atom_id 
_pdbx_struct_conn_angle.ptnr2_label_alt_id 
_pdbx_struct_conn_angle.ptnr2_label_asym_id 
_pdbx_struct_conn_angle.ptnr2_label_comp_id 
_pdbx_struct_conn_angle.ptnr2_label_seq_id 
_pdbx_struct_conn_angle.ptnr2_auth_atom_id 
_pdbx_struct_conn_angle.ptnr2_auth_asym_id 
_pdbx_struct_conn_angle.ptnr2_auth_comp_id 
_pdbx_struct_conn_angle.ptnr2_auth_seq_id 
_pdbx_struct_conn_angle.ptnr2_PDB_ins_code 
_pdbx_struct_conn_angle.ptnr2_symmetry 
_pdbx_struct_conn_angle.ptnr3_label_atom_id 
_pdbx_struct_conn_angle.ptnr3_label_alt_id 
_pdbx_struct_conn_angle.ptnr3_label_asym_id 
_pdbx_struct_conn_angle.ptnr3_label_comp_id 
_pdbx_struct_conn_angle.ptnr3_label_seq_id 
_pdbx_struct_conn_angle.ptnr3_auth_atom_id 
_pdbx_struct_conn_angle.ptnr3_auth_asym_id 
_pdbx_struct_conn_angle.ptnr3_auth_comp_id 
_pdbx_struct_conn_angle.ptnr3_auth_seq_id 
_pdbx_struct_conn_angle.ptnr3_PDB_ins_code 
_pdbx_struct_conn_angle.ptnr3_symmetry 
_pdbx_struct_conn_angle.value 
_pdbx_struct_conn_angle.value_esd 
1  OD2 ? A ASP 15 ? A ASP 15  ? 1_555 SR ? B SR . ? A SR 105 ? 1_555 OD1 ? A ASP 15 ? A ASP 15  ? 1_555 48.7  ? 
2  OD2 ? A ASP 15 ? A ASP 15  ? 1_555 SR ? B SR . ? A SR 105 ? 1_555 O   ? D HOH .  ? A HOH 201 ? 1_555 78.8  ? 
3  OD1 ? A ASP 15 ? A ASP 15  ? 1_555 SR ? B SR . ? A SR 105 ? 1_555 O   ? D HOH .  ? A HOH 201 ? 1_555 127.0 ? 
4  OD2 ? A ASP 15 ? A ASP 15  ? 1_555 SR ? B SR . ? A SR 105 ? 1_555 O   ? D HOH .  ? A HOH 202 ? 1_555 134.2 ? 
5  OD1 ? A ASP 15 ? A ASP 15  ? 1_555 SR ? B SR . ? A SR 105 ? 1_555 O   ? D HOH .  ? A HOH 202 ? 1_555 138.4 ? 
6  O   ? D HOH .  ? A HOH 201 ? 1_555 SR ? B SR . ? A SR 105 ? 1_555 O   ? D HOH .  ? A HOH 202 ? 1_555 81.0  ? 
7  OD2 ? A ASP 15 ? A ASP 15  ? 1_555 SR ? B SR . ? A SR 105 ? 1_555 O   ? D HOH .  ? A HOH 203 ? 1_555 140.9 ? 
8  OD1 ? A ASP 15 ? A ASP 15  ? 1_555 SR ? B SR . ? A SR 105 ? 1_555 O   ? D HOH .  ? A HOH 203 ? 1_555 135.2 ? 
9  O   ? D HOH .  ? A HOH 201 ? 1_555 SR ? B SR . ? A SR 105 ? 1_555 O   ? D HOH .  ? A HOH 203 ? 1_555 79.5  ? 
10 O   ? D HOH .  ? A HOH 202 ? 1_555 SR ? B SR . ? A SR 105 ? 1_555 O   ? D HOH .  ? A HOH 203 ? 1_555 72.9  ? 
11 OD2 ? A ASP 15 ? A ASP 15  ? 1_555 SR ? B SR . ? A SR 105 ? 1_555 O   ? D HOH .  ? A HOH 204 ? 1_555 122.7 ? 
12 OD1 ? A ASP 15 ? A ASP 15  ? 1_555 SR ? B SR . ? A SR 105 ? 1_555 O   ? D HOH .  ? A HOH 204 ? 1_555 74.9  ? 
13 O   ? D HOH .  ? A HOH 201 ? 1_555 SR ? B SR . ? A SR 105 ? 1_555 O   ? D HOH .  ? A HOH 204 ? 1_555 158.1 ? 
14 O   ? D HOH .  ? A HOH 202 ? 1_555 SR ? B SR . ? A SR 105 ? 1_555 O   ? D HOH .  ? A HOH 204 ? 1_555 80.1  ? 
15 O   ? D HOH .  ? A HOH 203 ? 1_555 SR ? B SR . ? A SR 105 ? 1_555 O   ? D HOH .  ? A HOH 204 ? 1_555 84.4  ? 
16 OD2 ? A ASP 15 ? A ASP 15  ? 1_555 SR ? B SR . ? A SR 105 ? 1_555 O   ? D HOH .  ? A HOH 205 ? 1_555 78.5  ? 
17 OD1 ? A ASP 15 ? A ASP 15  ? 1_555 SR ? B SR . ? A SR 105 ? 1_555 O   ? D HOH .  ? A HOH 205 ? 1_555 76.9  ? 
18 O   ? D HOH .  ? A HOH 201 ? 1_555 SR ? B SR . ? A SR 105 ? 1_555 O   ? D HOH .  ? A HOH 205 ? 1_555 87.4  ? 
19 O   ? D HOH .  ? A HOH 202 ? 1_555 SR ? B SR . ? A SR 105 ? 1_555 O   ? D HOH .  ? A HOH 205 ? 1_555 140.9 ? 
20 O   ? D HOH .  ? A HOH 203 ? 1_555 SR ? B SR . ? A SR 105 ? 1_555 O   ? D HOH .  ? A HOH 205 ? 1_555 68.3  ? 
21 O   ? D HOH .  ? A HOH 204 ? 1_555 SR ? B SR . ? A SR 105 ? 1_555 O   ? D HOH .  ? A HOH 205 ? 1_555 100.4 ? 
22 OD2 ? A ASP 15 ? A ASP 15  ? 1_555 SR ? B SR . ? A SR 105 ? 1_555 O   ? D HOH .  ? A HOH 207 ? 1_555 71.4  ? 
23 OD1 ? A ASP 15 ? A ASP 15  ? 1_555 SR ? B SR . ? A SR 105 ? 1_555 O   ? D HOH .  ? A HOH 207 ? 1_555 78.0  ? 
24 O   ? D HOH .  ? A HOH 201 ? 1_555 SR ? B SR . ? A SR 105 ? 1_555 O   ? D HOH .  ? A HOH 207 ? 1_555 93.5  ? 
25 O   ? D HOH .  ? A HOH 202 ? 1_555 SR ? B SR . ? A SR 105 ? 1_555 O   ? D HOH .  ? A HOH 207 ? 1_555 69.3  ? 
26 O   ? D HOH .  ? A HOH 203 ? 1_555 SR ? B SR . ? A SR 105 ? 1_555 O   ? D HOH .  ? A HOH 207 ? 1_555 142.2 ? 
27 O   ? D HOH .  ? A HOH 204 ? 1_555 SR ? B SR . ? A SR 105 ? 1_555 O   ? D HOH .  ? A HOH 207 ? 1_555 90.2  ? 
28 O   ? D HOH .  ? A HOH 205 ? 1_555 SR ? B SR . ? A SR 105 ? 1_555 O   ? D HOH .  ? A HOH 207 ? 1_555 149.1 ? 
# 
loop_
_pdbx_modification_feature.ordinal 
_pdbx_modification_feature.label_comp_id 
_pdbx_modification_feature.label_asym_id 
_pdbx_modification_feature.label_seq_id 
_pdbx_modification_feature.label_alt_id 
_pdbx_modification_feature.modified_residue_label_comp_id 
_pdbx_modification_feature.modified_residue_label_asym_id 
_pdbx_modification_feature.modified_residue_label_seq_id 
_pdbx_modification_feature.modified_residue_label_alt_id 
_pdbx_modification_feature.auth_comp_id 
_pdbx_modification_feature.auth_asym_id 
_pdbx_modification_feature.auth_seq_id 
_pdbx_modification_feature.PDB_ins_code 
_pdbx_modification_feature.symmetry 
_pdbx_modification_feature.modified_residue_auth_comp_id 
_pdbx_modification_feature.modified_residue_auth_asym_id 
_pdbx_modification_feature.modified_residue_auth_seq_id 
_pdbx_modification_feature.modified_residue_PDB_ins_code 
_pdbx_modification_feature.modified_residue_symmetry 
_pdbx_modification_feature.comp_id_linking_atom 
_pdbx_modification_feature.modified_residue_id_linking_atom 
_pdbx_modification_feature.modified_residue_id 
_pdbx_modification_feature.ref_pcm_id 
_pdbx_modification_feature.ref_comp_id 
_pdbx_modification_feature.type 
_pdbx_modification_feature.category 
1 CYS A 2 ? CYS A 10  ? CYS A 2 ? 1_555 CYS A 10  ? 1_555 SG SG . . . None 'Disulfide bridge' 
2 CYS A 6 ? CYS A 103 ? CYS A 6 ? 1_555 CYS A 103 ? 1_555 SG SG . . . None 'Disulfide bridge' 
# 
loop_
_struct_mon_prot_cis.pdbx_id 
_struct_mon_prot_cis.label_comp_id 
_struct_mon_prot_cis.label_seq_id 
_struct_mon_prot_cis.label_asym_id 
_struct_mon_prot_cis.label_alt_id 
_struct_mon_prot_cis.pdbx_PDB_ins_code 
_struct_mon_prot_cis.auth_comp_id 
_struct_mon_prot_cis.auth_seq_id 
_struct_mon_prot_cis.auth_asym_id 
_struct_mon_prot_cis.pdbx_label_comp_id_2 
_struct_mon_prot_cis.pdbx_label_seq_id_2 
_struct_mon_prot_cis.pdbx_label_asym_id_2 
_struct_mon_prot_cis.pdbx_PDB_ins_code_2 
_struct_mon_prot_cis.pdbx_auth_comp_id_2 
_struct_mon_prot_cis.pdbx_auth_seq_id_2 
_struct_mon_prot_cis.pdbx_auth_asym_id_2 
_struct_mon_prot_cis.pdbx_PDB_model_num 
_struct_mon_prot_cis.pdbx_omega_angle 
1 TYR 38 A . ? TYR 38 A PRO 39 A ? PRO 39 A 1 -0.59 
2 SER 54 A . ? SER 54 A PRO 55 A ? PRO 55 A 1 -0.02 
# 
loop_
_struct_sheet.id 
_struct_sheet.type 
_struct_sheet.number_strands 
_struct_sheet.details 
A ? 2 ? 
B ? 5 ? 
# 
loop_
_struct_sheet_order.sheet_id 
_struct_sheet_order.range_id_1 
_struct_sheet_order.range_id_2 
_struct_sheet_order.offset 
_struct_sheet_order.sense 
A 1 2 ? anti-parallel 
B 1 2 ? anti-parallel 
B 2 3 ? anti-parallel 
B 3 4 ? anti-parallel 
B 4 5 ? anti-parallel 
# 
loop_
_struct_sheet_range.sheet_id 
_struct_sheet_range.id 
_struct_sheet_range.beg_label_comp_id 
_struct_sheet_range.beg_label_asym_id 
_struct_sheet_range.beg_label_seq_id 
_struct_sheet_range.pdbx_beg_PDB_ins_code 
_struct_sheet_range.end_label_comp_id 
_struct_sheet_range.end_label_asym_id 
_struct_sheet_range.end_label_seq_id 
_struct_sheet_range.pdbx_end_PDB_ins_code 
_struct_sheet_range.beg_auth_comp_id 
_struct_sheet_range.beg_auth_asym_id 
_struct_sheet_range.beg_auth_seq_id 
_struct_sheet_range.end_auth_comp_id 
_struct_sheet_range.end_auth_asym_id 
_struct_sheet_range.end_auth_seq_id 
A 1 TYR A 4   ? CYS A 6   ? TYR A 4   CYS A 6   
A 2 ASN A 9   ? TYR A 11  ? ASN A 9   TYR A 11  
B 1 HIS A 40  ? TYR A 42  ? HIS A 40  TYR A 42  
B 2 TYR A 56  ? PRO A 60  ? TYR A 56  PRO A 60  
B 3 ASP A 76  ? ASN A 81  ? ASP A 76  ASN A 81  
B 4 LEU A 86  ? THR A 91  ? LEU A 86  THR A 91  
B 5 VAL A 101 ? GLU A 102 ? VAL A 101 GLU A 102 
# 
loop_
_pdbx_struct_sheet_hbond.sheet_id 
_pdbx_struct_sheet_hbond.range_id_1 
_pdbx_struct_sheet_hbond.range_id_2 
_pdbx_struct_sheet_hbond.range_1_label_atom_id 
_pdbx_struct_sheet_hbond.range_1_label_comp_id 
_pdbx_struct_sheet_hbond.range_1_label_asym_id 
_pdbx_struct_sheet_hbond.range_1_label_seq_id 
_pdbx_struct_sheet_hbond.range_1_PDB_ins_code 
_pdbx_struct_sheet_hbond.range_1_auth_atom_id 
_pdbx_struct_sheet_hbond.range_1_auth_comp_id 
_pdbx_struct_sheet_hbond.range_1_auth_asym_id 
_pdbx_struct_sheet_hbond.range_1_auth_seq_id 
_pdbx_struct_sheet_hbond.range_2_label_atom_id 
_pdbx_struct_sheet_hbond.range_2_label_comp_id 
_pdbx_struct_sheet_hbond.range_2_label_asym_id 
_pdbx_struct_sheet_hbond.range_2_label_seq_id 
_pdbx_struct_sheet_hbond.range_2_PDB_ins_code 
_pdbx_struct_sheet_hbond.range_2_auth_atom_id 
_pdbx_struct_sheet_hbond.range_2_auth_comp_id 
_pdbx_struct_sheet_hbond.range_2_auth_asym_id 
_pdbx_struct_sheet_hbond.range_2_auth_seq_id 
A 1 2 N CYS A 6  ? N CYS A 6  O ASN A 9   ? O ASN A 9   
B 1 2 N TYR A 42 ? N TYR A 42 O TYR A 56  ? O TYR A 56  
B 2 3 O TRP A 59 ? O TRP A 59 N VAL A 78  ? N VAL A 78  
B 3 4 O VAL A 79 ? O VAL A 79 N ALA A 87  ? N ALA A 87  
B 4 5 N THR A 91 ? N THR A 91 O VAL A 101 ? O VAL A 101 
# 
loop_
_struct_site.id 
_struct_site.pdbx_evidence_code 
_struct_site.pdbx_auth_asym_id 
_struct_site.pdbx_auth_comp_id 
_struct_site.pdbx_auth_seq_id 
_struct_site.pdbx_auth_ins_code 
_struct_site.pdbx_num_residues 
_struct_site.details 
AC1 Software A SR  105 ? 7  'BINDING SITE FOR RESIDUE SR A 105'  
AC2 Software A 2GP 106 ? 14 'BINDING SITE FOR RESIDUE 2GP A 106' 
# 
loop_
_struct_site_gen.id 
_struct_site_gen.site_id 
_struct_site_gen.pdbx_num_res 
_struct_site_gen.label_comp_id 
_struct_site_gen.label_asym_id 
_struct_site_gen.label_seq_id 
_struct_site_gen.pdbx_auth_ins_code 
_struct_site_gen.auth_comp_id 
_struct_site_gen.auth_asym_id 
_struct_site_gen.auth_seq_id 
_struct_site_gen.label_atom_id 
_struct_site_gen.label_alt_id 
_struct_site_gen.symmetry 
_struct_site_gen.details 
1  AC1 7  ASP A 15  ? ASP A 15  . ? 1_555 ? 
2  AC1 7  HOH D .   ? HOH A 201 . ? 1_555 ? 
3  AC1 7  HOH D .   ? HOH A 202 . ? 1_555 ? 
4  AC1 7  HOH D .   ? HOH A 203 . ? 1_555 ? 
5  AC1 7  HOH D .   ? HOH A 204 . ? 1_555 ? 
6  AC1 7  HOH D .   ? HOH A 205 . ? 1_555 ? 
7  AC1 7  HOH D .   ? HOH A 207 . ? 1_555 ? 
8  AC2 14 TYR A 38  ? TYR A 38  . ? 1_555 ? 
9  AC2 14 HIS A 40  ? HIS A 40  . ? 1_555 ? 
10 AC2 14 LYS A 41  ? LYS A 41  . ? 1_555 ? 
11 AC2 14 TYR A 42  ? TYR A 42  . ? 1_555 ? 
12 AC2 14 ASN A 43  ? ASN A 43  . ? 1_555 ? 
13 AC2 14 ASN A 44  ? ASN A 44  . ? 1_555 ? 
14 AC2 14 TYR A 45  ? TYR A 45  . ? 1_555 ? 
15 AC2 14 GLU A 46  ? GLU A 46  . ? 1_555 ? 
16 AC2 14 GLU A 58  ? GLU A 58  . ? 1_555 ? 
17 AC2 14 ASN A 98  ? ASN A 98  . ? 1_555 ? 
18 AC2 14 PHE A 100 ? PHE A 100 . ? 1_555 ? 
19 AC2 14 HOH D .   ? HOH A 244 . ? 1_555 ? 
20 AC2 14 HOH D .   ? HOH A 245 . ? 1_555 ? 
21 AC2 14 HOH D .   ? HOH A 264 . ? 1_555 ? 
# 
_pdbx_entry_details.entry_id                   1HYF 
_pdbx_entry_details.compound_details           ? 
_pdbx_entry_details.source_details             ? 
_pdbx_entry_details.nonpolymer_details         ? 
_pdbx_entry_details.sequence_details           ? 
_pdbx_entry_details.has_ligand_of_interest     ? 
_pdbx_entry_details.has_protein_modification   Y 
# 
loop_
_chem_comp_atom.comp_id 
_chem_comp_atom.atom_id 
_chem_comp_atom.type_symbol 
_chem_comp_atom.pdbx_aromatic_flag 
_chem_comp_atom.pdbx_stereo_config 
_chem_comp_atom.pdbx_ordinal 
2GP P      P  N N 1   
2GP O1P    O  N N 2   
2GP O2P    O  N N 3   
2GP O3P    O  N N 4   
2GP "O5'"  O  N N 5   
2GP "C5'"  C  N N 6   
2GP "C4'"  C  N R 7   
2GP "O4'"  O  N N 8   
2GP "C3'"  C  N R 9   
2GP "O3'"  O  N N 10  
2GP "C2'"  C  N R 11  
2GP "O2'"  O  N N 12  
2GP "C1'"  C  N R 13  
2GP N9     N  Y N 14  
2GP C8     C  Y N 15  
2GP N7     N  Y N 16  
2GP C5     C  Y N 17  
2GP C6     C  N N 18  
2GP O6     O  N N 19  
2GP N1     N  N N 20  
2GP C2     C  N N 21  
2GP N2     N  N N 22  
2GP N3     N  N N 23  
2GP C4     C  Y N 24  
2GP HOP2   H  N N 25  
2GP HOP3   H  N N 26  
2GP "HO5'" H  N N 27  
2GP "H5'1" H  N N 28  
2GP "H5'2" H  N N 29  
2GP "H4'"  H  N N 30  
2GP "H3'"  H  N N 31  
2GP "HO3'" H  N N 32  
2GP "H2'"  H  N N 33  
2GP "H1'"  H  N N 34  
2GP H8     H  N N 35  
2GP HN1    H  N N 36  
2GP HN21   H  N N 37  
2GP HN22   H  N N 38  
ALA N      N  N N 39  
ALA CA     C  N S 40  
ALA C      C  N N 41  
ALA O      O  N N 42  
ALA CB     C  N N 43  
ALA OXT    O  N N 44  
ALA H      H  N N 45  
ALA H2     H  N N 46  
ALA HA     H  N N 47  
ALA HB1    H  N N 48  
ALA HB2    H  N N 49  
ALA HB3    H  N N 50  
ALA HXT    H  N N 51  
ARG N      N  N N 52  
ARG CA     C  N S 53  
ARG C      C  N N 54  
ARG O      O  N N 55  
ARG CB     C  N N 56  
ARG CG     C  N N 57  
ARG CD     C  N N 58  
ARG NE     N  N N 59  
ARG CZ     C  N N 60  
ARG NH1    N  N N 61  
ARG NH2    N  N N 62  
ARG OXT    O  N N 63  
ARG H      H  N N 64  
ARG H2     H  N N 65  
ARG HA     H  N N 66  
ARG HB2    H  N N 67  
ARG HB3    H  N N 68  
ARG HG2    H  N N 69  
ARG HG3    H  N N 70  
ARG HD2    H  N N 71  
ARG HD3    H  N N 72  
ARG HE     H  N N 73  
ARG HH11   H  N N 74  
ARG HH12   H  N N 75  
ARG HH21   H  N N 76  
ARG HH22   H  N N 77  
ARG HXT    H  N N 78  
ASN N      N  N N 79  
ASN CA     C  N S 80  
ASN C      C  N N 81  
ASN O      O  N N 82  
ASN CB     C  N N 83  
ASN CG     C  N N 84  
ASN OD1    O  N N 85  
ASN ND2    N  N N 86  
ASN OXT    O  N N 87  
ASN H      H  N N 88  
ASN H2     H  N N 89  
ASN HA     H  N N 90  
ASN HB2    H  N N 91  
ASN HB3    H  N N 92  
ASN HD21   H  N N 93  
ASN HD22   H  N N 94  
ASN HXT    H  N N 95  
ASP N      N  N N 96  
ASP CA     C  N S 97  
ASP C      C  N N 98  
ASP O      O  N N 99  
ASP CB     C  N N 100 
ASP CG     C  N N 101 
ASP OD1    O  N N 102 
ASP OD2    O  N N 103 
ASP OXT    O  N N 104 
ASP H      H  N N 105 
ASP H2     H  N N 106 
ASP HA     H  N N 107 
ASP HB2    H  N N 108 
ASP HB3    H  N N 109 
ASP HD2    H  N N 110 
ASP HXT    H  N N 111 
CYS N      N  N N 112 
CYS CA     C  N R 113 
CYS C      C  N N 114 
CYS O      O  N N 115 
CYS CB     C  N N 116 
CYS SG     S  N N 117 
CYS OXT    O  N N 118 
CYS H      H  N N 119 
CYS H2     H  N N 120 
CYS HA     H  N N 121 
CYS HB2    H  N N 122 
CYS HB3    H  N N 123 
CYS HG     H  N N 124 
CYS HXT    H  N N 125 
GLN N      N  N N 126 
GLN CA     C  N S 127 
GLN C      C  N N 128 
GLN O      O  N N 129 
GLN CB     C  N N 130 
GLN CG     C  N N 131 
GLN CD     C  N N 132 
GLN OE1    O  N N 133 
GLN NE2    N  N N 134 
GLN OXT    O  N N 135 
GLN H      H  N N 136 
GLN H2     H  N N 137 
GLN HA     H  N N 138 
GLN HB2    H  N N 139 
GLN HB3    H  N N 140 
GLN HG2    H  N N 141 
GLN HG3    H  N N 142 
GLN HE21   H  N N 143 
GLN HE22   H  N N 144 
GLN HXT    H  N N 145 
GLU N      N  N N 146 
GLU CA     C  N S 147 
GLU C      C  N N 148 
GLU O      O  N N 149 
GLU CB     C  N N 150 
GLU CG     C  N N 151 
GLU CD     C  N N 152 
GLU OE1    O  N N 153 
GLU OE2    O  N N 154 
GLU OXT    O  N N 155 
GLU H      H  N N 156 
GLU H2     H  N N 157 
GLU HA     H  N N 158 
GLU HB2    H  N N 159 
GLU HB3    H  N N 160 
GLU HG2    H  N N 161 
GLU HG3    H  N N 162 
GLU HE2    H  N N 163 
GLU HXT    H  N N 164 
GLY N      N  N N 165 
GLY CA     C  N N 166 
GLY C      C  N N 167 
GLY O      O  N N 168 
GLY OXT    O  N N 169 
GLY H      H  N N 170 
GLY H2     H  N N 171 
GLY HA2    H  N N 172 
GLY HA3    H  N N 173 
GLY HXT    H  N N 174 
HIS N      N  N N 175 
HIS CA     C  N S 176 
HIS C      C  N N 177 
HIS O      O  N N 178 
HIS CB     C  N N 179 
HIS CG     C  Y N 180 
HIS ND1    N  Y N 181 
HIS CD2    C  Y N 182 
HIS CE1    C  Y N 183 
HIS NE2    N  Y N 184 
HIS OXT    O  N N 185 
HIS H      H  N N 186 
HIS H2     H  N N 187 
HIS HA     H  N N 188 
HIS HB2    H  N N 189 
HIS HB3    H  N N 190 
HIS HD1    H  N N 191 
HIS HD2    H  N N 192 
HIS HE1    H  N N 193 
HIS HE2    H  N N 194 
HIS HXT    H  N N 195 
HOH O      O  N N 196 
HOH H1     H  N N 197 
HOH H2     H  N N 198 
ILE N      N  N N 199 
ILE CA     C  N S 200 
ILE C      C  N N 201 
ILE O      O  N N 202 
ILE CB     C  N S 203 
ILE CG1    C  N N 204 
ILE CG2    C  N N 205 
ILE CD1    C  N N 206 
ILE OXT    O  N N 207 
ILE H      H  N N 208 
ILE H2     H  N N 209 
ILE HA     H  N N 210 
ILE HB     H  N N 211 
ILE HG12   H  N N 212 
ILE HG13   H  N N 213 
ILE HG21   H  N N 214 
ILE HG22   H  N N 215 
ILE HG23   H  N N 216 
ILE HD11   H  N N 217 
ILE HD12   H  N N 218 
ILE HD13   H  N N 219 
ILE HXT    H  N N 220 
LEU N      N  N N 221 
LEU CA     C  N S 222 
LEU C      C  N N 223 
LEU O      O  N N 224 
LEU CB     C  N N 225 
LEU CG     C  N N 226 
LEU CD1    C  N N 227 
LEU CD2    C  N N 228 
LEU OXT    O  N N 229 
LEU H      H  N N 230 
LEU H2     H  N N 231 
LEU HA     H  N N 232 
LEU HB2    H  N N 233 
LEU HB3    H  N N 234 
LEU HG     H  N N 235 
LEU HD11   H  N N 236 
LEU HD12   H  N N 237 
LEU HD13   H  N N 238 
LEU HD21   H  N N 239 
LEU HD22   H  N N 240 
LEU HD23   H  N N 241 
LEU HXT    H  N N 242 
LYS N      N  N N 243 
LYS CA     C  N S 244 
LYS C      C  N N 245 
LYS O      O  N N 246 
LYS CB     C  N N 247 
LYS CG     C  N N 248 
LYS CD     C  N N 249 
LYS CE     C  N N 250 
LYS NZ     N  N N 251 
LYS OXT    O  N N 252 
LYS H      H  N N 253 
LYS H2     H  N N 254 
LYS HA     H  N N 255 
LYS HB2    H  N N 256 
LYS HB3    H  N N 257 
LYS HG2    H  N N 258 
LYS HG3    H  N N 259 
LYS HD2    H  N N 260 
LYS HD3    H  N N 261 
LYS HE2    H  N N 262 
LYS HE3    H  N N 263 
LYS HZ1    H  N N 264 
LYS HZ2    H  N N 265 
LYS HZ3    H  N N 266 
LYS HXT    H  N N 267 
PHE N      N  N N 268 
PHE CA     C  N S 269 
PHE C      C  N N 270 
PHE O      O  N N 271 
PHE CB     C  N N 272 
PHE CG     C  Y N 273 
PHE CD1    C  Y N 274 
PHE CD2    C  Y N 275 
PHE CE1    C  Y N 276 
PHE CE2    C  Y N 277 
PHE CZ     C  Y N 278 
PHE OXT    O  N N 279 
PHE H      H  N N 280 
PHE H2     H  N N 281 
PHE HA     H  N N 282 
PHE HB2    H  N N 283 
PHE HB3    H  N N 284 
PHE HD1    H  N N 285 
PHE HD2    H  N N 286 
PHE HE1    H  N N 287 
PHE HE2    H  N N 288 
PHE HZ     H  N N 289 
PHE HXT    H  N N 290 
PRO N      N  N N 291 
PRO CA     C  N S 292 
PRO C      C  N N 293 
PRO O      O  N N 294 
PRO CB     C  N N 295 
PRO CG     C  N N 296 
PRO CD     C  N N 297 
PRO OXT    O  N N 298 
PRO H      H  N N 299 
PRO HA     H  N N 300 
PRO HB2    H  N N 301 
PRO HB3    H  N N 302 
PRO HG2    H  N N 303 
PRO HG3    H  N N 304 
PRO HD2    H  N N 305 
PRO HD3    H  N N 306 
PRO HXT    H  N N 307 
SER N      N  N N 308 
SER CA     C  N S 309 
SER C      C  N N 310 
SER O      O  N N 311 
SER CB     C  N N 312 
SER OG     O  N N 313 
SER OXT    O  N N 314 
SER H      H  N N 315 
SER H2     H  N N 316 
SER HA     H  N N 317 
SER HB2    H  N N 318 
SER HB3    H  N N 319 
SER HG     H  N N 320 
SER HXT    H  N N 321 
SR  SR     SR N N 322 
THR N      N  N N 323 
THR CA     C  N S 324 
THR C      C  N N 325 
THR O      O  N N 326 
THR CB     C  N R 327 
THR OG1    O  N N 328 
THR CG2    C  N N 329 
THR OXT    O  N N 330 
THR H      H  N N 331 
THR H2     H  N N 332 
THR HA     H  N N 333 
THR HB     H  N N 334 
THR HG1    H  N N 335 
THR HG21   H  N N 336 
THR HG22   H  N N 337 
THR HG23   H  N N 338 
THR HXT    H  N N 339 
TRP N      N  N N 340 
TRP CA     C  N S 341 
TRP C      C  N N 342 
TRP O      O  N N 343 
TRP CB     C  N N 344 
TRP CG     C  Y N 345 
TRP CD1    C  Y N 346 
TRP CD2    C  Y N 347 
TRP NE1    N  Y N 348 
TRP CE2    C  Y N 349 
TRP CE3    C  Y N 350 
TRP CZ2    C  Y N 351 
TRP CZ3    C  Y N 352 
TRP CH2    C  Y N 353 
TRP OXT    O  N N 354 
TRP H      H  N N 355 
TRP H2     H  N N 356 
TRP HA     H  N N 357 
TRP HB2    H  N N 358 
TRP HB3    H  N N 359 
TRP HD1    H  N N 360 
TRP HE1    H  N N 361 
TRP HE3    H  N N 362 
TRP HZ2    H  N N 363 
TRP HZ3    H  N N 364 
TRP HH2    H  N N 365 
TRP HXT    H  N N 366 
TYR N      N  N N 367 
TYR CA     C  N S 368 
TYR C      C  N N 369 
TYR O      O  N N 370 
TYR CB     C  N N 371 
TYR CG     C  Y N 372 
TYR CD1    C  Y N 373 
TYR CD2    C  Y N 374 
TYR CE1    C  Y N 375 
TYR CE2    C  Y N 376 
TYR CZ     C  Y N 377 
TYR OH     O  N N 378 
TYR OXT    O  N N 379 
TYR H      H  N N 380 
TYR H2     H  N N 381 
TYR HA     H  N N 382 
TYR HB2    H  N N 383 
TYR HB3    H  N N 384 
TYR HD1    H  N N 385 
TYR HD2    H  N N 386 
TYR HE1    H  N N 387 
TYR HE2    H  N N 388 
TYR HH     H  N N 389 
TYR HXT    H  N N 390 
VAL N      N  N N 391 
VAL CA     C  N S 392 
VAL C      C  N N 393 
VAL O      O  N N 394 
VAL CB     C  N N 395 
VAL CG1    C  N N 396 
VAL CG2    C  N N 397 
VAL OXT    O  N N 398 
VAL H      H  N N 399 
VAL H2     H  N N 400 
VAL HA     H  N N 401 
VAL HB     H  N N 402 
VAL HG11   H  N N 403 
VAL HG12   H  N N 404 
VAL HG13   H  N N 405 
VAL HG21   H  N N 406 
VAL HG22   H  N N 407 
VAL HG23   H  N N 408 
VAL HXT    H  N N 409 
# 
loop_
_chem_comp_bond.comp_id 
_chem_comp_bond.atom_id_1 
_chem_comp_bond.atom_id_2 
_chem_comp_bond.value_order 
_chem_comp_bond.pdbx_aromatic_flag 
_chem_comp_bond.pdbx_stereo_config 
_chem_comp_bond.pdbx_ordinal 
2GP P     O1P    doub N N 1   
2GP P     O2P    sing N N 2   
2GP P     O3P    sing N N 3   
2GP P     "O2'"  sing N N 4   
2GP O2P   HOP2   sing N N 5   
2GP O3P   HOP3   sing N N 6   
2GP "O5'" "C5'"  sing N N 7   
2GP "O5'" "HO5'" sing N N 8   
2GP "C5'" "C4'"  sing N N 9   
2GP "C5'" "H5'1" sing N N 10  
2GP "C5'" "H5'2" sing N N 11  
2GP "C4'" "O4'"  sing N N 12  
2GP "C4'" "C3'"  sing N N 13  
2GP "C4'" "H4'"  sing N N 14  
2GP "O4'" "C1'"  sing N N 15  
2GP "C3'" "O3'"  sing N N 16  
2GP "C3'" "C2'"  sing N N 17  
2GP "C3'" "H3'"  sing N N 18  
2GP "O3'" "HO3'" sing N N 19  
2GP "C2'" "O2'"  sing N N 20  
2GP "C2'" "C1'"  sing N N 21  
2GP "C2'" "H2'"  sing N N 22  
2GP "C1'" N9     sing N N 23  
2GP "C1'" "H1'"  sing N N 24  
2GP N9    C8     sing Y N 25  
2GP N9    C4     sing Y N 26  
2GP C8    N7     doub Y N 27  
2GP C8    H8     sing N N 28  
2GP N7    C5     sing Y N 29  
2GP C5    C6     sing N N 30  
2GP C5    C4     doub Y N 31  
2GP C6    O6     doub N N 32  
2GP C6    N1     sing N N 33  
2GP N1    C2     sing N N 34  
2GP N1    HN1    sing N N 35  
2GP C2    N2     sing N N 36  
2GP C2    N3     doub N N 37  
2GP N2    HN21   sing N N 38  
2GP N2    HN22   sing N N 39  
2GP N3    C4     sing N N 40  
ALA N     CA     sing N N 41  
ALA N     H      sing N N 42  
ALA N     H2     sing N N 43  
ALA CA    C      sing N N 44  
ALA CA    CB     sing N N 45  
ALA CA    HA     sing N N 46  
ALA C     O      doub N N 47  
ALA C     OXT    sing N N 48  
ALA CB    HB1    sing N N 49  
ALA CB    HB2    sing N N 50  
ALA CB    HB3    sing N N 51  
ALA OXT   HXT    sing N N 52  
ARG N     CA     sing N N 53  
ARG N     H      sing N N 54  
ARG N     H2     sing N N 55  
ARG CA    C      sing N N 56  
ARG CA    CB     sing N N 57  
ARG CA    HA     sing N N 58  
ARG C     O      doub N N 59  
ARG C     OXT    sing N N 60  
ARG CB    CG     sing N N 61  
ARG CB    HB2    sing N N 62  
ARG CB    HB3    sing N N 63  
ARG CG    CD     sing N N 64  
ARG CG    HG2    sing N N 65  
ARG CG    HG3    sing N N 66  
ARG CD    NE     sing N N 67  
ARG CD    HD2    sing N N 68  
ARG CD    HD3    sing N N 69  
ARG NE    CZ     sing N N 70  
ARG NE    HE     sing N N 71  
ARG CZ    NH1    sing N N 72  
ARG CZ    NH2    doub N N 73  
ARG NH1   HH11   sing N N 74  
ARG NH1   HH12   sing N N 75  
ARG NH2   HH21   sing N N 76  
ARG NH2   HH22   sing N N 77  
ARG OXT   HXT    sing N N 78  
ASN N     CA     sing N N 79  
ASN N     H      sing N N 80  
ASN N     H2     sing N N 81  
ASN CA    C      sing N N 82  
ASN CA    CB     sing N N 83  
ASN CA    HA     sing N N 84  
ASN C     O      doub N N 85  
ASN C     OXT    sing N N 86  
ASN CB    CG     sing N N 87  
ASN CB    HB2    sing N N 88  
ASN CB    HB3    sing N N 89  
ASN CG    OD1    doub N N 90  
ASN CG    ND2    sing N N 91  
ASN ND2   HD21   sing N N 92  
ASN ND2   HD22   sing N N 93  
ASN OXT   HXT    sing N N 94  
ASP N     CA     sing N N 95  
ASP N     H      sing N N 96  
ASP N     H2     sing N N 97  
ASP CA    C      sing N N 98  
ASP CA    CB     sing N N 99  
ASP CA    HA     sing N N 100 
ASP C     O      doub N N 101 
ASP C     OXT    sing N N 102 
ASP CB    CG     sing N N 103 
ASP CB    HB2    sing N N 104 
ASP CB    HB3    sing N N 105 
ASP CG    OD1    doub N N 106 
ASP CG    OD2    sing N N 107 
ASP OD2   HD2    sing N N 108 
ASP OXT   HXT    sing N N 109 
CYS N     CA     sing N N 110 
CYS N     H      sing N N 111 
CYS N     H2     sing N N 112 
CYS CA    C      sing N N 113 
CYS CA    CB     sing N N 114 
CYS CA    HA     sing N N 115 
CYS C     O      doub N N 116 
CYS C     OXT    sing N N 117 
CYS CB    SG     sing N N 118 
CYS CB    HB2    sing N N 119 
CYS CB    HB3    sing N N 120 
CYS SG    HG     sing N N 121 
CYS OXT   HXT    sing N N 122 
GLN N     CA     sing N N 123 
GLN N     H      sing N N 124 
GLN N     H2     sing N N 125 
GLN CA    C      sing N N 126 
GLN CA    CB     sing N N 127 
GLN CA    HA     sing N N 128 
GLN C     O      doub N N 129 
GLN C     OXT    sing N N 130 
GLN CB    CG     sing N N 131 
GLN CB    HB2    sing N N 132 
GLN CB    HB3    sing N N 133 
GLN CG    CD     sing N N 134 
GLN CG    HG2    sing N N 135 
GLN CG    HG3    sing N N 136 
GLN CD    OE1    doub N N 137 
GLN CD    NE2    sing N N 138 
GLN NE2   HE21   sing N N 139 
GLN NE2   HE22   sing N N 140 
GLN OXT   HXT    sing N N 141 
GLU N     CA     sing N N 142 
GLU N     H      sing N N 143 
GLU N     H2     sing N N 144 
GLU CA    C      sing N N 145 
GLU CA    CB     sing N N 146 
GLU CA    HA     sing N N 147 
GLU C     O      doub N N 148 
GLU C     OXT    sing N N 149 
GLU CB    CG     sing N N 150 
GLU CB    HB2    sing N N 151 
GLU CB    HB3    sing N N 152 
GLU CG    CD     sing N N 153 
GLU CG    HG2    sing N N 154 
GLU CG    HG3    sing N N 155 
GLU CD    OE1    doub N N 156 
GLU CD    OE2    sing N N 157 
GLU OE2   HE2    sing N N 158 
GLU OXT   HXT    sing N N 159 
GLY N     CA     sing N N 160 
GLY N     H      sing N N 161 
GLY N     H2     sing N N 162 
GLY CA    C      sing N N 163 
GLY CA    HA2    sing N N 164 
GLY CA    HA3    sing N N 165 
GLY C     O      doub N N 166 
GLY C     OXT    sing N N 167 
GLY OXT   HXT    sing N N 168 
HIS N     CA     sing N N 169 
HIS N     H      sing N N 170 
HIS N     H2     sing N N 171 
HIS CA    C      sing N N 172 
HIS CA    CB     sing N N 173 
HIS CA    HA     sing N N 174 
HIS C     O      doub N N 175 
HIS C     OXT    sing N N 176 
HIS CB    CG     sing N N 177 
HIS CB    HB2    sing N N 178 
HIS CB    HB3    sing N N 179 
HIS CG    ND1    sing Y N 180 
HIS CG    CD2    doub Y N 181 
HIS ND1   CE1    doub Y N 182 
HIS ND1   HD1    sing N N 183 
HIS CD2   NE2    sing Y N 184 
HIS CD2   HD2    sing N N 185 
HIS CE1   NE2    sing Y N 186 
HIS CE1   HE1    sing N N 187 
HIS NE2   HE2    sing N N 188 
HIS OXT   HXT    sing N N 189 
HOH O     H1     sing N N 190 
HOH O     H2     sing N N 191 
ILE N     CA     sing N N 192 
ILE N     H      sing N N 193 
ILE N     H2     sing N N 194 
ILE CA    C      sing N N 195 
ILE CA    CB     sing N N 196 
ILE CA    HA     sing N N 197 
ILE C     O      doub N N 198 
ILE C     OXT    sing N N 199 
ILE CB    CG1    sing N N 200 
ILE CB    CG2    sing N N 201 
ILE CB    HB     sing N N 202 
ILE CG1   CD1    sing N N 203 
ILE CG1   HG12   sing N N 204 
ILE CG1   HG13   sing N N 205 
ILE CG2   HG21   sing N N 206 
ILE CG2   HG22   sing N N 207 
ILE CG2   HG23   sing N N 208 
ILE CD1   HD11   sing N N 209 
ILE CD1   HD12   sing N N 210 
ILE CD1   HD13   sing N N 211 
ILE OXT   HXT    sing N N 212 
LEU N     CA     sing N N 213 
LEU N     H      sing N N 214 
LEU N     H2     sing N N 215 
LEU CA    C      sing N N 216 
LEU CA    CB     sing N N 217 
LEU CA    HA     sing N N 218 
LEU C     O      doub N N 219 
LEU C     OXT    sing N N 220 
LEU CB    CG     sing N N 221 
LEU CB    HB2    sing N N 222 
LEU CB    HB3    sing N N 223 
LEU CG    CD1    sing N N 224 
LEU CG    CD2    sing N N 225 
LEU CG    HG     sing N N 226 
LEU CD1   HD11   sing N N 227 
LEU CD1   HD12   sing N N 228 
LEU CD1   HD13   sing N N 229 
LEU CD2   HD21   sing N N 230 
LEU CD2   HD22   sing N N 231 
LEU CD2   HD23   sing N N 232 
LEU OXT   HXT    sing N N 233 
LYS N     CA     sing N N 234 
LYS N     H      sing N N 235 
LYS N     H2     sing N N 236 
LYS CA    C      sing N N 237 
LYS CA    CB     sing N N 238 
LYS CA    HA     sing N N 239 
LYS C     O      doub N N 240 
LYS C     OXT    sing N N 241 
LYS CB    CG     sing N N 242 
LYS CB    HB2    sing N N 243 
LYS CB    HB3    sing N N 244 
LYS CG    CD     sing N N 245 
LYS CG    HG2    sing N N 246 
LYS CG    HG3    sing N N 247 
LYS CD    CE     sing N N 248 
LYS CD    HD2    sing N N 249 
LYS CD    HD3    sing N N 250 
LYS CE    NZ     sing N N 251 
LYS CE    HE2    sing N N 252 
LYS CE    HE3    sing N N 253 
LYS NZ    HZ1    sing N N 254 
LYS NZ    HZ2    sing N N 255 
LYS NZ    HZ3    sing N N 256 
LYS OXT   HXT    sing N N 257 
PHE N     CA     sing N N 258 
PHE N     H      sing N N 259 
PHE N     H2     sing N N 260 
PHE CA    C      sing N N 261 
PHE CA    CB     sing N N 262 
PHE CA    HA     sing N N 263 
PHE C     O      doub N N 264 
PHE C     OXT    sing N N 265 
PHE CB    CG     sing N N 266 
PHE CB    HB2    sing N N 267 
PHE CB    HB3    sing N N 268 
PHE CG    CD1    doub Y N 269 
PHE CG    CD2    sing Y N 270 
PHE CD1   CE1    sing Y N 271 
PHE CD1   HD1    sing N N 272 
PHE CD2   CE2    doub Y N 273 
PHE CD2   HD2    sing N N 274 
PHE CE1   CZ     doub Y N 275 
PHE CE1   HE1    sing N N 276 
PHE CE2   CZ     sing Y N 277 
PHE CE2   HE2    sing N N 278 
PHE CZ    HZ     sing N N 279 
PHE OXT   HXT    sing N N 280 
PRO N     CA     sing N N 281 
PRO N     CD     sing N N 282 
PRO N     H      sing N N 283 
PRO CA    C      sing N N 284 
PRO CA    CB     sing N N 285 
PRO CA    HA     sing N N 286 
PRO C     O      doub N N 287 
PRO C     OXT    sing N N 288 
PRO CB    CG     sing N N 289 
PRO CB    HB2    sing N N 290 
PRO CB    HB3    sing N N 291 
PRO CG    CD     sing N N 292 
PRO CG    HG2    sing N N 293 
PRO CG    HG3    sing N N 294 
PRO CD    HD2    sing N N 295 
PRO CD    HD3    sing N N 296 
PRO OXT   HXT    sing N N 297 
SER N     CA     sing N N 298 
SER N     H      sing N N 299 
SER N     H2     sing N N 300 
SER CA    C      sing N N 301 
SER CA    CB     sing N N 302 
SER CA    HA     sing N N 303 
SER C     O      doub N N 304 
SER C     OXT    sing N N 305 
SER CB    OG     sing N N 306 
SER CB    HB2    sing N N 307 
SER CB    HB3    sing N N 308 
SER OG    HG     sing N N 309 
SER OXT   HXT    sing N N 310 
THR N     CA     sing N N 311 
THR N     H      sing N N 312 
THR N     H2     sing N N 313 
THR CA    C      sing N N 314 
THR CA    CB     sing N N 315 
THR CA    HA     sing N N 316 
THR C     O      doub N N 317 
THR C     OXT    sing N N 318 
THR CB    OG1    sing N N 319 
THR CB    CG2    sing N N 320 
THR CB    HB     sing N N 321 
THR OG1   HG1    sing N N 322 
THR CG2   HG21   sing N N 323 
THR CG2   HG22   sing N N 324 
THR CG2   HG23   sing N N 325 
THR OXT   HXT    sing N N 326 
TRP N     CA     sing N N 327 
TRP N     H      sing N N 328 
TRP N     H2     sing N N 329 
TRP CA    C      sing N N 330 
TRP CA    CB     sing N N 331 
TRP CA    HA     sing N N 332 
TRP C     O      doub N N 333 
TRP C     OXT    sing N N 334 
TRP CB    CG     sing N N 335 
TRP CB    HB2    sing N N 336 
TRP CB    HB3    sing N N 337 
TRP CG    CD1    doub Y N 338 
TRP CG    CD2    sing Y N 339 
TRP CD1   NE1    sing Y N 340 
TRP CD1   HD1    sing N N 341 
TRP CD2   CE2    doub Y N 342 
TRP CD2   CE3    sing Y N 343 
TRP NE1   CE2    sing Y N 344 
TRP NE1   HE1    sing N N 345 
TRP CE2   CZ2    sing Y N 346 
TRP CE3   CZ3    doub Y N 347 
TRP CE3   HE3    sing N N 348 
TRP CZ2   CH2    doub Y N 349 
TRP CZ2   HZ2    sing N N 350 
TRP CZ3   CH2    sing Y N 351 
TRP CZ3   HZ3    sing N N 352 
TRP CH2   HH2    sing N N 353 
TRP OXT   HXT    sing N N 354 
TYR N     CA     sing N N 355 
TYR N     H      sing N N 356 
TYR N     H2     sing N N 357 
TYR CA    C      sing N N 358 
TYR CA    CB     sing N N 359 
TYR CA    HA     sing N N 360 
TYR C     O      doub N N 361 
TYR C     OXT    sing N N 362 
TYR CB    CG     sing N N 363 
TYR CB    HB2    sing N N 364 
TYR CB    HB3    sing N N 365 
TYR CG    CD1    doub Y N 366 
TYR CG    CD2    sing Y N 367 
TYR CD1   CE1    sing Y N 368 
TYR CD1   HD1    sing N N 369 
TYR CD2   CE2    doub Y N 370 
TYR CD2   HD2    sing N N 371 
TYR CE1   CZ     doub Y N 372 
TYR CE1   HE1    sing N N 373 
TYR CE2   CZ     sing Y N 374 
TYR CE2   HE2    sing N N 375 
TYR CZ    OH     sing N N 376 
TYR OH    HH     sing N N 377 
TYR OXT   HXT    sing N N 378 
VAL N     CA     sing N N 379 
VAL N     H      sing N N 380 
VAL N     H2     sing N N 381 
VAL CA    C      sing N N 382 
VAL CA    CB     sing N N 383 
VAL CA    HA     sing N N 384 
VAL C     O      doub N N 385 
VAL C     OXT    sing N N 386 
VAL CB    CG1    sing N N 387 
VAL CB    CG2    sing N N 388 
VAL CB    HB     sing N N 389 
VAL CG1   HG11   sing N N 390 
VAL CG1   HG12   sing N N 391 
VAL CG1   HG13   sing N N 392 
VAL CG2   HG21   sing N N 393 
VAL CG2   HG22   sing N N 394 
VAL CG2   HG23   sing N N 395 
VAL OXT   HXT    sing N N 396 
# 
_atom_sites.entry_id                    1HYF 
_atom_sites.fract_transf_matrix[1][1]   -0.00227008 
_atom_sites.fract_transf_matrix[1][2]   0.02129888 
_atom_sites.fract_transf_matrix[1][3]   -0.01235030 
_atom_sites.fract_transf_matrix[2][1]   -0.01274657 
_atom_sites.fract_transf_matrix[2][2]   0.00746164 
_atom_sites.fract_transf_matrix[2][3]   0.01521098 
_atom_sites.fract_transf_matrix[3][1]   0.01584681 
_atom_sites.fract_transf_matrix[3][2]   0.00730988 
_atom_sites.fract_transf_matrix[3][3]   0.00969358 
_atom_sites.fract_transf_vector[1]      0.277571 
_atom_sites.fract_transf_vector[2]      0.320353 
_atom_sites.fract_transf_vector[3]      0.259592 
# 
loop_
_atom_type.symbol 
C  
N  
O  
P  
S  
SR 
# 
loop_
_atom_site.group_PDB 
_atom_site.id 
_atom_site.type_symbol 
_atom_site.label_atom_id 
_atom_site.label_alt_id 
_atom_site.label_comp_id 
_atom_site.label_asym_id 
_atom_site.label_entity_id 
_atom_site.label_seq_id 
_atom_site.pdbx_PDB_ins_code 
_atom_site.Cartn_x 
_atom_site.Cartn_y 
_atom_site.Cartn_z 
_atom_site.occupancy 
_atom_site.B_iso_or_equiv 
_atom_site.pdbx_formal_charge 
_atom_site.auth_seq_id 
_atom_site.auth_comp_id 
_atom_site.auth_asym_id 
_atom_site.auth_atom_id 
_atom_site.pdbx_PDB_model_num 
ATOM   1   N  N     . ALA A 1 1   ? 19.804  -2.652  5.683   1.00 17.61 ? 1   ALA A N     1 
ATOM   2   C  CA    . ALA A 1 1   ? 19.311  -1.941  4.467   1.00 17.75 ? 1   ALA A CA    1 
ATOM   3   C  C     . ALA A 1 1   ? 17.806  -2.117  4.314   1.00 17.82 ? 1   ALA A C     1 
ATOM   4   O  O     . ALA A 1 1   ? 17.227  -3.068  4.834   1.00 18.23 ? 1   ALA A O     1 
ATOM   5   C  CB    . ALA A 1 1   ? 20.029  -2.469  3.227   1.00 18.38 ? 1   ALA A CB    1 
ATOM   6   N  N     . CYS A 1 2   ? 17.180  -1.195  3.588   1.00 17.38 ? 2   CYS A N     1 
ATOM   7   C  CA    . CYS A 1 2   ? 15.740  -1.237  3.363   1.00 17.54 ? 2   CYS A CA    1 
ATOM   8   C  C     . CYS A 1 2   ? 15.405  -2.004  2.095   1.00 17.37 ? 2   CYS A C     1 
ATOM   9   O  O     . CYS A 1 2   ? 16.098  -1.877  1.082   1.00 18.06 ? 2   CYS A O     1 
ATOM   10  C  CB    . CYS A 1 2   ? 15.195  0.181   3.189   1.00 17.01 ? 2   CYS A CB    1 
ATOM   11  S  SG    . CYS A 1 2   ? 15.744  1.370   4.444   1.00 18.45 ? 2   CYS A SG    1 
ATOM   12  N  N     . ASP A 1 3   ? 14.345  -2.800  2.147   1.00 17.24 ? 3   ASP A N     1 
ATOM   13  C  CA    . ASP A 1 3   ? 13.913  -3.515  0.956   1.00 18.03 ? 3   ASP A CA    1 
ATOM   14  C  C     . ASP A 1 3   ? 13.099  -2.521  0.135   1.00 17.89 ? 3   ASP A C     1 
ATOM   15  O  O     . ASP A 1 3   ? 13.090  -2.566  -1.094  1.00 18.55 ? 3   ASP A O     1 
ATOM   16  C  CB    . ASP A 1 3   ? 13.065  -4.735  1.322   1.00 18.37 ? 3   ASP A CB    1 
ATOM   17  C  CG    . ASP A 1 3   ? 13.888  -5.842  1.948   1.00 20.31 ? 3   ASP A CG    1 
ATOM   18  O  OD1   . ASP A 1 3   ? 14.886  -6.247  1.319   1.00 21.86 ? 3   ASP A OD1   1 
ATOM   19  O  OD2   . ASP A 1 3   ? 13.546  -6.311  3.050   1.00 19.73 ? 3   ASP A OD2   1 
ATOM   20  N  N     . TYR A 1 4   ? 12.421  -1.618  0.835   1.00 17.16 ? 4   TYR A N     1 
ATOM   21  C  CA    . TYR A 1 4   ? 11.619  -0.580  0.203   1.00 16.53 ? 4   TYR A CA    1 
ATOM   22  C  C     . TYR A 1 4   ? 11.920  0.731   0.908   1.00 16.07 ? 4   TYR A C     1 
ATOM   23  O  O     . TYR A 1 4   ? 11.854  0.811   2.138   1.00 16.13 ? 4   TYR A O     1 
ATOM   24  C  CB    . TYR A 1 4   ? 10.116  -0.880  0.340   1.00 17.01 ? 4   TYR A CB    1 
ATOM   25  C  CG    . TYR A 1 4   ? 9.673   -2.156  -0.327  1.00 17.31 ? 4   TYR A CG    1 
ATOM   26  C  CD1   . TYR A 1 4   ? 9.623   -2.260  -1.716  1.00 18.51 ? 4   TYR A CD1   1 
ATOM   27  C  CD2   . TYR A 1 4   ? 9.350   -3.279  0.430   1.00 17.97 ? 4   TYR A CD2   1 
ATOM   28  C  CE1   . TYR A 1 4   ? 9.266   -3.454  -2.332  1.00 19.02 ? 4   TYR A CE1   1 
ATOM   29  C  CE2   . TYR A 1 4   ? 8.994   -4.474  -0.171  1.00 18.58 ? 4   TYR A CE2   1 
ATOM   30  C  CZ    . TYR A 1 4   ? 8.955   -4.558  -1.551  1.00 19.29 ? 4   TYR A CZ    1 
ATOM   31  O  OH    . TYR A 1 4   ? 8.622   -5.750  -2.145  1.00 20.13 ? 4   TYR A OH    1 
ATOM   32  N  N     . THR A 1 5   ? 12.270  1.755   0.141   1.00 15.63 ? 5   THR A N     1 
ATOM   33  C  CA    . THR A 1 5   ? 12.540  3.056   0.732   1.00 15.52 ? 5   THR A CA    1 
ATOM   34  C  C     . THR A 1 5   ? 11.505  4.032   0.185   1.00 15.23 ? 5   THR A C     1 
ATOM   35  O  O     . THR A 1 5   ? 11.480  4.309   -1.012  1.00 15.65 ? 5   THR A O     1 
ATOM   36  C  CB    . THR A 1 5   ? 13.951  3.565   0.386   1.00 16.77 ? 5   THR A CB    1 
ATOM   37  O  OG1   . THR A 1 5   ? 14.928  2.627   0.853   1.00 16.86 ? 5   THR A OG1   1 
ATOM   38  C  CG2   . THR A 1 5   ? 14.199  4.906   1.047   1.00 17.08 ? 5   THR A CG2   1 
ATOM   39  N  N     . CYS A 1 6   ? 10.641  4.531   1.065   1.00 14.53 ? 6   CYS A N     1 
ATOM   40  C  CA    . CYS A 1 6   ? 9.595   5.475   0.681   1.00 14.54 ? 6   CYS A CA    1 
ATOM   41  C  C     . CYS A 1 6   ? 9.970   6.832   1.260   1.00 14.94 ? 6   CYS A C     1 
ATOM   42  O  O     . CYS A 1 6   ? 9.582   7.166   2.379   1.00 15.33 ? 6   CYS A O     1 
ATOM   43  C  CB    . CYS A 1 6   ? 8.248   5.036   1.256   1.00 15.05 ? 6   CYS A CB    1 
ATOM   44  S  SG    . CYS A 1 6   ? 7.661   3.401   0.710   1.00 14.96 ? 6   CYS A SG    1 
ATOM   45  N  N     . GLY A 1 7   ? 10.717  7.618   0.493   1.00 16.28 ? 7   GLY A N     1 
ATOM   46  C  CA    . GLY A 1 7   ? 11.144  8.904   1.002   1.00 17.35 ? 7   GLY A CA    1 
ATOM   47  C  C     . GLY A 1 7   ? 12.143  8.627   2.109   1.00 17.87 ? 7   GLY A C     1 
ATOM   48  O  O     . GLY A 1 7   ? 13.241  8.146   1.845   1.00 18.50 ? 7   GLY A O     1 
ATOM   49  N  N     . SER A 1 8   ? 11.756  8.911   3.348   1.00 19.00 ? 8   SER A N     1 
ATOM   50  C  CA    . SER A 1 8   ? 12.626  8.685   4.497   1.00 19.70 ? 8   SER A CA    1 
ATOM   51  C  C     . SER A 1 8   ? 12.229  7.435   5.285   1.00 19.34 ? 8   SER A C     1 
ATOM   52  O  O     . SER A 1 8   ? 12.930  7.040   6.220   1.00 20.47 ? 8   SER A O     1 
ATOM   53  C  CB    . SER A 1 8   ? 12.587  9.901   5.429   1.00 21.02 ? 8   SER A CB    1 
ATOM   54  O  OG    . SER A 1 8   ? 12.948  11.087  4.737   1.00 24.21 ? 8   SER A OG    1 
ATOM   55  N  N     . ASN A 1 9   ? 11.108  6.818   4.920   1.00 18.02 ? 9   ASN A N     1 
ATOM   56  C  CA    . ASN A 1 9   ? 10.659  5.617   5.620   1.00 16.99 ? 9   ASN A CA    1 
ATOM   57  C  C     . ASN A 1 9   ? 11.296  4.341   5.085   1.00 16.83 ? 9   ASN A C     1 
ATOM   58  O  O     . ASN A 1 9   ? 11.377  4.129   3.874   1.00 16.26 ? 9   ASN A O     1 
ATOM   59  C  CB    . ASN A 1 9   ? 9.133   5.507   5.583   1.00 16.12 ? 9   ASN A CB    1 
ATOM   60  C  CG    . ASN A 1 9   ? 8.460   6.603   6.385   1.00 17.23 ? 9   ASN A CG    1 
ATOM   61  O  OD1   . ASN A 1 9   ? 8.959   7.002   7.436   1.00 16.69 ? 9   ASN A OD1   1 
ATOM   62  N  ND2   . ASN A 1 9   ? 7.311   7.073   5.914   1.00 16.68 ? 9   ASN A ND2   1 
ATOM   63  N  N     . CYS A 1 10  ? 11.727  3.491   6.012   1.00 16.58 ? 10  CYS A N     1 
ATOM   64  C  CA    . CYS A 1 10  ? 12.409  2.238   5.694   1.00 16.14 ? 10  CYS A CA    1 
ATOM   65  C  C     . CYS A 1 10  ? 11.564  1.007   6.005   1.00 15.68 ? 10  CYS A C     1 
ATOM   66  O  O     . CYS A 1 10  ? 11.174  0.795   7.151   1.00 16.18 ? 10  CYS A O     1 
ATOM   67  C  CB    . CYS A 1 10  ? 13.698  2.172   6.509   1.00 16.26 ? 10  CYS A CB    1 
ATOM   68  S  SG    . CYS A 1 10  ? 14.803  0.783   6.136   1.00 17.11 ? 10  CYS A SG    1 
ATOM   69  N  N     . TYR A 1 11  ? 11.305  0.189   4.989   1.00 15.16 ? 11  TYR A N     1 
ATOM   70  C  CA    . TYR A 1 11  ? 10.508  -1.023  5.161   1.00 14.90 ? 11  TYR A CA    1 
ATOM   71  C  C     . TYR A 1 11  ? 11.246  -2.268  4.712   1.00 15.26 ? 11  TYR A C     1 
ATOM   72  O  O     . TYR A 1 11  ? 12.034  -2.230  3.767   1.00 15.09 ? 11  TYR A O     1 
ATOM   73  C  CB    . TYR A 1 11  ? 9.214   -0.937  4.354   1.00 14.30 ? 11  TYR A CB    1 
ATOM   74  C  CG    . TYR A 1 11  ? 8.334   0.209   4.756   1.00 13.80 ? 11  TYR A CG    1 
ATOM   75  C  CD1   . TYR A 1 11  ? 7.756   0.253   6.020   1.00 13.33 ? 11  TYR A CD1   1 
ATOM   76  C  CD2   . TYR A 1 11  ? 8.117   1.278   3.888   1.00 14.01 ? 11  TYR A CD2   1 
ATOM   77  C  CE1   . TYR A 1 11  ? 6.981   1.337   6.417   1.00 13.95 ? 11  TYR A CE1   1 
ATOM   78  C  CE2   . TYR A 1 11  ? 7.347   2.367   4.274   1.00 13.81 ? 11  TYR A CE2   1 
ATOM   79  C  CZ    . TYR A 1 11  ? 6.785   2.390   5.541   1.00 14.28 ? 11  TYR A CZ    1 
ATOM   80  O  OH    . TYR A 1 11  ? 6.044   3.475   5.938   1.00 14.17 ? 11  TYR A OH    1 
ATOM   81  N  N     . SER A 1 12  ? 10.978  -3.372  5.400   1.00 15.67 ? 12  SER A N     1 
ATOM   82  C  CA    . SER A 1 12  ? 11.566  -4.656  5.046   1.00 15.22 ? 12  SER A CA    1 
ATOM   83  C  C     . SER A 1 12  ? 10.454  -5.429  4.347   1.00 15.42 ? 12  SER A C     1 
ATOM   84  O  O     . SER A 1 12  ? 9.280   -5.050  4.414   1.00 15.30 ? 12  SER A O     1 
ATOM   85  C  CB    . SER A 1 12  ? 11.998  -5.422  6.296   1.00 14.99 ? 12  SER A CB    1 
ATOM   86  O  OG    . SER A 1 12  ? 10.872  -5.753  7.091   1.00 15.23 ? 12  SER A OG    1 
ATOM   87  N  N     . SER A 1 13  ? 10.814  -6.514  3.677   1.00 15.70 ? 13  SER A N     1 
ATOM   88  C  CA    . SER A 1 13  ? 9.819   -7.324  2.990   1.00 16.70 ? 13  SER A CA    1 
ATOM   89  C  C     . SER A 1 13  ? 8.769   -7.822  3.986   1.00 16.44 ? 13  SER A C     1 
ATOM   90  O  O     . SER A 1 13  ? 7.590   -7.942  3.648   1.00 16.49 ? 13  SER A O     1 
ATOM   91  C  CB    . SER A 1 13  ? 10.499  -8.505  2.298   1.00 17.90 ? 13  SER A CB    1 
ATOM   92  O  OG    . SER A 1 13  ? 11.133  -9.338  3.248   1.00 22.52 ? 13  SER A OG    1 
ATOM   93  N  N     . SER A 1 14  ? 9.192   -8.101  5.217   1.00 15.82 ? 14  SER A N     1 
ATOM   94  C  CA    . SER A 1 14  ? 8.262   -8.573  6.237   1.00 15.52 ? 14  SER A CA    1 
ATOM   95  C  C     . SER A 1 14  ? 7.232   -7.498  6.593   1.00 14.89 ? 14  SER A C     1 
ATOM   96  O  O     . SER A 1 14  ? 6.064   -7.813  6.851   1.00 14.25 ? 14  SER A O     1 
ATOM   97  C  CB    . SER A 1 14  ? 9.021   -9.033  7.493   1.00 16.80 ? 14  SER A CB    1 
ATOM   98  O  OG    . SER A 1 14  ? 9.802   -7.992  8.051   1.00 17.12 ? 14  SER A OG    1 
ATOM   99  N  N     . ASP A 1 15  ? 7.651   -6.235  6.602   1.00 13.88 ? 15  ASP A N     1 
ATOM   100 C  CA    . ASP A 1 15  ? 6.720   -5.145  6.895   1.00 14.05 ? 15  ASP A CA    1 
ATOM   101 C  C     . ASP A 1 15  ? 5.650   -5.116  5.805   1.00 13.65 ? 15  ASP A C     1 
ATOM   102 O  O     . ASP A 1 15  ? 4.465   -4.931  6.081   1.00 13.59 ? 15  ASP A O     1 
ATOM   103 C  CB    . ASP A 1 15  ? 7.413   -3.774  6.906   1.00 13.62 ? 15  ASP A CB    1 
ATOM   104 C  CG    . ASP A 1 15  ? 8.418   -3.615  8.035   1.00 14.77 ? 15  ASP A CG    1 
ATOM   105 O  OD1   . ASP A 1 15  ? 8.104   -3.978  9.188   1.00 15.80 ? 15  ASP A OD1   1 
ATOM   106 O  OD2   . ASP A 1 15  ? 9.515   -3.082  7.769   1.00 14.46 ? 15  ASP A OD2   1 
ATOM   107 N  N     . ALA A 1 16  ? 6.077   -5.285  4.558   1.00 14.05 ? 16  ALA A N     1 
ATOM   108 C  CA    . ALA A 1 16  ? 5.146   -5.268  3.435   1.00 14.49 ? 16  ALA A CA    1 
ATOM   109 C  C     . ALA A 1 16  ? 4.167   -6.438  3.513   1.00 15.58 ? 16  ALA A C     1 
ATOM   110 O  O     . ALA A 1 16  ? 2.970   -6.269  3.283   1.00 14.87 ? 16  ALA A O     1 
ATOM   111 C  CB    . ALA A 1 16  ? 5.916   -5.312  2.116   1.00 15.01 ? 16  ALA A CB    1 
ATOM   112 N  N     . SER A 1 17  ? 4.674   -7.623  3.840   1.00 15.86 ? 17  SER A N     1 
ATOM   113 C  CA    . SER A 1 17  ? 3.827   -8.805  3.935   1.00 16.68 ? 17  SER A CA    1 
ATOM   114 C  C     . SER A 1 17  ? 2.810   -8.716  5.061   1.00 16.52 ? 17  SER A C     1 
ATOM   115 O  O     . SER A 1 17  ? 1.683   -9.196  4.924   1.00 16.17 ? 17  SER A O     1 
ATOM   116 C  CB    . SER A 1 17  ? 4.684   -10.057 4.113   1.00 17.80 ? 17  SER A CB    1 
ATOM   117 O  OG    . SER A 1 17  ? 5.495   -10.261 2.973   1.00 22.06 ? 17  SER A OG    1 
ATOM   118 N  N     . THR A 1 18  ? 3.201   -8.105  6.174   1.00 15.97 ? 18  THR A N     1 
ATOM   119 C  CA    . THR A 1 18  ? 2.292   -7.963  7.305   1.00 16.64 ? 18  THR A CA    1 
ATOM   120 C  C     . THR A 1 18  ? 1.157   -7.008  6.935   1.00 16.03 ? 18  THR A C     1 
ATOM   121 O  O     . THR A 1 18  ? -0.015  -7.307  7.179   1.00 15.50 ? 18  THR A O     1 
ATOM   122 C  CB    . THR A 1 18  ? 3.034   -7.449  8.549   1.00 17.89 ? 18  THR A CB    1 
ATOM   123 O  OG1   . THR A 1 18  ? 4.016   -8.415  8.942   1.00 19.59 ? 18  THR A OG1   1 
ATOM   124 C  CG2   . THR A 1 18  ? 2.066   -7.226  9.702   1.00 19.17 ? 18  THR A CG2   1 
ATOM   125 N  N     . ALA A 1 19  ? 1.504   -5.869  6.341   1.00 15.60 ? 19  ALA A N     1 
ATOM   126 C  CA    . ALA A 1 19  ? 0.502   -4.886  5.928   1.00 15.98 ? 19  ALA A CA    1 
ATOM   127 C  C     . ALA A 1 19  ? -0.441  -5.503  4.895   1.00 15.83 ? 19  ALA A C     1 
ATOM   128 O  O     . ALA A 1 19  ? -1.661  -5.378  4.995   1.00 15.31 ? 19  ALA A O     1 
ATOM   129 C  CB    . ALA A 1 19  ? 1.191   -3.654  5.339   1.00 15.95 ? 19  ALA A CB    1 
ATOM   130 N  N     . GLN A 1 20  ? 0.141   -6.173  3.905   1.00 15.78 ? 20  GLN A N     1 
ATOM   131 C  CA    . GLN A 1 20  ? -0.621  -6.818  2.843   1.00 15.99 ? 20  GLN A CA    1 
ATOM   132 C  C     . GLN A 1 20  ? -1.631  -7.820  3.394   1.00 16.00 ? 20  GLN A C     1 
ATOM   133 O  O     . GLN A 1 20  ? -2.781  -7.851  2.964   1.00 15.58 ? 20  GLN A O     1 
ATOM   134 C  CB    . GLN A 1 20  ? 0.331   -7.527  1.876   1.00 17.41 ? 20  GLN A CB    1 
ATOM   135 C  CG    . GLN A 1 20  ? -0.374  -8.321  0.787   1.00 19.60 ? 20  GLN A CG    1 
ATOM   136 C  CD    . GLN A 1 20  ? 0.593   -9.017  -0.145  1.00 20.57 ? 20  GLN A CD    1 
ATOM   137 O  OE1   . GLN A 1 20  ? 0.184   -9.784  -1.017  1.00 23.02 ? 20  GLN A OE1   1 
ATOM   138 N  NE2   . GLN A 1 20  ? 1.884   -8.749  0.030   1.00 20.48 ? 20  GLN A NE2   1 
ATOM   139 N  N     . ALA A 1 21  ? -1.200  -8.636  4.349   1.00 15.43 ? 21  ALA A N     1 
ATOM   140 C  CA    . ALA A 1 21  ? -2.082  -9.632  4.945   1.00 16.11 ? 21  ALA A CA    1 
ATOM   141 C  C     . ALA A 1 21  ? -3.321  -8.995  5.573   1.00 15.60 ? 21  ALA A C     1 
ATOM   142 O  O     . ALA A 1 21  ? -4.432  -9.499  5.414   1.00 16.44 ? 21  ALA A O     1 
ATOM   143 C  CB    . ALA A 1 21  ? -1.325  -10.436 5.989   1.00 16.27 ? 21  ALA A CB    1 
ATOM   144 N  N     . ALA A 1 22  ? -3.126  -7.889  6.284   1.00 14.91 ? 22  ALA A N     1 
ATOM   145 C  CA    . ALA A 1 22  ? -4.235  -7.197  6.936   1.00 15.14 ? 22  ALA A CA    1 
ATOM   146 C  C     . ALA A 1 22  ? -5.176  -6.600  5.900   1.00 14.35 ? 22  ALA A C     1 
ATOM   147 O  O     . ALA A 1 22  ? -6.398  -6.729  5.999   1.00 14.70 ? 22  ALA A O     1 
ATOM   148 C  CB    . ALA A 1 22  ? -3.703  -6.102  7.846   1.00 14.57 ? 22  ALA A CB    1 
ATOM   149 N  N     . GLY A 1 23  ? -4.594  -5.951  4.900   1.00 13.82 ? 23  GLY A N     1 
ATOM   150 C  CA    . GLY A 1 23  ? -5.393  -5.339  3.858   1.00 14.41 ? 23  GLY A CA    1 
ATOM   151 C  C     . GLY A 1 23  ? -6.207  -6.358  3.087   1.00 13.88 ? 23  GLY A C     1 
ATOM   152 O  O     . GLY A 1 23  ? -7.390  -6.139  2.822   1.00 13.96 ? 23  GLY A O     1 
ATOM   153 N  N     . TYR A 1 24  ? -5.588  -7.482  2.742   1.00 14.29 ? 24  TYR A N     1 
ATOM   154 C  CA    . TYR A 1 24  ? -6.281  -8.518  1.985   1.00 15.13 ? 24  TYR A CA    1 
ATOM   155 C  C     . TYR A 1 24  ? -7.433  -9.121  2.781   1.00 14.94 ? 24  TYR A C     1 
ATOM   156 O  O     . TYR A 1 24  ? -8.501  -9.387  2.230   1.00 14.80 ? 24  TYR A O     1 
ATOM   157 C  CB    . TYR A 1 24  ? -5.320  -9.638  1.581   1.00 16.21 ? 24  TYR A CB    1 
ATOM   158 C  CG    . TYR A 1 24  ? -5.928  -10.578 0.563   1.00 17.94 ? 24  TYR A CG    1 
ATOM   159 C  CD1   . TYR A 1 24  ? -6.173  -10.149 -0.739  1.00 18.90 ? 24  TYR A CD1   1 
ATOM   160 C  CD2   . TYR A 1 24  ? -6.297  -11.875 0.910   1.00 19.62 ? 24  TYR A CD2   1 
ATOM   161 C  CE1   . TYR A 1 24  ? -6.774  -10.985 -1.674  1.00 20.71 ? 24  TYR A CE1   1 
ATOM   162 C  CE2   . TYR A 1 24  ? -6.900  -12.725 -0.017  1.00 21.55 ? 24  TYR A CE2   1 
ATOM   163 C  CZ    . TYR A 1 24  ? -7.135  -12.270 -1.309  1.00 21.45 ? 24  TYR A CZ    1 
ATOM   164 O  OH    . TYR A 1 24  ? -7.738  -13.092 -2.236  1.00 23.79 ? 24  TYR A OH    1 
ATOM   165 N  N     . LYS A 1 25  ? -7.209  -9.344  4.072   1.00 15.01 ? 25  LYS A N     1 
ATOM   166 C  CA    . LYS A 1 25  ? -8.241  -9.906  4.935   1.00 16.26 ? 25  LYS A CA    1 
ATOM   167 C  C     . LYS A 1 25  ? -9.481  -9.010  4.939   1.00 16.15 ? 25  LYS A C     1 
ATOM   168 O  O     . LYS A 1 25  ? -10.599 -9.498  4.790   1.00 15.71 ? 25  LYS A O     1 
ATOM   169 C  CB    . LYS A 1 25  ? -7.710  -10.078 6.362   1.00 18.00 ? 25  LYS A CB    1 
ATOM   170 C  CG    . LYS A 1 25  ? -8.767  -10.520 7.375   1.00 21.01 ? 25  LYS A CG    1 
ATOM   171 C  CD    . LYS A 1 25  ? -9.462  -11.811 6.961   1.00 23.87 ? 25  LYS A CD    1 
ATOM   172 C  CE    . LYS A 1 25  ? -8.488  -12.975 6.868   1.00 26.05 ? 25  LYS A CE    1 
ATOM   173 N  NZ    . LYS A 1 25  ? -7.800  -13.237 8.170   1.00 27.74 ? 25  LYS A NZ    1 
ATOM   174 N  N     . LEU A 1 26  ? -9.288  -7.703  5.102   1.00 15.54 ? 26  LEU A N     1 
ATOM   175 C  CA    . LEU A 1 26  ? -10.426 -6.787  5.111   1.00 15.71 ? 26  LEU A CA    1 
ATOM   176 C  C     . LEU A 1 26  ? -11.127 -6.770  3.760   1.00 15.64 ? 26  LEU A C     1 
ATOM   177 O  O     . LEU A 1 26  ? -12.353 -6.693  3.692   1.00 14.53 ? 26  LEU A O     1 
ATOM   178 C  CB    . LEU A 1 26  ? -9.984  -5.370  5.484   1.00 16.57 ? 26  LEU A CB    1 
ATOM   179 C  CG    . LEU A 1 26  ? -9.535  -5.190  6.933   1.00 17.90 ? 26  LEU A CG    1 
ATOM   180 C  CD1   . LEU A 1 26  ? -9.109  -3.746  7.158   1.00 19.14 ? 26  LEU A CD1   1 
ATOM   181 C  CD2   . LEU A 1 26  ? -10.678 -5.553  7.867   1.00 19.37 ? 26  LEU A CD2   1 
ATOM   182 N  N     . HIS A 1 27  ? -10.340 -6.840  2.689   1.00 15.67 ? 27  HIS A N     1 
ATOM   183 C  CA    . HIS A 1 27  ? -10.876 -6.856  1.333   1.00 16.88 ? 27  HIS A CA    1 
ATOM   184 C  C     . HIS A 1 27  ? -11.792 -8.064  1.147   1.00 17.43 ? 27  HIS A C     1 
ATOM   185 O  O     . HIS A 1 27  ? -12.891 -7.960  0.592   1.00 16.26 ? 27  HIS A O     1 
ATOM   186 C  CB    . HIS A 1 27  ? -9.731  -6.940  0.323   1.00 17.90 ? 27  HIS A CB    1 
ATOM   187 C  CG    . HIS A 1 27  ? -10.180 -7.245  -1.071  1.00 18.64 ? 27  HIS A CG    1 
ATOM   188 N  ND1   . HIS A 1 27  ? -10.978 -6.388  -1.797  1.00 19.31 ? 27  HIS A ND1   1 
ATOM   189 C  CD2   . HIS A 1 27  ? -9.991  -8.336  -1.848  1.00 19.30 ? 27  HIS A CD2   1 
ATOM   190 C  CE1   . HIS A 1 27  ? -11.263 -6.943  -2.962  1.00 20.43 ? 27  HIS A CE1   1 
ATOM   191 N  NE2   . HIS A 1 27  ? -10.677 -8.124  -3.018  1.00 19.72 ? 27  HIS A NE2   1 
ATOM   192 N  N     . GLU A 1 28  ? -11.316 -9.207  1.621   1.00 17.83 ? 28  GLU A N     1 
ATOM   193 C  CA    . GLU A 1 28  ? -12.033 -10.466 1.522   1.00 19.98 ? 28  GLU A CA    1 
ATOM   194 C  C     . GLU A 1 28  ? -13.327 -10.449 2.340   1.00 19.89 ? 28  GLU A C     1 
ATOM   195 O  O     . GLU A 1 28  ? -14.324 -11.050 1.937   1.00 19.86 ? 28  GLU A O     1 
ATOM   196 C  CB    . GLU A 1 28  ? -11.101 -11.585 1.988   1.00 22.55 ? 28  GLU A CB    1 
ATOM   197 C  CG    . GLU A 1 28  ? -11.608 -12.992 1.833   1.00 27.63 ? 28  GLU A CG    1 
ATOM   198 C  CD    . GLU A 1 28  ? -10.515 -14.008 2.138   1.00 30.00 ? 28  GLU A CD    1 
ATOM   199 O  OE1   . GLU A 1 28  ? -10.019 -14.031 3.287   1.00 31.60 ? 28  GLU A OE1   1 
ATOM   200 O  OE2   . GLU A 1 28  ? -10.145 -14.774 1.222   1.00 31.97 ? 28  GLU A OE2   1 
ATOM   201 N  N     . ASP A 1 29  ? -13.313 -9.751  3.474   1.00 19.01 ? 29  ASP A N     1 
ATOM   202 C  CA    . ASP A 1 29  ? -14.494 -9.677  4.327   1.00 19.72 ? 29  ASP A CA    1 
ATOM   203 C  C     . ASP A 1 29  ? -15.417 -8.531  3.949   1.00 19.16 ? 29  ASP A C     1 
ATOM   204 O  O     . ASP A 1 29  ? -16.479 -8.368  4.551   1.00 19.76 ? 29  ASP A O     1 
ATOM   205 C  CB    . ASP A 1 29  ? -14.116 -9.523  5.806   1.00 21.43 ? 29  ASP A CB    1 
ATOM   206 C  CG    . ASP A 1 29  ? -13.356 -10.713 6.347   1.00 23.82 ? 29  ASP A CG    1 
ATOM   207 O  OD1   . ASP A 1 29  ? -13.702 -11.855 5.989   1.00 25.05 ? 29  ASP A OD1   1 
ATOM   208 O  OD2   . ASP A 1 29  ? -12.427 -10.507 7.157   1.00 26.69 ? 29  ASP A OD2   1 
ATOM   209 N  N     . GLY A 1 30  ? -15.005 -7.732  2.971   1.00 18.34 ? 30  GLY A N     1 
ATOM   210 C  CA    . GLY A 1 30  ? -15.824 -6.617  2.530   1.00 17.87 ? 30  GLY A CA    1 
ATOM   211 C  C     . GLY A 1 30  ? -15.981 -5.506  3.548   1.00 17.37 ? 30  GLY A C     1 
ATOM   212 O  O     . GLY A 1 30  ? -17.047 -4.892  3.647   1.00 16.95 ? 30  GLY A O     1 
ATOM   213 N  N     . GLU A 1 31  ? -14.922 -5.240  4.305   1.00 17.28 ? 31  GLU A N     1 
ATOM   214 C  CA    . GLU A 1 31  ? -14.948 -4.190  5.312   1.00 17.93 ? 31  GLU A CA    1 
ATOM   215 C  C     . GLU A 1 31  ? -13.894 -3.141  4.984   1.00 17.73 ? 31  GLU A C     1 
ATOM   216 O  O     . GLU A 1 31  ? -12.956 -3.411  4.233   1.00 16.98 ? 31  GLU A O     1 
ATOM   217 C  CB    . GLU A 1 31  ? -14.670 -4.781  6.696   1.00 19.51 ? 31  GLU A CB    1 
ATOM   218 C  CG    . GLU A 1 31  ? -15.664 -5.860  7.106   1.00 22.81 ? 31  GLU A CG    1 
ATOM   219 C  CD    . GLU A 1 31  ? -15.297 -6.524  8.417   1.00 25.18 ? 31  GLU A CD    1 
ATOM   220 O  OE1   . GLU A 1 31  ? -14.155 -7.008  8.532   1.00 26.28 ? 31  GLU A OE1   1 
ATOM   221 O  OE2   . GLU A 1 31  ? -16.151 -6.572  9.327   1.00 27.69 ? 31  GLU A OE2   1 
ATOM   222 N  N     . THR A 1 32  ? -14.059 -1.941  5.532   1.00 17.85 ? 32  THR A N     1 
ATOM   223 C  CA    . THR A 1 32  ? -13.092 -0.872  5.304   1.00 18.57 ? 32  THR A CA    1 
ATOM   224 C  C     . THR A 1 32  ? -12.842 -0.130  6.607   1.00 19.17 ? 32  THR A C     1 
ATOM   225 O  O     . THR A 1 32  ? -13.664 -0.174  7.521   1.00 19.28 ? 32  THR A O     1 
ATOM   226 C  CB    . THR A 1 32  ? -13.581 0.139   4.235   1.00 18.78 ? 32  THR A CB    1 
ATOM   227 O  OG1   . THR A 1 32  ? -14.832 0.709   4.641   1.00 20.36 ? 32  THR A OG1   1 
ATOM   228 C  CG2   . THR A 1 32  ? -13.756 -0.549  2.892   1.00 19.03 ? 32  THR A CG2   1 
ATOM   229 N  N     . VAL A 1 33  ? -11.696 0.536   6.691   1.00 19.03 ? 33  VAL A N     1 
ATOM   230 C  CA    . VAL A 1 33  ? -11.325 1.299   7.878   1.00 20.13 ? 33  VAL A CA    1 
ATOM   231 C  C     . VAL A 1 33  ? -10.754 2.652   7.460   1.00 19.49 ? 33  VAL A C     1 
ATOM   232 O  O     . VAL A 1 33  ? -10.191 2.782   6.374   1.00 18.81 ? 33  VAL A O     1 
ATOM   233 C  CB    . VAL A 1 33  ? -10.264 0.542   8.714   1.00 20.95 ? 33  VAL A CB    1 
ATOM   234 C  CG1   . VAL A 1 33  ? -9.028  0.292   7.878   1.00 22.70 ? 33  VAL A CG1   1 
ATOM   235 C  CG2   . VAL A 1 33  ? -9.907  1.336   9.956   1.00 23.85 ? 33  VAL A CG2   1 
ATOM   236 N  N     . GLY A 1 34  ? -10.913 3.656   8.318   1.00 19.59 ? 34  GLY A N     1 
ATOM   237 C  CA    . GLY A 1 34  ? -10.393 4.979   8.013   1.00 19.51 ? 34  GLY A CA    1 
ATOM   238 C  C     . GLY A 1 34  ? -11.323 5.843   7.182   1.00 19.63 ? 34  GLY A C     1 
ATOM   239 O  O     . GLY A 1 34  ? -12.250 5.341   6.548   1.00 19.41 ? 34  GLY A O     1 
ATOM   240 N  N     . SER A 1 35  ? -11.075 7.152   7.183   1.00 19.41 ? 35  SER A N     1 
ATOM   241 C  CA    . SER A 1 35  ? -11.895 8.089   6.423   1.00 20.04 ? 35  SER A CA    1 
ATOM   242 C  C     . SER A 1 35  ? -11.796 7.905   4.916   1.00 19.73 ? 35  SER A C     1 
ATOM   243 O  O     . SER A 1 35  ? -12.689 8.327   4.179   1.00 19.87 ? 35  SER A O     1 
ATOM   244 C  CB    . SER A 1 35  ? -11.521 9.530   6.777   1.00 20.79 ? 35  SER A CB    1 
ATOM   245 O  OG    . SER A 1 35  ? -11.816 9.802   8.134   1.00 24.36 ? 35  SER A OG    1 
ATOM   246 N  N     . ASN A 1 36  ? -10.711 7.290   4.450   1.00 18.99 ? 36  ASN A N     1 
ATOM   247 C  CA    . ASN A 1 36  ? -10.543 7.061   3.017   1.00 19.58 ? 36  ASN A CA    1 
ATOM   248 C  C     . ASN A 1 36  ? -10.997 5.665   2.604   1.00 18.41 ? 36  ASN A C     1 
ATOM   249 O  O     . ASN A 1 36  ? -10.795 5.249   1.462   1.00 17.96 ? 36  ASN A O     1 
ATOM   250 C  CB    . ASN A 1 36  ? -9.083  7.268   2.587   1.00 20.86 ? 36  ASN A CB    1 
ATOM   251 C  CG    . ASN A 1 36  ? -8.589  8.685   2.837   1.00 23.22 ? 36  ASN A CG    1 
ATOM   252 O  OD1   . ASN A 1 36  ? -9.378  9.608   3.055   1.00 24.98 ? 36  ASN A OD1   1 
ATOM   253 N  ND2   . ASN A 1 36  ? -7.276  8.869   2.768   1.00 23.77 ? 36  ASN A ND2   1 
ATOM   254 N  N     . SER A 1 37  ? -11.604 4.945   3.542   1.00 17.47 ? 37  SER A N     1 
ATOM   255 C  CA    . SER A 1 37  ? -12.117 3.600   3.286   1.00 17.70 ? 37  SER A CA    1 
ATOM   256 C  C     . SER A 1 37  ? -11.118 2.623   2.680   1.00 17.24 ? 37  SER A C     1 
ATOM   257 O  O     . SER A 1 37  ? -11.267 2.185   1.537   1.00 16.82 ? 37  SER A O     1 
ATOM   258 C  CB    . SER A 1 37  ? -13.355 3.673   2.388   1.00 18.54 ? 37  SER A CB    1 
ATOM   259 O  OG    . SER A 1 37  ? -14.401 4.376   3.033   1.00 21.01 ? 37  SER A OG    1 
ATOM   260 N  N     . TYR A 1 38  ? -10.108 2.275   3.466   1.00 16.32 ? 38  TYR A N     1 
ATOM   261 C  CA    . TYR A 1 38  ? -9.086  1.329   3.044   1.00 15.95 ? 38  TYR A CA    1 
ATOM   262 C  C     . TYR A 1 38  ? -9.466  -0.079  3.494   1.00 15.29 ? 38  TYR A C     1 
ATOM   263 O  O     . TYR A 1 38  ? -10.079 -0.264  4.543   1.00 15.26 ? 38  TYR A O     1 
ATOM   264 C  CB    . TYR A 1 38  ? -7.733  1.713   3.649   1.00 15.81 ? 38  TYR A CB    1 
ATOM   265 C  CG    . TYR A 1 38  ? -7.166  3.003   3.110   1.00 16.70 ? 38  TYR A CG    1 
ATOM   266 C  CD1   . TYR A 1 38  ? -6.784  3.111   1.774   1.00 16.68 ? 38  TYR A CD1   1 
ATOM   267 C  CD2   . TYR A 1 38  ? -7.019  4.125   3.933   1.00 17.21 ? 38  TYR A CD2   1 
ATOM   268 C  CE1   . TYR A 1 38  ? -6.271  4.302   1.265   1.00 17.62 ? 38  TYR A CE1   1 
ATOM   269 C  CE2   . TYR A 1 38  ? -6.508  5.320   3.434   1.00 17.26 ? 38  TYR A CE2   1 
ATOM   270 C  CZ    . TYR A 1 38  ? -6.138  5.401   2.101   1.00 17.77 ? 38  TYR A CZ    1 
ATOM   271 O  OH    . TYR A 1 38  ? -5.654  6.583   1.590   1.00 19.40 ? 38  TYR A OH    1 
ATOM   272 N  N     . PRO A 1 39  ? -9.134  -1.091  2.682   1.00 14.91 ? 39  PRO A N     1 
ATOM   273 C  CA    . PRO A 1 39  ? -8.447  -0.950  1.396   1.00 14.91 ? 39  PRO A CA    1 
ATOM   274 C  C     . PRO A 1 39  ? -9.452  -0.593  0.308   1.00 15.13 ? 39  PRO A C     1 
ATOM   275 O  O     . PRO A 1 39  ? -10.630 -0.938  0.415   1.00 16.09 ? 39  PRO A O     1 
ATOM   276 C  CB    . PRO A 1 39  ? -7.871  -2.344  1.184   1.00 15.12 ? 39  PRO A CB    1 
ATOM   277 C  CG    . PRO A 1 39  ? -9.025  -3.199  1.665   1.00 14.66 ? 39  PRO A CG    1 
ATOM   278 C  CD    . PRO A 1 39  ? -9.318  -2.518  3.009   1.00 14.78 ? 39  PRO A CD    1 
ATOM   279 N  N     . HIS A 1 40  ? -9.007  0.113   -0.728  1.00 15.26 ? 40  HIS A N     1 
ATOM   280 C  CA    . HIS A 1 40  ? -9.903  0.420   -1.833  1.00 15.47 ? 40  HIS A CA    1 
ATOM   281 C  C     . HIS A 1 40  ? -9.152  0.235   -3.141  1.00 15.74 ? 40  HIS A C     1 
ATOM   282 O  O     . HIS A 1 40  ? -7.931  0.081   -3.154  1.00 14.34 ? 40  HIS A O     1 
ATOM   283 C  CB    . HIS A 1 40  ? -10.483 1.840   -1.750  1.00 16.53 ? 40  HIS A CB    1 
ATOM   284 C  CG    . HIS A 1 40  ? -9.484  2.930   -1.971  1.00 17.67 ? 40  HIS A CG    1 
ATOM   285 N  ND1   . HIS A 1 40  ? -8.914  3.641   -0.938  1.00 19.22 ? 40  HIS A ND1   1 
ATOM   286 C  CD2   . HIS A 1 40  ? -8.957  3.437   -3.112  1.00 17.50 ? 40  HIS A CD2   1 
ATOM   287 C  CE1   . HIS A 1 40  ? -8.081  4.541   -1.433  1.00 18.83 ? 40  HIS A CE1   1 
ATOM   288 N  NE2   . HIS A 1 40  ? -8.091  4.436   -2.750  1.00 20.04 ? 40  HIS A NE2   1 
ATOM   289 N  N     . LYS A 1 41  ? -9.892  0.234   -4.241  1.00 15.88 ? 41  LYS A N     1 
ATOM   290 C  CA    . LYS A 1 41  ? -9.294  0.041   -5.551  1.00 16.90 ? 41  LYS A CA    1 
ATOM   291 C  C     . LYS A 1 41  ? -8.204  1.047   -5.906  1.00 16.31 ? 41  LYS A C     1 
ATOM   292 O  O     . LYS A 1 41  ? -8.322  2.239   -5.637  1.00 16.13 ? 41  LYS A O     1 
ATOM   293 C  CB    . LYS A 1 41  ? -10.381 0.080   -6.628  1.00 18.96 ? 41  LYS A CB    1 
ATOM   294 C  CG    . LYS A 1 41  ? -9.852  -0.076  -8.047  1.00 23.13 ? 41  LYS A CG    1 
ATOM   295 C  CD    . LYS A 1 41  ? -10.984 -0.075  -9.068  1.00 26.38 ? 41  LYS A CD    1 
ATOM   296 C  CE    . LYS A 1 41  ? -11.929 -1.243  -8.837  1.00 29.28 ? 41  LYS A CE    1 
ATOM   297 N  NZ    . LYS A 1 41  ? -11.210 -2.549  -8.904  1.00 31.79 ? 41  LYS A NZ    1 
ATOM   298 N  N     . TYR A 1 42  ? -7.131  0.538   -6.498  1.00 16.11 ? 42  TYR A N     1 
ATOM   299 C  CA    . TYR A 1 42  ? -6.031  1.374   -6.958  1.00 16.53 ? 42  TYR A CA    1 
ATOM   300 C  C     . TYR A 1 42  ? -6.148  1.318   -8.479  1.00 16.66 ? 42  TYR A C     1 
ATOM   301 O  O     . TYR A 1 42  ? -5.947  0.265   -9.077  1.00 17.42 ? 42  TYR A O     1 
ATOM   302 C  CB    . TYR A 1 42  ? -4.683  0.804   -6.511  1.00 16.45 ? 42  TYR A CB    1 
ATOM   303 C  CG    . TYR A 1 42  ? -3.521  1.628   -7.006  1.00 16.37 ? 42  TYR A CG    1 
ATOM   304 C  CD1   . TYR A 1 42  ? -3.306  2.920   -6.532  1.00 17.30 ? 42  TYR A CD1   1 
ATOM   305 C  CD2   . TYR A 1 42  ? -2.684  1.148   -8.011  1.00 17.12 ? 42  TYR A CD2   1 
ATOM   306 C  CE1   . TYR A 1 42  ? -2.289  3.718   -7.056  1.00 17.79 ? 42  TYR A CE1   1 
ATOM   307 C  CE2   . TYR A 1 42  ? -1.668  1.938   -8.542  1.00 17.76 ? 42  TYR A CE2   1 
ATOM   308 C  CZ    . TYR A 1 42  ? -1.481  3.223   -8.064  1.00 17.70 ? 42  TYR A CZ    1 
ATOM   309 O  OH    . TYR A 1 42  ? -0.516  4.027   -8.622  1.00 19.08 ? 42  TYR A OH    1 
ATOM   310 N  N     . ASN A 1 43  ? -6.481  2.446   -9.096  1.00 17.85 ? 43  ASN A N     1 
ATOM   311 C  CA    . ASN A 1 43  ? -6.678  2.517   -10.547 1.00 19.41 ? 43  ASN A CA    1 
ATOM   312 C  C     . ASN A 1 43  ? -5.408  2.536   -11.388 1.00 19.46 ? 43  ASN A C     1 
ATOM   313 O  O     . ASN A 1 43  ? -5.449  2.283   -12.594 1.00 20.17 ? 43  ASN A O     1 
ATOM   314 C  CB    . ASN A 1 43  ? -7.515  3.749   -10.886 1.00 21.17 ? 43  ASN A CB    1 
ATOM   315 C  CG    . ASN A 1 43  ? -8.882  3.718   -10.243 1.00 23.64 ? 43  ASN A CG    1 
ATOM   316 O  OD1   . ASN A 1 43  ? -9.681  2.821   -10.509 1.00 25.94 ? 43  ASN A OD1   1 
ATOM   317 N  ND2   . ASN A 1 43  ? -9.158  4.694   -9.385  1.00 24.37 ? 43  ASN A ND2   1 
ATOM   318 N  N     . ASN A 1 44  ? -4.287  2.834   -10.744 1.00 18.33 ? 44  ASN A N     1 
ATOM   319 C  CA    . ASN A 1 44  ? -2.996  2.920   -11.409 1.00 18.84 ? 44  ASN A CA    1 
ATOM   320 C  C     . ASN A 1 44  ? -3.004  4.004   -12.486 1.00 18.44 ? 44  ASN A C     1 
ATOM   321 O  O     . ASN A 1 44  ? -2.668  3.751   -13.641 1.00 18.75 ? 44  ASN A O     1 
ATOM   322 C  CB    . ASN A 1 44  ? -2.604  1.560   -12.002 1.00 19.13 ? 44  ASN A CB    1 
ATOM   323 C  CG    . ASN A 1 44  ? -1.181  1.543   -12.538 1.00 19.56 ? 44  ASN A CG    1 
ATOM   324 O  OD1   . ASN A 1 44  ? -0.289  2.174   -11.975 1.00 19.68 ? 44  ASN A OD1   1 
ATOM   325 N  ND2   . ASN A 1 44  ? -0.958  0.789   -13.607 1.00 20.70 ? 44  ASN A ND2   1 
ATOM   326 N  N     . TYR A 1 45  ? -3.403  5.213   -12.099 1.00 18.84 ? 45  TYR A N     1 
ATOM   327 C  CA    . TYR A 1 45  ? -3.415  6.333   -13.033 1.00 19.12 ? 45  TYR A CA    1 
ATOM   328 C  C     . TYR A 1 45  ? -1.968  6.574   -13.457 1.00 19.55 ? 45  TYR A C     1 
ATOM   329 O  O     . TYR A 1 45  ? -1.702  6.986   -14.587 1.00 19.42 ? 45  TYR A O     1 
ATOM   330 C  CB    . TYR A 1 45  ? -3.943  7.618   -12.383 1.00 19.50 ? 45  TYR A CB    1 
ATOM   331 C  CG    . TYR A 1 45  ? -5.353  7.573   -11.831 1.00 20.02 ? 45  TYR A CG    1 
ATOM   332 C  CD1   . TYR A 1 45  ? -6.407  7.020   -12.564 1.00 20.87 ? 45  TYR A CD1   1 
ATOM   333 C  CD2   . TYR A 1 45  ? -5.649  8.159   -10.599 1.00 20.19 ? 45  TYR A CD2   1 
ATOM   334 C  CE1   . TYR A 1 45  ? -7.719  7.058   -12.080 1.00 20.66 ? 45  TYR A CE1   1 
ATOM   335 C  CE2   . TYR A 1 45  ? -6.949  8.202   -10.109 1.00 21.41 ? 45  TYR A CE2   1 
ATOM   336 C  CZ    . TYR A 1 45  ? -7.980  7.651   -10.852 1.00 21.19 ? 45  TYR A CZ    1 
ATOM   337 O  OH    . TYR A 1 45  ? -9.266  7.703   -10.361 1.00 23.00 ? 45  TYR A OH    1 
ATOM   338 N  N     . GLU A 1 46  ? -1.043  6.317   -12.536 1.00 19.39 ? 46  GLU A N     1 
ATOM   339 C  CA    . GLU A 1 46  ? 0.384   6.510   -12.785 1.00 19.70 ? 46  GLU A CA    1 
ATOM   340 C  C     . GLU A 1 46  ? 0.921   5.645   -13.925 1.00 20.02 ? 46  GLU A C     1 
ATOM   341 O  O     . GLU A 1 46  ? 1.922   5.986   -14.561 1.00 21.12 ? 46  GLU A O     1 
ATOM   342 C  CB    . GLU A 1 46  ? 1.200   6.208   -11.520 1.00 18.89 ? 46  GLU A CB    1 
ATOM   343 C  CG    . GLU A 1 46  ? 1.150   7.234   -10.386 1.00 18.60 ? 46  GLU A CG    1 
ATOM   344 C  CD    . GLU A 1 46  ? -0.215  7.399   -9.735  1.00 19.06 ? 46  GLU A CD    1 
ATOM   345 O  OE1   . GLU A 1 46  ? -0.991  6.421   -9.685  1.00 17.97 ? 46  GLU A OE1   1 
ATOM   346 O  OE2   . GLU A 1 46  ? -0.490  8.508   -9.230  1.00 18.17 ? 46  GLU A OE2   1 
ATOM   347 N  N     . GLY A 1 47  ? 0.271   4.515   -14.173 1.00 20.16 ? 47  GLY A N     1 
ATOM   348 C  CA    . GLY A 1 47  ? 0.720   3.636   -15.234 1.00 20.77 ? 47  GLY A CA    1 
ATOM   349 C  C     . GLY A 1 47  ? 1.948   2.823   -14.865 1.00 21.76 ? 47  GLY A C     1 
ATOM   350 O  O     . GLY A 1 47  ? 2.819   2.595   -15.705 1.00 22.36 ? 47  GLY A O     1 
ATOM   351 N  N     . PHE A 1 48  ? 2.038   2.396   -13.609 1.00 21.68 ? 48  PHE A N     1 
ATOM   352 C  CA    . PHE A 1 48  ? 3.170   1.585   -13.179 1.00 22.41 ? 48  PHE A CA    1 
ATOM   353 C  C     . PHE A 1 48  ? 3.082   0.223   -13.857 1.00 23.84 ? 48  PHE A C     1 
ATOM   354 O  O     . PHE A 1 48  ? 1.988   -0.304  -14.067 1.00 23.80 ? 48  PHE A O     1 
ATOM   355 C  CB    . PHE A 1 48  ? 3.162   1.382   -11.656 1.00 21.27 ? 48  PHE A CB    1 
ATOM   356 C  CG    . PHE A 1 48  ? 3.389   2.640   -10.865 1.00 19.95 ? 48  PHE A CG    1 
ATOM   357 C  CD1   . PHE A 1 48  ? 4.527   3.414   -11.074 1.00 19.59 ? 48  PHE A CD1   1 
ATOM   358 C  CD2   . PHE A 1 48  ? 2.477   3.037   -9.891  1.00 18.96 ? 48  PHE A CD2   1 
ATOM   359 C  CE1   . PHE A 1 48  ? 4.752   4.570   -10.323 1.00 19.39 ? 48  PHE A CE1   1 
ATOM   360 C  CE2   . PHE A 1 48  ? 2.693   4.186   -9.138  1.00 19.17 ? 48  PHE A CE2   1 
ATOM   361 C  CZ    . PHE A 1 48  ? 3.835   4.954   -9.355  1.00 18.93 ? 48  PHE A CZ    1 
ATOM   362 N  N     . ASP A 1 49  ? 4.229   -0.349  -14.199 1.00 25.39 ? 49  ASP A N     1 
ATOM   363 C  CA    . ASP A 1 49  ? 4.238   -1.659  -14.832 1.00 27.47 ? 49  ASP A CA    1 
ATOM   364 C  C     . ASP A 1 49  ? 4.428   -2.805  -13.858 1.00 27.51 ? 49  ASP A C     1 
ATOM   365 O  O     . ASP A 1 49  ? 5.502   -3.395  -13.782 1.00 28.05 ? 49  ASP A O     1 
ATOM   366 C  CB    . ASP A 1 49  ? 5.308   -1.730  -15.916 1.00 29.97 ? 49  ASP A CB    1 
ATOM   367 C  CG    . ASP A 1 49  ? 4.779   -1.326  -17.267 1.00 32.69 ? 49  ASP A CG    1 
ATOM   368 O  OD1   . ASP A 1 49  ? 3.867   -2.021  -17.776 1.00 34.67 ? 49  ASP A OD1   1 
ATOM   369 O  OD2   . ASP A 1 49  ? 5.267   -0.321  -17.817 1.00 34.28 ? 49  ASP A OD2   1 
ATOM   370 N  N     . PHE A 1 50  ? 3.370   -3.119  -13.119 1.00 26.99 ? 50  PHE A N     1 
ATOM   371 C  CA    . PHE A 1 50  ? 3.416   -4.208  -12.159 1.00 26.88 ? 50  PHE A CA    1 
ATOM   372 C  C     . PHE A 1 50  ? 3.466   -5.528  -12.919 1.00 27.08 ? 50  PHE A C     1 
ATOM   373 O  O     . PHE A 1 50  ? 2.896   -5.650  -14.003 1.00 27.23 ? 50  PHE A O     1 
ATOM   374 C  CB    . PHE A 1 50  ? 2.185   -4.171  -11.248 1.00 26.47 ? 50  PHE A CB    1 
ATOM   375 C  CG    . PHE A 1 50  ? 2.047   -2.893  -10.464 1.00 26.69 ? 50  PHE A CG    1 
ATOM   376 C  CD1   . PHE A 1 50  ? 3.093   -2.432  -9.669  1.00 25.96 ? 50  PHE A CD1   1 
ATOM   377 C  CD2   . PHE A 1 50  ? 0.861   -2.165  -10.497 1.00 25.99 ? 50  PHE A CD2   1 
ATOM   378 C  CE1   . PHE A 1 50  ? 2.959   -1.264  -8.918  1.00 25.91 ? 50  PHE A CE1   1 
ATOM   379 C  CE2   . PHE A 1 50  ? 0.717   -0.996  -9.749  1.00 26.22 ? 50  PHE A CE2   1 
ATOM   380 C  CZ    . PHE A 1 50  ? 1.769   -0.548  -8.957  1.00 25.81 ? 50  PHE A CZ    1 
ATOM   381 N  N     . SER A 1 51  ? 4.156   -6.508  -12.347 1.00 26.99 ? 51  SER A N     1 
ATOM   382 C  CA    . SER A 1 51  ? 4.289   -7.812  -12.978 1.00 27.65 ? 51  SER A CA    1 
ATOM   383 C  C     . SER A 1 51  ? 3.079   -8.704  -12.735 1.00 27.36 ? 51  SER A C     1 
ATOM   384 O  O     . SER A 1 51  ? 2.889   -9.695  -13.435 1.00 27.69 ? 51  SER A O     1 
ATOM   385 C  CB    . SER A 1 51  ? 5.551   -8.512  -12.474 1.00 27.99 ? 51  SER A CB    1 
ATOM   386 O  OG    . SER A 1 51  ? 5.507   -8.691  -11.071 1.00 30.25 ? 51  SER A OG    1 
ATOM   387 N  N     . VAL A 1 52  ? 2.271   -8.358  -11.736 1.00 26.52 ? 52  VAL A N     1 
ATOM   388 C  CA    . VAL A 1 52  ? 1.078   -9.137  -11.424 1.00 25.86 ? 52  VAL A CA    1 
ATOM   389 C  C     . VAL A 1 52  ? -0.133  -8.453  -12.040 1.00 25.35 ? 52  VAL A C     1 
ATOM   390 O  O     . VAL A 1 52  ? -0.118  -7.249  -12.269 1.00 25.33 ? 52  VAL A O     1 
ATOM   391 C  CB    . VAL A 1 52  ? 0.868   -9.276  -9.902  1.00 26.13 ? 52  VAL A CB    1 
ATOM   392 C  CG1   . VAL A 1 52  ? 2.089   -9.930  -9.275  1.00 26.38 ? 52  VAL A CG1   1 
ATOM   393 C  CG2   . VAL A 1 52  ? 0.600   -7.918  -9.279  1.00 25.77 ? 52  VAL A CG2   1 
ATOM   394 N  N     . SER A 1 53  ? -1.181  -9.221  -12.302 1.00 25.36 ? 53  SER A N     1 
ATOM   395 C  CA    . SER A 1 53  ? -2.380  -8.672  -12.918 1.00 25.61 ? 53  SER A CA    1 
ATOM   396 C  C     . SER A 1 53  ? -3.302  -7.927  -11.965 1.00 24.88 ? 53  SER A C     1 
ATOM   397 O  O     . SER A 1 53  ? -3.270  -8.129  -10.749 1.00 25.15 ? 53  SER A O     1 
ATOM   398 C  CB    . SER A 1 53  ? -3.175  -9.785  -13.601 1.00 26.49 ? 53  SER A CB    1 
ATOM   399 O  OG    . SER A 1 53  ? -3.575  -10.764 -12.656 1.00 29.31 ? 53  SER A OG    1 
ATOM   400 N  N     . SER A 1 54  ? -4.125  -7.062  -12.543 1.00 24.25 ? 54  SER A N     1 
ATOM   401 C  CA    . SER A 1 54  ? -5.099  -6.292  -11.790 1.00 23.81 ? 54  SER A CA    1 
ATOM   402 C  C     . SER A 1 54  ? -6.316  -7.205  -11.632 1.00 23.13 ? 54  SER A C     1 
ATOM   403 O  O     . SER A 1 54  ? -6.338  -8.313  -12.177 1.00 23.42 ? 54  SER A O     1 
ATOM   404 C  CB    . SER A 1 54  ? -5.475  -5.030  -12.568 1.00 24.18 ? 54  SER A CB    1 
ATOM   405 O  OG    . SER A 1 54  ? -6.035  -5.361  -13.825 1.00 26.28 ? 54  SER A OG    1 
ATOM   406 N  N     . PRO A 1 55  ? -7.348  -6.759  -10.895 1.00 21.65 ? 55  PRO A N     1 
ATOM   407 C  CA    . PRO A 1 55  ? -7.518  -5.490  -10.184 1.00 20.74 ? 55  PRO A CA    1 
ATOM   408 C  C     . PRO A 1 55  ? -6.514  -5.289  -9.058  1.00 18.82 ? 55  PRO A C     1 
ATOM   409 O  O     . PRO A 1 55  ? -5.999  -6.255  -8.497  1.00 18.22 ? 55  PRO A O     1 
ATOM   410 C  CB    . PRO A 1 55  ? -8.948  -5.594  -9.653  1.00 21.14 ? 55  PRO A CB    1 
ATOM   411 C  CG    . PRO A 1 55  ? -9.611  -6.513  -10.661 1.00 22.47 ? 55  PRO A CG    1 
ATOM   412 C  CD    . PRO A 1 55  ? -8.552  -7.580  -10.704 1.00 22.32 ? 55  PRO A CD    1 
ATOM   413 N  N     . TYR A 1 56  ? -6.254  -4.024  -8.735  1.00 17.11 ? 56  TYR A N     1 
ATOM   414 C  CA    . TYR A 1 56  ? -5.329  -3.665  -7.666  1.00 16.50 ? 56  TYR A CA    1 
ATOM   415 C  C     . TYR A 1 56  ? -6.069  -2.958  -6.538  1.00 15.07 ? 56  TYR A C     1 
ATOM   416 O  O     . TYR A 1 56  ? -7.106  -2.328  -6.753  1.00 15.64 ? 56  TYR A O     1 
ATOM   417 C  CB    . TYR A 1 56  ? -4.233  -2.730  -8.186  1.00 16.87 ? 56  TYR A CB    1 
ATOM   418 C  CG    . TYR A 1 56  ? -3.422  -3.293  -9.329  1.00 18.03 ? 56  TYR A CG    1 
ATOM   419 C  CD1   . TYR A 1 56  ? -2.722  -4.493  -9.194  1.00 18.37 ? 56  TYR A CD1   1 
ATOM   420 C  CD2   . TYR A 1 56  ? -3.355  -2.623  -10.552 1.00 18.97 ? 56  TYR A CD2   1 
ATOM   421 C  CE1   . TYR A 1 56  ? -1.973  -5.017  -10.255 1.00 19.27 ? 56  TYR A CE1   1 
ATOM   422 C  CE2   . TYR A 1 56  ? -2.610  -3.136  -11.618 1.00 19.80 ? 56  TYR A CE2   1 
ATOM   423 C  CZ    . TYR A 1 56  ? -1.922  -4.331  -11.462 1.00 20.06 ? 56  TYR A CZ    1 
ATOM   424 O  OH    . TYR A 1 56  ? -1.184  -4.839  -12.511 1.00 21.24 ? 56  TYR A OH    1 
ATOM   425 N  N     . TYR A 1 57  ? -5.521  -3.066  -5.334  1.00 14.93 ? 57  TYR A N     1 
ATOM   426 C  CA    . TYR A 1 57  ? -6.099  -2.434  -4.153  1.00 14.09 ? 57  TYR A CA    1 
ATOM   427 C  C     . TYR A 1 57  ? -4.957  -1.833  -3.358  1.00 13.44 ? 57  TYR A C     1 
ATOM   428 O  O     . TYR A 1 57  ? -3.861  -2.393  -3.328  1.00 13.01 ? 57  TYR A O     1 
ATOM   429 C  CB    . TYR A 1 57  ? -6.808  -3.477  -3.292  1.00 15.17 ? 57  TYR A CB    1 
ATOM   430 C  CG    . TYR A 1 57  ? -7.952  -4.152  -4.000  1.00 16.03 ? 57  TYR A CG    1 
ATOM   431 C  CD1   . TYR A 1 57  ? -9.177  -3.500  -4.166  1.00 16.87 ? 57  TYR A CD1   1 
ATOM   432 C  CD2   . TYR A 1 57  ? -7.792  -5.417  -4.560  1.00 17.85 ? 57  TYR A CD2   1 
ATOM   433 C  CE1   . TYR A 1 57  ? -10.218 -4.100  -4.878  1.00 18.47 ? 57  TYR A CE1   1 
ATOM   434 C  CE2   . TYR A 1 57  ? -8.822  -6.021  -5.272  1.00 18.70 ? 57  TYR A CE2   1 
ATOM   435 C  CZ    . TYR A 1 57  ? -10.025 -5.359  -5.425  1.00 18.27 ? 57  TYR A CZ    1 
ATOM   436 O  OH    . TYR A 1 57  ? -11.039 -5.977  -6.116  1.00 20.18 ? 57  TYR A OH    1 
ATOM   437 N  N     . GLU A 1 58  ? -5.201  -0.688  -2.732  1.00 12.98 ? 58  GLU A N     1 
ATOM   438 C  CA    . GLU A 1 58  ? -4.168  -0.064  -1.923  1.00 13.21 ? 58  GLU A CA    1 
ATOM   439 C  C     . GLU A 1 58  ? -4.559  -0.100  -0.451  1.00 12.71 ? 58  GLU A C     1 
ATOM   440 O  O     . GLU A 1 58  ? -5.742  -0.027  -0.100  1.00 12.38 ? 58  GLU A O     1 
ATOM   441 C  CB    . GLU A 1 58  ? -3.901  1.380   -2.366  1.00 14.15 ? 58  GLU A CB    1 
ATOM   442 C  CG    . GLU A 1 58  ? -5.087  2.321   -2.277  1.00 15.31 ? 58  GLU A CG    1 
ATOM   443 C  CD    . GLU A 1 58  ? -4.684  3.767   -2.491  1.00 16.77 ? 58  GLU A CD    1 
ATOM   444 O  OE1   . GLU A 1 58  ? -3.903  4.289   -1.675  1.00 17.63 ? 58  GLU A OE1   1 
ATOM   445 O  OE2   . GLU A 1 58  ? -5.145  4.382   -3.470  1.00 19.27 ? 58  GLU A OE2   1 
ATOM   446 N  N     . TRP A 1 59  ? -3.540  -0.221  0.396   1.00 11.84 ? 59  TRP A N     1 
ATOM   447 C  CA    . TRP A 1 59  ? -3.698  -0.305  1.842   1.00 12.16 ? 59  TRP A CA    1 
ATOM   448 C  C     . TRP A 1 59  ? -2.488  0.389   2.456   1.00 12.04 ? 59  TRP A C     1 
ATOM   449 O  O     . TRP A 1 59  ? -1.366  0.217   1.984   1.00 12.08 ? 59  TRP A O     1 
ATOM   450 C  CB    . TRP A 1 59  ? -3.773  -1.787  2.250   1.00 12.32 ? 59  TRP A CB    1 
ATOM   451 C  CG    . TRP A 1 59  ? -3.702  -2.059  3.718   1.00 12.15 ? 59  TRP A CG    1 
ATOM   452 C  CD1   . TRP A 1 59  ? -2.612  -2.484  4.422   1.00 12.47 ? 59  TRP A CD1   1 
ATOM   453 C  CD2   . TRP A 1 59  ? -4.765  -1.914  4.670   1.00 12.06 ? 59  TRP A CD2   1 
ATOM   454 N  NE1   . TRP A 1 59  ? -2.930  -2.616  5.754   1.00 12.70 ? 59  TRP A NE1   1 
ATOM   455 C  CE2   . TRP A 1 59  ? -4.242  -2.274  5.932   1.00 12.96 ? 59  TRP A CE2   1 
ATOM   456 C  CE3   . TRP A 1 59  ? -6.108  -1.518  4.575   1.00 12.77 ? 59  TRP A CE3   1 
ATOM   457 C  CZ2   . TRP A 1 59  ? -5.017  -2.244  7.099   1.00 12.36 ? 59  TRP A CZ2   1 
ATOM   458 C  CZ3   . TRP A 1 59  ? -6.880  -1.490  5.739   1.00 12.47 ? 59  TRP A CZ3   1 
ATOM   459 C  CH2   . TRP A 1 59  ? -6.329  -1.852  6.984   1.00 13.23 ? 59  TRP A CH2   1 
ATOM   460 N  N     . PRO A 1 60  ? -2.697  1.190   3.509   1.00 12.27 ? 60  PRO A N     1 
ATOM   461 C  CA    . PRO A 1 60  ? -1.562  1.880   4.119   1.00 12.57 ? 60  PRO A CA    1 
ATOM   462 C  C     . PRO A 1 60  ? -0.557  0.970   4.814   1.00 12.50 ? 60  PRO A C     1 
ATOM   463 O  O     . PRO A 1 60  ? -0.919  -0.055  5.394   1.00 12.57 ? 60  PRO A O     1 
ATOM   464 C  CB    . PRO A 1 60  ? -2.235  2.833   5.118   1.00 13.09 ? 60  PRO A CB    1 
ATOM   465 C  CG    . PRO A 1 60  ? -3.656  2.987   4.568   1.00 13.10 ? 60  PRO A CG    1 
ATOM   466 C  CD    . PRO A 1 60  ? -3.938  1.546   4.214   1.00 12.85 ? 60  PRO A CD    1 
ATOM   467 N  N     . ILE A 1 61  ? 0.711   1.346   4.725   1.00 12.22 ? 61  ILE A N     1 
ATOM   468 C  CA    . ILE A 1 61  ? 1.770   0.637   5.426   1.00 12.28 ? 61  ILE A CA    1 
ATOM   469 C  C     . ILE A 1 61  ? 2.342   1.764   6.286   1.00 12.97 ? 61  ILE A C     1 
ATOM   470 O  O     . ILE A 1 61  ? 2.615   2.859   5.784   1.00 13.31 ? 61  ILE A O     1 
ATOM   471 C  CB    . ILE A 1 61  ? 2.822   0.017   4.453   1.00 12.02 ? 61  ILE A CB    1 
ATOM   472 C  CG1   . ILE A 1 61  ? 3.913   -0.698  5.255   1.00 12.73 ? 61  ILE A CG1   1 
ATOM   473 C  CG2   . ILE A 1 61  ? 3.409   1.073   3.543   1.00 11.89 ? 61  ILE A CG2   1 
ATOM   474 C  CD1   . ILE A 1 61  ? 4.884   -1.479  4.378   1.00 12.37 ? 61  ILE A CD1   1 
ATOM   475 N  N     . LEU A 1 62  ? 2.475   1.512   7.586   1.00 13.37 ? 62  LEU A N     1 
ATOM   476 C  CA    . LEU A 1 62  ? 2.935   2.531   8.523   1.00 14.47 ? 62  LEU A CA    1 
ATOM   477 C  C     . LEU A 1 62  ? 4.389   2.404   8.971   1.00 15.33 ? 62  LEU A C     1 
ATOM   478 O  O     . LEU A 1 62  ? 4.875   1.309   9.251   1.00 15.47 ? 62  LEU A O     1 
ATOM   479 C  CB    . LEU A 1 62  ? 2.018   2.523   9.757   1.00 14.68 ? 62  LEU A CB    1 
ATOM   480 C  CG    . LEU A 1 62  ? 0.511   2.596   9.463   1.00 15.38 ? 62  LEU A CG    1 
ATOM   481 C  CD1   . LEU A 1 62  ? -0.268  2.603   10.771  1.00 16.09 ? 62  LEU A CD1   1 
ATOM   482 C  CD2   . LEU A 1 62  ? 0.193   3.850   8.664   1.00 15.93 ? 62  LEU A CD2   1 
ATOM   483 N  N     . SER A 1 63  ? 5.071   3.542   9.063   1.00 16.59 ? 63  SER A N     1 
ATOM   484 C  CA    . SER A 1 63  ? 6.472   3.554   9.471   1.00 18.29 ? 63  SER A CA    1 
ATOM   485 C  C     . SER A 1 63  ? 6.647   3.112   10.918  1.00 19.37 ? 63  SER A C     1 
ATOM   486 O  O     . SER A 1 63  ? 7.743   2.729   11.326  1.00 19.96 ? 63  SER A O     1 
ATOM   487 C  CB    . SER A 1 63  ? 7.065   4.949   9.281   1.00 18.58 ? 63  SER A CB    1 
ATOM   488 O  OG    . SER A 1 63  ? 6.347   5.910   10.031  1.00 19.99 ? 63  SER A OG    1 
ATOM   489 N  N     . SER A 1 64  ? 5.567   3.161   11.690  1.00 19.70 ? 64  SER A N     1 
ATOM   490 C  CA    . SER A 1 64  ? 5.619   2.758   13.092  1.00 21.10 ? 64  SER A CA    1 
ATOM   491 C  C     . SER A 1 64  ? 5.744   1.245   13.219  1.00 21.92 ? 64  SER A C     1 
ATOM   492 O  O     . SER A 1 64  ? 6.132   0.727   14.268  1.00 23.22 ? 64  SER A O     1 
ATOM   493 C  CB    . SER A 1 64  ? 4.355   3.215   13.818  1.00 20.95 ? 64  SER A CB    1 
ATOM   494 O  OG    . SER A 1 64  ? 3.214   2.584   13.270  1.00 20.84 ? 64  SER A OG    1 
ATOM   495 N  N     . GLY A 1 65  ? 5.401   0.534   12.149  1.00 22.08 ? 65  GLY A N     1 
ATOM   496 C  CA    . GLY A 1 65  ? 5.475   -0.912  12.176  1.00 22.19 ? 65  GLY A CA    1 
ATOM   497 C  C     . GLY A 1 65  ? 4.155   -1.542  12.574  1.00 22.32 ? 65  GLY A C     1 
ATOM   498 O  O     . GLY A 1 65  ? 4.000   -2.756  12.514  1.00 22.91 ? 65  GLY A O     1 
ATOM   499 N  N     . ASP A 1 66  ? 3.200   -0.720  12.992  1.00 21.91 ? 66  ASP A N     1 
ATOM   500 C  CA    . ASP A 1 66  ? 1.892   -1.224  13.383  1.00 22.24 ? 66  ASP A CA    1 
ATOM   501 C  C     . ASP A 1 66  ? 1.020   -1.401  12.148  1.00 21.18 ? 66  ASP A C     1 
ATOM   502 O  O     . ASP A 1 66  ? 1.324   -0.864  11.083  1.00 20.62 ? 66  ASP A O     1 
ATOM   503 C  CB    . ASP A 1 66  ? 1.207   -0.249  14.341  1.00 24.57 ? 66  ASP A CB    1 
ATOM   504 C  CG    . ASP A 1 66  ? 1.986   -0.045  15.624  1.00 27.00 ? 66  ASP A CG    1 
ATOM   505 O  OD1   . ASP A 1 66  ? 2.220   -1.035  16.345  1.00 29.32 ? 66  ASP A OD1   1 
ATOM   506 O  OD2   . ASP A 1 66  ? 2.363   1.109   15.915  1.00 29.82 ? 66  ASP A OD2   1 
ATOM   507 N  N     . VAL A 1 67  ? -0.059  -2.160  12.290  1.00 20.37 ? 67  VAL A N     1 
ATOM   508 C  CA    . VAL A 1 67  ? -0.979  -2.363  11.181  1.00 20.21 ? 67  VAL A CA    1 
ATOM   509 C  C     . VAL A 1 67  ? -2.001  -1.241  11.241  1.00 19.77 ? 67  VAL A C     1 
ATOM   510 O  O     . VAL A 1 67  ? -2.456  -0.862  12.323  1.00 19.81 ? 67  VAL A O     1 
ATOM   511 C  CB    . VAL A 1 67  ? -1.705  -3.719  11.276  1.00 20.20 ? 67  VAL A CB    1 
ATOM   512 C  CG1   . VAL A 1 67  ? -2.758  -3.822  10.187  1.00 21.24 ? 67  VAL A CG1   1 
ATOM   513 C  CG2   . VAL A 1 67  ? -0.700  -4.853  11.133  1.00 20.92 ? 67  VAL A CG2   1 
ATOM   514 N  N     . TYR A 1 68  ? -2.351  -0.703  10.079  1.00 19.12 ? 68  TYR A N     1 
ATOM   515 C  CA    . TYR A 1 68  ? -3.314  0.382   10.002  1.00 18.93 ? 68  TYR A CA    1 
ATOM   516 C  C     . TYR A 1 68  ? -4.654  -0.046  10.584  1.00 19.92 ? 68  TYR A C     1 
ATOM   517 O  O     . TYR A 1 68  ? -5.174  -1.110  10.248  1.00 19.89 ? 68  TYR A O     1 
ATOM   518 C  CB    . TYR A 1 68  ? -3.503  0.809   8.548   1.00 17.68 ? 68  TYR A CB    1 
ATOM   519 C  CG    . TYR A 1 68  ? -4.418  1.998   8.389   1.00 16.11 ? 68  TYR A CG    1 
ATOM   520 C  CD1   . TYR A 1 68  ? -4.040  3.260   8.857   1.00 15.65 ? 68  TYR A CD1   1 
ATOM   521 C  CD2   . TYR A 1 68  ? -5.667  1.864   7.784   1.00 15.44 ? 68  TYR A CD2   1 
ATOM   522 C  CE1   . TYR A 1 68  ? -4.884  4.356   8.727   1.00 15.07 ? 68  TYR A CE1   1 
ATOM   523 C  CE2   . TYR A 1 68  ? -6.519  2.956   7.649   1.00 14.97 ? 68  TYR A CE2   1 
ATOM   524 C  CZ    . TYR A 1 68  ? -6.120  4.196   8.124   1.00 15.35 ? 68  TYR A CZ    1 
ATOM   525 O  OH    . TYR A 1 68  ? -6.957  5.278   8.000   1.00 16.39 ? 68  TYR A OH    1 
ATOM   526 N  N     . SER A 1 69  ? -5.217  0.791   11.450  1.00 21.13 ? 69  SER A N     1 
ATOM   527 C  CA    . SER A 1 69  ? -6.501  0.485   12.074  1.00 22.53 ? 69  SER A CA    1 
ATOM   528 C  C     . SER A 1 69  ? -7.403  1.717   12.126  1.00 23.25 ? 69  SER A C     1 
ATOM   529 O  O     . SER A 1 69  ? -8.414  1.736   12.832  1.00 23.58 ? 69  SER A O     1 
ATOM   530 C  CB    . SER A 1 69  ? -6.267  -0.051  13.484  1.00 23.03 ? 69  SER A CB    1 
ATOM   531 O  OG    . SER A 1 69  ? -5.500  0.866   14.243  1.00 24.52 ? 69  SER A OG    1 
ATOM   532 N  N     . GLY A 1 70  ? -7.038  2.738   11.361  1.00 23.01 ? 70  GLY A N     1 
ATOM   533 C  CA    . GLY A 1 70  ? -7.807  3.967   11.337  1.00 22.89 ? 70  GLY A CA    1 
ATOM   534 C  C     . GLY A 1 70  ? -6.902  5.151   11.611  1.00 22.62 ? 70  GLY A C     1 
ATOM   535 O  O     . GLY A 1 70  ? -5.711  4.990   11.867  1.00 23.49 ? 70  GLY A O     1 
ATOM   536 N  N     . GLY A 1 71  ? -7.462  6.351   11.570  1.00 23.06 ? 71  GLY A N     1 
ATOM   537 C  CA    . GLY A 1 71  ? -6.645  7.523   11.808  1.00 22.06 ? 71  GLY A CA    1 
ATOM   538 C  C     . GLY A 1 71  ? -5.877  7.873   10.550  1.00 21.20 ? 71  GLY A C     1 
ATOM   539 O  O     . GLY A 1 71  ? -6.226  7.417   9.458   1.00 20.97 ? 71  GLY A O     1 
ATOM   540 N  N     . SER A 1 72  ? -4.821  8.666   10.693  1.00 20.36 ? 72  SER A N     1 
ATOM   541 C  CA    . SER A 1 72  ? -4.028  9.081   9.544   1.00 19.32 ? 72  SER A CA    1 
ATOM   542 C  C     . SER A 1 72  ? -3.263  7.926   8.900   1.00 18.16 ? 72  SER A C     1 
ATOM   543 O  O     . SER A 1 72  ? -2.516  7.217   9.565   1.00 18.25 ? 72  SER A O     1 
ATOM   544 C  CB    . SER A 1 72  ? -3.049  10.180  9.955   1.00 19.90 ? 72  SER A CB    1 
ATOM   545 O  OG    . SER A 1 72  ? -2.266  10.581  8.847   1.00 21.17 ? 72  SER A OG    1 
ATOM   546 N  N     . PRO A 1 73  ? -3.459  7.718   7.589   1.00 17.24 ? 73  PRO A N     1 
ATOM   547 C  CA    . PRO A 1 73  ? -2.806  6.654   6.817   1.00 16.26 ? 73  PRO A CA    1 
ATOM   548 C  C     . PRO A 1 73  ? -1.355  6.934   6.427   1.00 16.08 ? 73  PRO A C     1 
ATOM   549 O  O     . PRO A 1 73  ? -0.646  6.039   5.970   1.00 16.02 ? 73  PRO A O     1 
ATOM   550 C  CB    . PRO A 1 73  ? -3.697  6.553   5.586   1.00 16.31 ? 73  PRO A CB    1 
ATOM   551 C  CG    . PRO A 1 73  ? -3.981  8.005   5.332   1.00 16.30 ? 73  PRO A CG    1 
ATOM   552 C  CD    . PRO A 1 73  ? -4.416  8.442   6.730   1.00 16.64 ? 73  PRO A CD    1 
ATOM   553 N  N     . GLY A 1 74  ? -0.910  8.174   6.585   1.00 15.61 ? 74  GLY A N     1 
ATOM   554 C  CA    . GLY A 1 74  ? 0.455   8.480   6.194   1.00 14.89 ? 74  GLY A CA    1 
ATOM   555 C  C     . GLY A 1 74  ? 0.546   8.556   4.676   1.00 14.27 ? 74  GLY A C     1 
ATOM   556 O  O     . GLY A 1 74  ? -0.472  8.574   3.983   1.00 14.73 ? 74  GLY A O     1 
ATOM   557 N  N     . ALA A 1 75  ? 1.762   8.574   4.144   1.00 13.55 ? 75  ALA A N     1 
ATOM   558 C  CA    . ALA A 1 75  ? 1.942   8.688   2.701   1.00 13.20 ? 75  ALA A CA    1 
ATOM   559 C  C     . ALA A 1 75  ? 2.253   7.390   1.961   1.00 12.96 ? 75  ALA A C     1 
ATOM   560 O  O     . ALA A 1 75  ? 2.228   7.365   0.731   1.00 12.74 ? 75  ALA A O     1 
ATOM   561 C  CB    . ALA A 1 75  ? 3.044   9.708   2.414   1.00 13.96 ? 75  ALA A CB    1 
ATOM   562 N  N     . ASP A 1 76  ? 2.518   6.315   2.697   1.00 12.28 ? 76  ASP A N     1 
ATOM   563 C  CA    . ASP A 1 76  ? 2.893   5.052   2.065   1.00 12.09 ? 76  ASP A CA    1 
ATOM   564 C  C     . ASP A 1 76  ? 1.782   4.010   1.930   1.00 11.45 ? 76  ASP A C     1 
ATOM   565 O  O     . ASP A 1 76  ? 0.894   3.915   2.776   1.00 11.40 ? 76  ASP A O     1 
ATOM   566 C  CB    . ASP A 1 76  ? 4.078   4.442   2.818   1.00 12.18 ? 76  ASP A CB    1 
ATOM   567 C  CG    . ASP A 1 76  ? 5.161   5.463   3.118   1.00 13.17 ? 76  ASP A CG    1 
ATOM   568 O  OD1   . ASP A 1 76  ? 5.379   6.360   2.281   1.00 14.39 ? 76  ASP A OD1   1 
ATOM   569 O  OD2   . ASP A 1 76  ? 5.804   5.354   4.181   1.00 14.08 ? 76  ASP A OD2   1 
ATOM   570 N  N     . ARG A 1 77  ? 1.855   3.217   0.864   1.00 11.14 ? 77  ARG A N     1 
ATOM   571 C  CA    . ARG A 1 77  ? 0.843   2.194   0.603   1.00 11.66 ? 77  ARG A CA    1 
ATOM   572 C  C     . ARG A 1 77  ? 1.434   0.927   0.005   1.00 12.12 ? 77  ARG A C     1 
ATOM   573 O  O     . ARG A 1 77  ? 2.427   0.977   -0.717  1.00 12.41 ? 77  ARG A O     1 
ATOM   574 C  CB    . ARG A 1 77  ? -0.170  2.710   -0.427  1.00 12.56 ? 77  ARG A CB    1 
ATOM   575 C  CG    . ARG A 1 77  ? -0.787  4.064   -0.132  1.00 12.60 ? 77  ARG A CG    1 
ATOM   576 C  CD    . ARG A 1 77  ? -1.930  3.982   0.866   1.00 13.53 ? 77  ARG A CD    1 
ATOM   577 N  NE    . ARG A 1 77  ? -2.534  5.296   1.031   1.00 14.15 ? 77  ARG A NE    1 
ATOM   578 C  CZ    . ARG A 1 77  ? -2.071  6.249   1.835   1.00 15.12 ? 77  ARG A CZ    1 
ATOM   579 N  NH1   . ARG A 1 77  ? -0.986  6.042   2.576   1.00 14.33 ? 77  ARG A NH1   1 
ATOM   580 N  NH2   . ARG A 1 77  ? -2.675  7.430   1.866   1.00 15.35 ? 77  ARG A NH2   1 
ATOM   581 N  N     . VAL A 1 78  ? 0.825   -0.211  0.316   1.00 12.93 ? 78  VAL A N     1 
ATOM   582 C  CA    . VAL A 1 78  ? 1.226   -1.456  -0.318  1.00 13.32 ? 78  VAL A CA    1 
ATOM   583 C  C     . VAL A 1 78  ? 0.083   -1.687  -1.314  1.00 13.58 ? 78  VAL A C     1 
ATOM   584 O  O     . VAL A 1 78  ? -1.069  -1.348  -1.034  1.00 13.76 ? 78  VAL A O     1 
ATOM   585 C  CB    . VAL A 1 78  ? 1.310   -2.651  0.662   1.00 14.07 ? 78  VAL A CB    1 
ATOM   586 C  CG1   . VAL A 1 78  ? 2.436   -2.427  1.649   1.00 14.19 ? 78  VAL A CG1   1 
ATOM   587 C  CG2   . VAL A 1 78  ? -0.008  -2.846  1.379   1.00 14.92 ? 78  VAL A CG2   1 
ATOM   588 N  N     . VAL A 1 79  ? 0.406   -2.219  -2.486  1.00 12.94 ? 79  VAL A N     1 
ATOM   589 C  CA    . VAL A 1 79  ? -0.603  -2.491  -3.507  1.00 13.47 ? 79  VAL A CA    1 
ATOM   590 C  C     . VAL A 1 79  ? -0.616  -3.992  -3.752  1.00 13.80 ? 79  VAL A C     1 
ATOM   591 O  O     . VAL A 1 79  ? 0.424   -4.584  -4.017  1.00 15.10 ? 79  VAL A O     1 
ATOM   592 C  CB    . VAL A 1 79  ? -0.265  -1.765  -4.840  1.00 13.57 ? 79  VAL A CB    1 
ATOM   593 C  CG1   . VAL A 1 79  ? -1.350  -2.032  -5.877  1.00 12.77 ? 79  VAL A CG1   1 
ATOM   594 C  CG2   . VAL A 1 79  ? -0.124  -0.265  -4.602  1.00 13.80 ? 79  VAL A CG2   1 
ATOM   595 N  N     . PHE A 1 80  ? -1.789  -4.608  -3.643  1.00 14.11 ? 80  PHE A N     1 
ATOM   596 C  CA    . PHE A 1 80  ? -1.922  -6.047  -3.864  1.00 14.87 ? 80  PHE A CA    1 
ATOM   597 C  C     . PHE A 1 80  ? -3.082  -6.324  -4.809  1.00 15.21 ? 80  PHE A C     1 
ATOM   598 O  O     . PHE A 1 80  ? -3.906  -5.445  -5.050  1.00 14.87 ? 80  PHE A O     1 
ATOM   599 C  CB    . PHE A 1 80  ? -2.122  -6.767  -2.523  1.00 15.38 ? 80  PHE A CB    1 
ATOM   600 C  CG    . PHE A 1 80  ? -3.348  -6.329  -1.755  1.00 15.44 ? 80  PHE A CG    1 
ATOM   601 C  CD1   . PHE A 1 80  ? -4.611  -6.810  -2.086  1.00 15.58 ? 80  PHE A CD1   1 
ATOM   602 C  CD2   . PHE A 1 80  ? -3.233  -5.451  -0.681  1.00 16.19 ? 80  PHE A CD2   1 
ATOM   603 C  CE1   . PHE A 1 80  ? -5.741  -6.426  -1.356  1.00 15.94 ? 80  PHE A CE1   1 
ATOM   604 C  CE2   . PHE A 1 80  ? -4.357  -5.059  0.054   1.00 15.21 ? 80  PHE A CE2   1 
ATOM   605 C  CZ    . PHE A 1 80  ? -5.612  -5.547  -0.282  1.00 15.29 ? 80  PHE A CZ    1 
ATOM   606 N  N     . ASN A 1 81  ? -3.150  -7.533  -5.362  1.00 15.99 ? 81  ASN A N     1 
ATOM   607 C  CA    . ASN A 1 81  ? -4.241  -7.845  -6.277  1.00 17.40 ? 81  ASN A CA    1 
ATOM   608 C  C     . ASN A 1 81  ? -5.255  -8.815  -5.687  1.00 17.94 ? 81  ASN A C     1 
ATOM   609 O  O     . ASN A 1 81  ? -5.197  -9.158  -4.506  1.00 17.82 ? 81  ASN A O     1 
ATOM   610 C  CB    . ASN A 1 81  ? -3.721  -8.404  -7.612  1.00 17.82 ? 81  ASN A CB    1 
ATOM   611 C  CG    . ASN A 1 81  ? -3.045  -9.748  -7.465  1.00 17.85 ? 81  ASN A CG    1 
ATOM   612 O  OD1   . ASN A 1 81  ? -3.226  -10.444 -6.469  1.00 18.18 ? 81  ASN A OD1   1 
ATOM   613 N  ND2   . ASN A 1 81  ? -2.285  -10.136 -8.481  1.00 19.19 ? 81  ASN A ND2   1 
ATOM   614 N  N     . GLU A 1 82  ? -6.178  -9.259  -6.531  1.00 19.01 ? 82  GLU A N     1 
ATOM   615 C  CA    . GLU A 1 82  ? -7.240  -10.171 -6.125  1.00 20.00 ? 82  GLU A CA    1 
ATOM   616 C  C     . GLU A 1 82  ? -6.704  -11.526 -5.660  1.00 20.30 ? 82  GLU A C     1 
ATOM   617 O  O     . GLU A 1 82  ? -7.352  -12.222 -4.881  1.00 20.53 ? 82  GLU A O     1 
ATOM   618 C  CB    . GLU A 1 82  ? -8.204  -10.373 -7.296  1.00 21.27 ? 82  GLU A CB    1 
ATOM   619 C  CG    . GLU A 1 82  ? -9.594  -10.783 -6.874  1.00 23.82 ? 82  GLU A CG    1 
ATOM   620 C  CD    . GLU A 1 82  ? -10.276 -9.695  -6.066  1.00 24.73 ? 82  GLU A CD    1 
ATOM   621 O  OE1   . GLU A 1 82  ? -10.425 -8.576  -6.594  1.00 26.14 ? 82  GLU A OE1   1 
ATOM   622 O  OE2   . GLU A 1 82  ? -10.664 -9.954  -4.910  1.00 25.61 ? 82  GLU A OE2   1 
ATOM   623 N  N     . ASN A 1 83  ? -5.523  -11.893 -6.146  1.00 20.88 ? 83  ASN A N     1 
ATOM   624 C  CA    . ASN A 1 83  ? -4.885  -13.158 -5.797  1.00 21.32 ? 83  ASN A CA    1 
ATOM   625 C  C     . ASN A 1 83  ? -3.961  -13.014 -4.595  1.00 21.63 ? 83  ASN A C     1 
ATOM   626 O  O     . ASN A 1 83  ? -3.162  -13.905 -4.304  1.00 21.50 ? 83  ASN A O     1 
ATOM   627 C  CB    . ASN A 1 83  ? -4.078  -13.675 -6.986  1.00 22.69 ? 83  ASN A CB    1 
ATOM   628 C  CG    . ASN A 1 83  ? -4.949  -14.067 -8.158  1.00 24.07 ? 83  ASN A CG    1 
ATOM   629 O  OD1   . ASN A 1 83  ? -4.450  -14.352 -9.246  1.00 26.42 ? 83  ASN A OD1   1 
ATOM   630 N  ND2   . ASN A 1 83  ? -6.258  -14.099 -7.940  1.00 24.08 ? 83  ASN A ND2   1 
ATOM   631 N  N     . ASN A 1 84  ? -4.074  -11.887 -3.902  1.00 20.78 ? 84  ASN A N     1 
ATOM   632 C  CA    . ASN A 1 84  ? -3.247  -11.597 -2.738  1.00 21.14 ? 84  ASN A CA    1 
ATOM   633 C  C     . ASN A 1 84  ? -1.765  -11.639 -3.107  1.00 20.69 ? 84  ASN A C     1 
ATOM   634 O  O     . ASN A 1 84  ? -0.942  -12.185 -2.372  1.00 20.53 ? 84  ASN A O     1 
ATOM   635 C  CB    . ASN A 1 84  ? -3.518  -12.589 -1.604  1.00 22.39 ? 84  ASN A CB    1 
ATOM   636 C  CG    . ASN A 1 84  ? -2.941  -12.124 -0.275  1.00 24.04 ? 84  ASN A CG    1 
ATOM   637 O  OD1   . ASN A 1 84  ? -2.897  -12.878 0.696   1.00 26.91 ? 84  ASN A OD1   1 
ATOM   638 N  ND2   . ASN A 1 84  ? -2.521  -10.867 -0.220  1.00 23.52 ? 84  ASN A ND2   1 
ATOM   639 N  N     . GLN A 1 85  ? -1.437  -11.075 -4.261  1.00 20.47 ? 85  GLN A N     1 
ATOM   640 C  CA    . GLN A 1 85  ? -0.056  -11.003 -4.712  1.00 20.71 ? 85  GLN A CA    1 
ATOM   641 C  C     . GLN A 1 85  ? 0.381   -9.551  -4.553  1.00 19.97 ? 85  GLN A C     1 
ATOM   642 O  O     . GLN A 1 85  ? -0.398  -8.635  -4.815  1.00 19.96 ? 85  GLN A O     1 
ATOM   643 C  CB    . GLN A 1 85  ? 0.051   -11.417 -6.181  1.00 21.73 ? 85  GLN A CB    1 
ATOM   644 C  CG    . GLN A 1 85  ? -0.366  -12.852 -6.452  1.00 24.11 ? 85  GLN A CG    1 
ATOM   645 C  CD    . GLN A 1 85  ? -0.224  -13.228 -7.915  1.00 25.16 ? 85  GLN A CD    1 
ATOM   646 O  OE1   . GLN A 1 85  ? -0.873  -12.648 -8.788  1.00 26.59 ? 85  GLN A OE1   1 
ATOM   647 N  NE2   . GLN A 1 85  ? 0.636   -14.201 -8.192  1.00 26.45 ? 85  GLN A NE2   1 
ATOM   648 N  N     . LEU A 1 86  ? 1.616   -9.341  -4.110  1.00 19.31 ? 86  LEU A N     1 
ATOM   649 C  CA    . LEU A 1 86  ? 2.135   -7.987  -3.923  1.00 18.55 ? 86  LEU A CA    1 
ATOM   650 C  C     . LEU A 1 86  ? 2.538   -7.397  -5.265  1.00 18.05 ? 86  LEU A C     1 
ATOM   651 O  O     . LEU A 1 86  ? 3.341   -7.986  -5.988  1.00 18.60 ? 86  LEU A O     1 
ATOM   652 C  CB    . LEU A 1 86  ? 3.348   -8.007  -2.990  1.00 18.71 ? 86  LEU A CB    1 
ATOM   653 C  CG    . LEU A 1 86  ? 4.008   -6.661  -2.665  1.00 19.28 ? 86  LEU A CG    1 
ATOM   654 C  CD1   . LEU A 1 86  ? 3.029   -5.785  -1.912  1.00 19.26 ? 86  LEU A CD1   1 
ATOM   655 C  CD2   . LEU A 1 86  ? 5.262   -6.889  -1.824  1.00 20.02 ? 86  LEU A CD2   1 
ATOM   656 N  N     . ALA A 1 87  ? 1.979   -6.238  -5.601  1.00 17.06 ? 87  ALA A N     1 
ATOM   657 C  CA    . ALA A 1 87  ? 2.306   -5.580  -6.863  1.00 16.78 ? 87  ALA A CA    1 
ATOM   658 C  C     . ALA A 1 87  ? 3.471   -4.626  -6.627  1.00 16.74 ? 87  ALA A C     1 
ATOM   659 O  O     . ALA A 1 87  ? 4.382   -4.527  -7.449  1.00 17.32 ? 87  ALA A O     1 
ATOM   660 C  CB    . ALA A 1 87  ? 1.102   -4.816  -7.393  1.00 16.11 ? 87  ALA A CB    1 
ATOM   661 N  N     . GLY A 1 88  ? 3.440   -3.931  -5.496  1.00 16.43 ? 88  GLY A N     1 
ATOM   662 C  CA    . GLY A 1 88  ? 4.512   -3.006  -5.181  1.00 16.21 ? 88  GLY A CA    1 
ATOM   663 C  C     . GLY A 1 88  ? 4.211   -2.143  -3.975  1.00 15.73 ? 88  GLY A C     1 
ATOM   664 O  O     . GLY A 1 88  ? 3.149   -2.259  -3.358  1.00 15.61 ? 88  GLY A O     1 
ATOM   665 N  N     . VAL A 1 89  ? 5.163   -1.282  -3.634  1.00 14.93 ? 89  VAL A N     1 
ATOM   666 C  CA    . VAL A 1 89  ? 5.027   -0.362  -2.511  1.00 14.68 ? 89  VAL A CA    1 
ATOM   667 C  C     . VAL A 1 89  ? 5.201   1.030   -3.102  1.00 14.44 ? 89  VAL A C     1 
ATOM   668 O  O     . VAL A 1 89  ? 6.206   1.307   -3.774  1.00 14.52 ? 89  VAL A O     1 
ATOM   669 C  CB    . VAL A 1 89  ? 6.112   -0.607  -1.447  1.00 14.65 ? 89  VAL A CB    1 
ATOM   670 C  CG1   . VAL A 1 89  ? 5.901   0.325   -0.265  1.00 14.36 ? 89  VAL A CG1   1 
ATOM   671 C  CG2   . VAL A 1 89  ? 6.069   -2.058  -0.986  1.00 15.10 ? 89  VAL A CG2   1 
ATOM   672 N  N     . ILE A 1 90  ? 4.220   1.897   -2.865  1.00 13.60 ? 90  ILE A N     1 
ATOM   673 C  CA    . ILE A 1 90  ? 4.246   3.248   -3.415  1.00 13.22 ? 90  ILE A CA    1 
ATOM   674 C  C     . ILE A 1 90  ? 4.051   4.319   -2.342  1.00 13.25 ? 90  ILE A C     1 
ATOM   675 O  O     . ILE A 1 90  ? 3.656   4.024   -1.212  1.00 13.40 ? 90  ILE A O     1 
ATOM   676 C  CB    . ILE A 1 90  ? 3.159   3.403   -4.499  1.00 13.37 ? 90  ILE A CB    1 
ATOM   677 C  CG1   . ILE A 1 90  ? 1.774   3.175   -3.883  1.00 13.27 ? 90  ILE A CG1   1 
ATOM   678 C  CG2   . ILE A 1 90  ? 3.398   2.397   -5.617  1.00 14.42 ? 90  ILE A CG2   1 
ATOM   679 C  CD1   . ILE A 1 90  ? 0.621   3.327   -4.866  1.00 13.74 ? 90  ILE A CD1   1 
ATOM   680 N  N     . THR A 1 91  ? 4.324   5.568   -2.701  1.00 12.52 ? 91  THR A N     1 
ATOM   681 C  CA    . THR A 1 91  ? 4.211   6.658   -1.740  1.00 12.46 ? 91  THR A CA    1 
ATOM   682 C  C     . THR A 1 91  ? 3.878   8.006   -2.376  1.00 12.64 ? 91  THR A C     1 
ATOM   683 O  O     . THR A 1 91  ? 4.181   8.253   -3.551  1.00 12.00 ? 91  THR A O     1 
ATOM   684 C  CB    . THR A 1 91  ? 5.544   6.800   -0.949  1.00 12.21 ? 91  THR A CB    1 
ATOM   685 O  OG1   . THR A 1 91  ? 5.419   7.822   0.046   1.00 13.18 ? 91  THR A OG1   1 
ATOM   686 C  CG2   . THR A 1 91  ? 6.684   7.162   -1.895  1.00 12.72 ? 91  THR A CG2   1 
ATOM   687 N  N     . HIS A 1 92  ? 3.240   8.868   -1.589  1.00 12.91 ? 92  HIS A N     1 
ATOM   688 C  CA    . HIS A 1 92  ? 2.905   10.217  -2.030  1.00 13.63 ? 92  HIS A CA    1 
ATOM   689 C  C     . HIS A 1 92  ? 4.135   11.102  -1.823  1.00 13.82 ? 92  HIS A C     1 
ATOM   690 O  O     . HIS A 1 92  ? 4.241   12.181  -2.405  1.00 14.83 ? 92  HIS A O     1 
ATOM   691 C  CB    . HIS A 1 92  ? 1.744   10.798  -1.209  1.00 13.75 ? 92  HIS A CB    1 
ATOM   692 C  CG    . HIS A 1 92  ? 0.397   10.257  -1.577  1.00 15.00 ? 92  HIS A CG    1 
ATOM   693 N  ND1   . HIS A 1 92  ? -0.108  10.327  -2.857  1.00 14.69 ? 92  HIS A ND1   1 
ATOM   694 C  CD2   . HIS A 1 92  ? -0.581  9.706   -0.817  1.00 14.91 ? 92  HIS A CD2   1 
ATOM   695 C  CE1   . HIS A 1 92  ? -1.337  9.844   -2.873  1.00 16.76 ? 92  HIS A CE1   1 
ATOM   696 N  NE2   . HIS A 1 92  ? -1.649  9.460   -1.648  1.00 15.57 ? 92  HIS A NE2   1 
ATOM   697 N  N     . THR A 1 93  ? 5.064   10.642  -0.990  1.00 13.93 ? 93  THR A N     1 
ATOM   698 C  CA    . THR A 1 93  ? 6.273   11.409  -0.708  1.00 13.87 ? 93  THR A CA    1 
ATOM   699 C  C     . THR A 1 93  ? 7.125   11.594  -1.965  1.00 14.43 ? 93  THR A C     1 
ATOM   700 O  O     . THR A 1 93  ? 7.475   10.627  -2.644  1.00 14.47 ? 93  THR A O     1 
ATOM   701 C  CB    . THR A 1 93  ? 7.123   10.720  0.388   1.00 14.77 ? 93  THR A CB    1 
ATOM   702 O  OG1   . THR A 1 93  ? 6.335   10.571  1.575   1.00 14.46 ? 93  THR A OG1   1 
ATOM   703 C  CG2   . THR A 1 93  ? 8.358   11.552  0.713   1.00 15.17 ? 93  THR A CG2   1 
ATOM   704 N  N     . GLY A 1 94  ? 7.444   12.847  -2.274  1.00 14.24 ? 94  GLY A N     1 
ATOM   705 C  CA    . GLY A 1 94  ? 8.251   13.131  -3.447  1.00 14.89 ? 94  GLY A CA    1 
ATOM   706 C  C     . GLY A 1 94  ? 7.439   13.221  -4.726  1.00 14.72 ? 94  GLY A C     1 
ATOM   707 O  O     . GLY A 1 94  ? 7.999   13.397  -5.809  1.00 14.98 ? 94  GLY A O     1 
ATOM   708 N  N     . ALA A 1 95  ? 6.121   13.092  -4.603  1.00 14.79 ? 95  ALA A N     1 
ATOM   709 C  CA    . ALA A 1 95  ? 5.220   13.175  -5.749  1.00 15.60 ? 95  ALA A CA    1 
ATOM   710 C  C     . ALA A 1 95  ? 4.358   14.418  -5.579  1.00 16.73 ? 95  ALA A C     1 
ATOM   711 O  O     . ALA A 1 95  ? 4.007   14.793  -4.464  1.00 16.05 ? 95  ALA A O     1 
ATOM   712 C  CB    . ALA A 1 95  ? 4.332   11.928  -5.825  1.00 15.26 ? 95  ALA A CB    1 
ATOM   713 N  N     . SER A 1 96  ? 4.020   15.064  -6.685  1.00 18.03 ? 96  SER A N     1 
ATOM   714 C  CA    . SER A 1 96  ? 3.205   16.263  -6.612  1.00 20.08 ? 96  SER A CA    1 
ATOM   715 C  C     . SER A 1 96  ? 1.745   15.927  -6.339  1.00 20.47 ? 96  SER A C     1 
ATOM   716 O  O     . SER A 1 96  ? 1.235   14.911  -6.807  1.00 20.21 ? 96  SER A O     1 
ATOM   717 C  CB    . SER A 1 96  ? 3.317   17.051  -7.914  1.00 21.25 ? 96  SER A CB    1 
ATOM   718 O  OG    . SER A 1 96  ? 2.929   16.251  -9.017  1.00 24.49 ? 96  SER A OG    1 
ATOM   719 N  N     . GLY A 1 97  ? 1.086   16.788  -5.570  1.00 21.49 ? 97  GLY A N     1 
ATOM   720 C  CA    . GLY A 1 97  ? -0.316  16.589  -5.249  1.00 22.55 ? 97  GLY A CA    1 
ATOM   721 C  C     . GLY A 1 97  ? -0.632  15.235  -4.649  1.00 22.50 ? 97  GLY A C     1 
ATOM   722 O  O     . GLY A 1 97  ? 0.025   14.798  -3.704  1.00 23.26 ? 97  GLY A O     1 
ATOM   723 N  N     . ASN A 1 98  ? -1.644  14.573  -5.201  1.00 22.54 ? 98  ASN A N     1 
ATOM   724 C  CA    . ASN A 1 98  ? -2.060  13.257  -4.726  1.00 22.49 ? 98  ASN A CA    1 
ATOM   725 C  C     . ASN A 1 98  ? -1.506  12.126  -5.584  1.00 20.47 ? 98  ASN A C     1 
ATOM   726 O  O     . ASN A 1 98  ? -2.012  11.006  -5.547  1.00 19.71 ? 98  ASN A O     1 
ATOM   727 C  CB    . ASN A 1 98  ? -3.590  13.156  -4.692  1.00 24.94 ? 98  ASN A CB    1 
ATOM   728 C  CG    . ASN A 1 98  ? -4.217  14.065  -3.654  1.00 28.04 ? 98  ASN A CG    1 
ATOM   729 O  OD1   . ASN A 1 98  ? -5.441  14.096  -3.504  1.00 31.20 ? 98  ASN A OD1   1 
ATOM   730 N  ND2   . ASN A 1 98  ? -3.385  14.805  -2.927  1.00 29.70 ? 98  ASN A ND2   1 
ATOM   731 N  N     . ASN A 1 99  ? -0.475  12.422  -6.368  1.00 18.76 ? 99  ASN A N     1 
ATOM   732 C  CA    . ASN A 1 99  ? 0.140   11.404  -7.205  1.00 18.27 ? 99  ASN A CA    1 
ATOM   733 C  C     . ASN A 1 99  ? 1.013   10.486  -6.356  1.00 16.77 ? 99  ASN A C     1 
ATOM   734 O  O     . ASN A 1 99  ? 1.259   10.751  -5.177  1.00 16.31 ? 99  ASN A O     1 
ATOM   735 C  CB    . ASN A 1 99  ? 0.995   12.042  -8.302  1.00 20.22 ? 99  ASN A CB    1 
ATOM   736 C  CG    . ASN A 1 99  ? 0.163   12.770  -9.342  1.00 22.51 ? 99  ASN A CG    1 
ATOM   737 O  OD1   . ASN A 1 99  ? -0.721  12.182  -9.963  1.00 24.70 ? 99  ASN A OD1   1 
ATOM   738 N  ND2   . ASN A 1 99  ? 0.450   14.050  -9.544  1.00 23.64 ? 99  ASN A ND2   1 
ATOM   739 N  N     . PHE A 1 100 ? 1.480   9.411   -6.978  1.00 16.01 ? 100 PHE A N     1 
ATOM   740 C  CA    . PHE A 1 100 ? 2.330   8.418   -6.332  1.00 15.76 ? 100 PHE A CA    1 
ATOM   741 C  C     . PHE A 1 100 ? 3.602   8.163   -7.126  1.00 15.68 ? 100 PHE A C     1 
ATOM   742 O  O     . PHE A 1 100 ? 3.630   8.334   -8.341  1.00 16.19 ? 100 PHE A O     1 
ATOM   743 C  CB    . PHE A 1 100 ? 1.614   7.066   -6.257  1.00 15.93 ? 100 PHE A CB    1 
ATOM   744 C  CG    . PHE A 1 100 ? 0.579   6.964   -5.186  1.00 15.47 ? 100 PHE A CG    1 
ATOM   745 C  CD1   . PHE A 1 100 ? 0.948   6.875   -3.849  1.00 15.33 ? 100 PHE A CD1   1 
ATOM   746 C  CD2   . PHE A 1 100 ? -0.769  6.897   -5.516  1.00 15.14 ? 100 PHE A CD2   1 
ATOM   747 C  CE1   . PHE A 1 100 ? -0.009  6.710   -2.857  1.00 16.26 ? 100 PHE A CE1   1 
ATOM   748 C  CE2   . PHE A 1 100 ? -1.736  6.736   -4.528  1.00 16.05 ? 100 PHE A CE2   1 
ATOM   749 C  CZ    . PHE A 1 100 ? -1.355  6.640   -3.200  1.00 15.75 ? 100 PHE A CZ    1 
ATOM   750 N  N     . VAL A 1 101 ? 4.649   7.746   -6.422  1.00 15.43 ? 101 VAL A N     1 
ATOM   751 C  CA    . VAL A 1 101 ? 5.895   7.339   -7.053  1.00 15.99 ? 101 VAL A CA    1 
ATOM   752 C  C     . VAL A 1 101 ? 6.187   6.026   -6.344  1.00 16.39 ? 101 VAL A C     1 
ATOM   753 O  O     . VAL A 1 101 ? 5.674   5.790   -5.248  1.00 16.01 ? 101 VAL A O     1 
ATOM   754 C  CB    . VAL A 1 101 ? 7.066   8.335   -6.832  1.00 16.02 ? 101 VAL A CB    1 
ATOM   755 C  CG1   . VAL A 1 101 ? 6.776   9.641   -7.543  1.00 17.47 ? 101 VAL A CG1   1 
ATOM   756 C  CG2   . VAL A 1 101 ? 7.301   8.561   -5.351  1.00 16.70 ? 101 VAL A CG2   1 
ATOM   757 N  N     . GLU A 1 102 ? 6.970   5.154   -6.962  1.00 16.90 ? 102 GLU A N     1 
ATOM   758 C  CA    . GLU A 1 102 ? 7.280   3.886   -6.326  1.00 18.72 ? 102 GLU A CA    1 
ATOM   759 C  C     . GLU A 1 102 ? 8.378   4.035   -5.288  1.00 18.33 ? 102 GLU A C     1 
ATOM   760 O  O     . GLU A 1 102 ? 9.225   4.922   -5.384  1.00 18.33 ? 102 GLU A O     1 
ATOM   761 C  CB    . GLU A 1 102 ? 7.718   2.842   -7.358  1.00 20.62 ? 102 GLU A CB    1 
ATOM   762 C  CG    . GLU A 1 102 ? 6.611   2.364   -8.278  1.00 24.75 ? 102 GLU A CG    1 
ATOM   763 C  CD    . GLU A 1 102 ? 7.037   1.172   -9.122  1.00 27.25 ? 102 GLU A CD    1 
ATOM   764 O  OE1   . GLU A 1 102 ? 7.938   1.319   -9.972  1.00 28.87 ? 102 GLU A OE1   1 
ATOM   765 O  OE2   . GLU A 1 102 ? 6.473   0.076   -8.923  1.00 29.94 ? 102 GLU A OE2   1 
ATOM   766 N  N     . CYS A 1 103 ? 8.349   3.179   -4.278  1.00 18.39 ? 103 CYS A N     1 
ATOM   767 C  CA    . CYS A 1 103 ? 9.397   3.212   -3.278  1.00 18.92 ? 103 CYS A CA    1 
ATOM   768 C  C     . CYS A 1 103 ? 10.479  2.329   -3.874  1.00 20.89 ? 103 CYS A C     1 
ATOM   769 O  O     . CYS A 1 103 ? 10.178  1.326   -4.524  1.00 21.86 ? 103 CYS A O     1 
ATOM   770 C  CB    . CYS A 1 103 ? 8.900   2.665   -1.947  1.00 17.21 ? 103 CYS A CB    1 
ATOM   771 S  SG    . CYS A 1 103 ? 7.488   3.615   -1.303  1.00 14.56 ? 103 CYS A SG    1 
ATOM   772 N  N     . THR A 1 104 ? 11.734  2.707   -3.682  1.00 22.59 ? 104 THR A N     1 
ATOM   773 C  CA    . THR A 1 104 ? 12.825  1.942   -4.260  1.00 24.40 ? 104 THR A CA    1 
ATOM   774 C  C     . THR A 1 104 ? 13.651  1.187   -3.238  1.00 24.99 ? 104 THR A C     1 
ATOM   775 O  O     . THR A 1 104 ? 14.834  0.929   -3.535  1.00 26.62 ? 104 THR A O     1 
ATOM   776 C  CB    . THR A 1 104 ? 13.750  2.877   -5.046  1.00 25.46 ? 104 THR A CB    1 
ATOM   777 O  OG1   . THR A 1 104 ? 14.181  3.942   -4.188  1.00 27.36 ? 104 THR A OG1   1 
ATOM   778 C  CG2   . THR A 1 104 ? 13.016  3.461   -6.240  1.00 26.41 ? 104 THR A CG2   1 
ATOM   779 O  OXT   . THR A 1 104 ? 13.097  0.827   -2.184  1.00 25.43 ? 104 THR A OXT   1 
HETATM 780 SR SR    . SR  B 2 .   ? 10.010  -2.507  10.320  1.00 18.98 ? 105 SR  A SR    1 
HETATM 781 P  P     . 2GP C 3 .   ? -6.056  7.697   -2.074  1.00 27.15 ? 106 2GP A P     1 
HETATM 782 O  O1P   . 2GP C 3 .   ? -5.919  9.132   -1.734  1.00 27.92 ? 106 2GP A O1P   1 
HETATM 783 O  O2P   . 2GP C 3 .   ? -6.570  6.899   -0.940  1.00 28.81 ? 106 2GP A O2P   1 
HETATM 784 O  O3P   . 2GP C 3 .   ? -4.896  7.093   -2.744  1.00 28.59 ? 106 2GP A O3P   1 
HETATM 785 O  "O5'" . 2GP C 3 .   ? -5.917  10.827  -6.351  1.00 28.48 ? 106 2GP A "O5'" 1 
HETATM 786 C  "C5'" . 2GP C 3 .   ? -7.328  11.133  -6.362  1.00 27.49 ? 106 2GP A "C5'" 1 
HETATM 787 C  "C4'" . 2GP C 3 .   ? -8.286  10.071  -5.750  1.00 27.60 ? 106 2GP A "C4'" 1 
HETATM 788 O  "O4'" . 2GP C 3 .   ? -8.158  8.796   -6.419  1.00 26.64 ? 106 2GP A "O4'" 1 
HETATM 789 C  "C3'" . 2GP C 3 .   ? -7.991  9.778   -4.282  1.00 26.97 ? 106 2GP A "C3'" 1 
HETATM 790 O  "O3'" . 2GP C 3 .   ? -9.276  9.604   -3.635  1.00 28.51 ? 106 2GP A "O3'" 1 
HETATM 791 C  "C2'" . 2GP C 3 .   ? -7.163  8.472   -4.357  1.00 26.26 ? 106 2GP A "C2'" 1 
HETATM 792 O  "O2'" . 2GP C 3 .   ? -7.242  7.649   -3.167  1.00 27.59 ? 106 2GP A "O2'" 1 
HETATM 793 C  "C1'" . 2GP C 3 .   ? -7.770  7.744   -5.496  1.00 25.15 ? 106 2GP A "C1'" 1 
HETATM 794 N  N9    . 2GP C 3 .   ? -6.871  6.817   -6.266  1.00 22.55 ? 106 2GP A N9    1 
HETATM 795 C  C8    . 2GP C 3 .   ? -7.289  5.605   -6.724  1.00 22.01 ? 106 2GP A C8    1 
HETATM 796 N  N7    . 2GP C 3 .   ? -6.491  5.030   -7.572  1.00 20.42 ? 106 2GP A N7    1 
HETATM 797 C  C5    . 2GP C 3 .   ? -5.439  5.935   -7.683  1.00 19.63 ? 106 2GP A C5    1 
HETATM 798 C  C6    . 2GP C 3 .   ? -4.290  5.873   -8.498  1.00 18.38 ? 106 2GP A C6    1 
HETATM 799 O  O6    . 2GP C 3 .   ? -4.068  5.017   -9.340  1.00 19.12 ? 106 2GP A O6    1 
HETATM 800 N  N1    . 2GP C 3 .   ? -3.455  6.965   -8.359  1.00 16.96 ? 106 2GP A N1    1 
HETATM 801 C  C2    . 2GP C 3 .   ? -3.700  8.031   -7.529  1.00 17.31 ? 106 2GP A C2    1 
HETATM 802 N  N2    . 2GP C 3 .   ? -2.786  9.009   -7.554  1.00 17.44 ? 106 2GP A N2    1 
HETATM 803 N  N3    . 2GP C 3 .   ? -4.793  8.120   -6.757  1.00 18.77 ? 106 2GP A N3    1 
HETATM 804 C  C4    . 2GP C 3 .   ? -5.631  7.032   -6.882  1.00 20.12 ? 106 2GP A C4    1 
HETATM 805 O  O     . HOH D 4 .   ? 11.667  -0.992  9.144   1.00 17.06 ? 201 HOH A O     1 
HETATM 806 O  O     . HOH D 4 .   ? 12.055  -2.846  11.892  1.00 21.25 ? 202 HOH A O     1 
HETATM 807 O  O     . HOH D 4 .   ? 10.057  -0.459  11.986  1.00 29.43 ? 203 HOH A O     1 
HETATM 808 O  O     . HOH D 4 .   ? 8.898   -3.712  12.221  1.00 26.70 ? 204 HOH A O     1 
HETATM 809 O  O     . HOH D 4 .   ? 8.166   -0.742  9.737   1.00 17.40 ? 205 HOH A O     1 
HETATM 810 O  O     . HOH D 4 .   ? 13.357  -5.429  11.123  1.00 19.63 ? 206 HOH A O     1 
HETATM 811 O  O     . HOH D 4 .   ? 11.320  -4.703  9.683   1.00 21.08 ? 207 HOH A O     1 
HETATM 812 O  O     . HOH D 4 .   ? 8.389   -1.926  14.717  1.00 43.19 ? 208 HOH A O     1 
HETATM 813 O  O     . HOH D 4 .   ? 5.680   -1.212  8.566   1.00 17.92 ? 209 HOH A O     1 
HETATM 814 O  O     . HOH D 4 .   ? 1.843   -1.273  8.482   1.00 14.57 ? 210 HOH A O     1 
HETATM 815 O  O     . HOH D 4 .   ? 3.774   -3.338  8.253   1.00 15.14 ? 211 HOH A O     1 
HETATM 816 O  O     . HOH D 4 .   ? 5.398   -4.408  10.167  1.00 26.32 ? 212 HOH A O     1 
HETATM 817 O  O     . HOH D 4 .   ? -0.856  -1.569  7.640   1.00 15.05 ? 213 HOH A O     1 
HETATM 818 O  O     . HOH D 4 .   ? 6.097   -7.421  10.367  1.00 38.82 ? 214 HOH A O     1 
HETATM 819 O  O     . HOH D 4 .   ? 8.667   -6.785  9.977   1.00 26.42 ? 215 HOH A O     1 
HETATM 820 O  O     . HOH D 4 .   ? 9.316   10.059  4.044   1.00 23.69 ? 216 HOH A O     1 
HETATM 821 O  O     . HOH D 4 .   ? 11.995  -8.890  5.978   1.00 18.66 ? 217 HOH A O     1 
HETATM 822 O  O     . HOH D 4 .   ? 14.138  -8.816  4.008   1.00 32.34 ? 218 HOH A O     1 
HETATM 823 O  O     . HOH D 4 .   ? 18.045  -7.737  5.220   1.00 32.09 ? 219 HOH A O     1 
HETATM 824 O  O     . HOH D 4 .   ? 13.528  8.070   8.634   1.00 29.84 ? 220 HOH A O     1 
HETATM 825 O  O     . HOH D 4 .   ? 19.071  1.276   2.867   1.00 20.81 ? 221 HOH A O     1 
HETATM 826 O  O     . HOH D 4 .   ? 3.654   6.088   7.943   1.00 18.45 ? 222 HOH A O     1 
HETATM 827 O  O     . HOH D 4 .   ? 6.853   8.504   3.135   1.00 19.98 ? 223 HOH A O     1 
HETATM 828 O  O     . HOH D 4 .   ? 4.157   8.746   5.798   1.00 21.45 ? 224 HOH A O     1 
HETATM 829 O  O     . HOH D 4 .   ? -1.546  16.941  -1.155  1.00 44.18 ? 225 HOH A O     1 
HETATM 830 O  O     . HOH D 4 .   ? 15.472  0.303   -0.856  1.00 29.53 ? 226 HOH A O     1 
HETATM 831 O  O     . HOH D 4 .   ? 15.007  -4.542  4.858   1.00 21.92 ? 227 HOH A O     1 
HETATM 832 O  O     . HOH D 4 .   ? 16.990  -7.692  2.145   1.00 40.59 ? 228 HOH A O     1 
HETATM 833 O  O     . HOH D 4 .   ? 1.039   -11.547 3.111   1.00 37.92 ? 229 HOH A O     1 
HETATM 834 O  O     . HOH D 4 .   ? 2.930   -11.725 -3.031  1.00 38.93 ? 230 HOH A O     1 
HETATM 835 O  O     . HOH D 4 .   ? -13.044 -4.119  1.434   1.00 27.22 ? 231 HOH A O     1 
HETATM 836 O  O     . HOH D 4 .   ? -11.649 -3.843  -0.986  1.00 21.72 ? 232 HOH A O     1 
HETATM 837 O  O     . HOH D 4 .   ? -15.398 -2.807  0.815   1.00 35.59 ? 233 HOH A O     1 
HETATM 838 O  O     . HOH D 4 .   ? -16.653 -9.657  0.661   1.00 33.85 ? 234 HOH A O     1 
HETATM 839 O  O     . HOH D 4 .   ? -7.492  9.579   5.994   1.00 32.42 ? 235 HOH A O     1 
HETATM 840 O  O     . HOH D 4 .   ? -8.139  7.018   5.847   1.00 20.02 ? 236 HOH A O     1 
HETATM 841 O  O     . HOH D 4 .   ? -9.054  8.386   8.869   1.00 21.43 ? 237 HOH A O     1 
HETATM 842 O  O     . HOH D 4 .   ? -12.614 3.835   10.659  1.00 48.33 ? 238 HOH A O     1 
HETATM 843 O  O     . HOH D 4 .   ? -14.012 3.252   -1.996  1.00 37.01 ? 239 HOH A O     1 
HETATM 844 O  O     . HOH D 4 .   ? -13.508 1.611   0.000   1.00 44.09 ? 240 HOH A O     1 
HETATM 845 O  O     . HOH D 4 .   ? -12.884 0.435   -3.679  1.00 29.29 ? 241 HOH A O     1 
HETATM 846 O  O     . HOH D 4 .   ? -14.933 7.212   2.582   1.00 44.44 ? 242 HOH A O     1 
HETATM 847 O  O     . HOH D 4 .   ? -13.093 10.825  2.954   1.00 18.21 ? 243 HOH A O     1 
HETATM 848 O  O     . HOH D 4 .   ? -6.961  11.134  -0.207  1.00 40.34 ? 244 HOH A O     1 
HETATM 849 O  O     . HOH D 4 .   ? -4.167  9.557   0.160   1.00 36.99 ? 245 HOH A O     1 
HETATM 850 O  O     . HOH D 4 .   ? -2.406  10.121  2.314   1.00 36.71 ? 246 HOH A O     1 
HETATM 851 O  O     . HOH D 4 .   ? -5.340  10.919  3.493   1.00 30.11 ? 247 HOH A O     1 
HETATM 852 O  O     . HOH D 4 .   ? -7.129  -1.792  -10.486 1.00 20.96 ? 248 HOH A O     1 
HETATM 853 O  O     . HOH D 4 .   ? 4.750   -6.341  -9.490  1.00 26.46 ? 249 HOH A O     1 
HETATM 854 O  O     . HOH D 4 .   ? 6.688   -2.830  -8.794  1.00 40.56 ? 250 HOH A O     1 
HETATM 855 O  O     . HOH D 4 .   ? 7.464   -1.032  -5.327  1.00 32.29 ? 251 HOH A O     1 
HETATM 856 O  O     . HOH D 4 .   ? -1.053  -12.091 -11.390 1.00 33.75 ? 252 HOH A O     1 
HETATM 857 O  O     . HOH D 4 .   ? -5.901  -9.919  -9.380  1.00 45.57 ? 253 HOH A O     1 
HETATM 858 O  O     . HOH D 4 .   ? 4.237   -10.509 -6.334  1.00 41.08 ? 254 HOH A O     1 
HETATM 859 O  O     . HOH D 4 .   ? -3.764  -6.816  -15.679 1.00 46.79 ? 255 HOH A O     1 
HETATM 860 O  O     . HOH D 4 .   ? 2.035   5.521   5.644   1.00 13.74 ? 256 HOH A O     1 
HETATM 861 O  O     . HOH D 4 .   ? 11.300  3.771   8.930   1.00 38.58 ? 257 HOH A O     1 
HETATM 862 O  O     . HOH D 4 .   ? -0.240  -3.273  14.834  1.00 30.83 ? 258 HOH A O     1 
HETATM 863 O  O     . HOH D 4 .   ? -2.607  5.535   11.975  1.00 29.54 ? 259 HOH A O     1 
HETATM 864 O  O     . HOH D 4 .   ? -3.936  3.299   12.434  1.00 28.84 ? 260 HOH A O     1 
HETATM 865 O  O     . HOH D 4 .   ? 0.167   8.050   9.980   1.00 40.35 ? 261 HOH A O     1 
HETATM 866 O  O     . HOH D 4 .   ? 0.203   10.131  12.280  1.00 48.97 ? 262 HOH A O     1 
HETATM 867 O  O     . HOH D 4 .   ? -9.683  -15.012 -1.732  1.00 44.15 ? 263 HOH A O     1 
HETATM 868 O  O     . HOH D 4 .   ? -4.585  10.725  -3.398  1.00 29.87 ? 264 HOH A O     1 
HETATM 869 O  O     . HOH D 4 .   ? 15.002  -1.867  -2.879  1.00 33.89 ? 265 HOH A O     1 
HETATM 870 O  O     . HOH D 4 .   ? 19.927  -5.690  5.270   1.00 29.81 ? 266 HOH A O     1 
HETATM 871 O  O     . HOH D 4 .   ? 11.783  6.957   -1.945  1.00 39.17 ? 267 HOH A O     1 
HETATM 872 O  O     . HOH D 4 .   ? -4.845  -12.293 4.872   1.00 36.73 ? 268 HOH A O     1 
HETATM 873 O  O     . HOH D 4 .   ? -14.230 2.453   -4.578  1.00 47.71 ? 269 HOH A O     1 
HETATM 874 O  O     . HOH D 4 .   ? -14.129 3.169   6.704   1.00 30.43 ? 270 HOH A O     1 
HETATM 875 O  O     . HOH D 4 .   ? -13.399 8.877   9.843   1.00 42.22 ? 271 HOH A O     1 
HETATM 876 O  O     . HOH D 4 .   ? 4.995   14.403  -9.172  1.00 38.82 ? 272 HOH A O     1 
HETATM 877 O  O     . HOH D 4 .   ? -2.254  1.338   13.830  1.00 41.05 ? 273 HOH A O     1 
HETATM 878 O  O     . HOH D 4 .   ? 13.175  -5.656  14.000  1.00 30.91 ? 274 HOH A O     1 
HETATM 879 O  O     . HOH D 4 .   ? -13.205 -0.834  -0.575  1.00 38.51 ? 275 HOH A O     1 
HETATM 880 O  O     . HOH D 4 .   ? 6.578   -4.857  13.141  1.00 42.77 ? 276 HOH A O     1 
HETATM 881 O  O     . HOH D 4 .   ? 14.057  8.116   -0.793  1.00 39.22 ? 277 HOH A O     1 
HETATM 882 O  O     . HOH D 4 .   ? 19.413  -7.920  0.752   1.00 42.96 ? 278 HOH A O     1 
HETATM 883 O  O     . HOH D 4 .   ? 1.323   -1.980  -18.515 1.00 37.74 ? 279 HOH A O     1 
HETATM 884 O  O     . HOH D 4 .   ? -7.228  12.905  1.796   1.00 36.18 ? 280 HOH A O     1 
HETATM 885 O  O     . HOH D 4 .   ? -16.061 0.969   7.988   1.00 41.82 ? 281 HOH A O     1 
HETATM 886 O  O     . HOH D 4 .   ? 17.379  3.310   2.245   1.00 33.73 ? 282 HOH A O     1 
HETATM 887 O  O     . HOH D 4 .   ? -5.903  -1.370  -13.080 1.00 39.52 ? 283 HOH A O     1 
HETATM 888 O  O     . HOH D 4 .   ? 9.306   1.813   9.084   1.00 37.20 ? 284 HOH A O     1 
HETATM 889 O  O     . HOH D 4 .   ? -14.563 6.919   8.935   1.00 41.10 ? 285 HOH A O     1 
HETATM 890 O  O     . HOH D 4 .   ? 8.054   13.372  -8.569  1.00 37.91 ? 286 HOH A O     1 
HETATM 891 O  O     . HOH D 4 .   ? -12.177 -8.629  8.835   1.00 38.31 ? 287 HOH A O     1 
HETATM 892 O  O     . HOH D 4 .   ? -15.709 -2.019  8.235   1.00 38.47 ? 288 HOH A O     1 
HETATM 893 O  O     . HOH D 4 .   ? -17.874 -10.702 5.766   1.00 38.49 ? 289 HOH A O     1 
HETATM 894 O  O     . HOH D 4 .   ? 4.006   -10.706 -0.034  1.00 39.41 ? 290 HOH A O     1 
HETATM 895 O  O     . HOH D 4 .   ? 0.232   0.087   -16.729 1.00 38.56 ? 291 HOH A O     1 
HETATM 896 O  O     . HOH D 4 .   ? -0.325  -3.710  -17.458 1.00 40.06 ? 292 HOH A O     1 
HETATM 897 O  O     . HOH D 4 .   ? 17.042  -0.403  -4.024  1.00 41.90 ? 293 HOH A O     1 
HETATM 898 O  O     . HOH D 4 .   ? 0.546   3.507   14.209  1.00 38.39 ? 294 HOH A O     1 
HETATM 899 O  O     . HOH D 4 .   ? 22.468  -6.799  5.692   1.00 40.55 ? 295 HOH A O     1 
# 
